data_7KF3
#
_entry.id   7KF3
#
_cell.length_a   59.130
_cell.length_b   93.300
_cell.length_c   93.770
_cell.angle_alpha   89.060
_cell.angle_beta   78.910
_cell.angle_gamma   87.510
#
_symmetry.space_group_name_H-M   'P 1'
#
loop_
_entity.id
_entity.type
_entity.pdbx_description
1 polymer 'GDP-mannose 4,6-dehydratase'
2 non-polymer "GUANOSINE-5'-DIPHOSPHATE-RHAMNOSE"
3 non-polymer 'NADP NICOTINAMIDE-ADENINE-DINUCLEOTIDE PHOSPHATE'
4 water water
#
_entity_poly.entity_id   1
_entity_poly.type   'polypeptide(L)'
_entity_poly.pdbx_seq_one_letter_code
;MKKVALITGITGQDGAYLAELLLQKGYAVHGIKRRTSQFNTARIDHLYHDPHEQGVDLTLHHGDLTDTSSLVRIMQLVRP
DEVYNLGAQSHVAVSFEEPEYTANSDALGALRLLEAIRILGMEKQTRYYQASTSELYGLVQEIPQKETTPFYPRSPYAAA
KLYAYWITVNYREAYGIYACNGILFNHESPLRGETFVTRKITRALARIKIGNQNRLYLGNLDSLRDWGHARDYVEMQWLM
LQQDQPEDFVIATGKQYSVREFVTLAAKDIGIEMRWEGSGEAEKGYDAKTGACIVEVDPRYFRPAEVETLLGDATKAHQK
LGWKPKISFETLVSEMIAEDLAAAARENLLREHGHQFFAPKEGHHHHHH
;
_entity_poly.pdbx_strand_id   A,B,C,D
#
# COMPACT_ATOMS: atom_id res chain seq x y z
N MET A 1 -37.86 3.31 -5.68
CA MET A 1 -37.50 2.19 -6.54
C MET A 1 -36.76 1.12 -5.73
N LYS A 2 -36.21 0.12 -6.43
CA LYS A 2 -35.49 -0.95 -5.75
C LYS A 2 -34.25 -0.46 -5.01
N LYS A 3 -34.21 -0.74 -3.71
CA LYS A 3 -33.06 -0.37 -2.89
C LYS A 3 -31.84 -1.21 -3.25
N VAL A 4 -30.67 -0.56 -3.31
CA VAL A 4 -29.42 -1.21 -3.67
C VAL A 4 -28.51 -1.26 -2.45
N ALA A 5 -28.02 -2.45 -2.12
CA ALA A 5 -27.09 -2.60 -1.01
C ALA A 5 -25.77 -3.15 -1.50
N LEU A 6 -24.68 -2.60 -0.97
CA LEU A 6 -23.34 -3.08 -1.27
C LEU A 6 -22.75 -3.64 0.02
N ILE A 7 -22.34 -4.91 -0.01
CA ILE A 7 -21.89 -5.63 1.17
C ILE A 7 -20.47 -6.09 0.90
N THR A 8 -19.51 -5.52 1.63
CA THR A 8 -18.17 -6.11 1.69
C THR A 8 -18.20 -7.26 2.68
N GLY A 9 -17.32 -8.23 2.47
CA GLY A 9 -17.36 -9.40 3.33
C GLY A 9 -18.58 -10.26 3.12
N ILE A 10 -19.16 -10.23 1.92
CA ILE A 10 -20.38 -10.97 1.67
C ILE A 10 -20.18 -12.48 1.78
N THR A 11 -18.95 -12.99 1.61
CA THR A 11 -18.74 -14.44 1.77
C THR A 11 -18.56 -14.87 3.22
N GLY A 12 -18.42 -13.94 4.16
CA GLY A 12 -18.26 -14.26 5.56
C GLY A 12 -19.59 -14.58 6.24
N GLN A 13 -19.50 -14.83 7.55
CA GLN A 13 -20.71 -15.19 8.31
C GLN A 13 -21.78 -14.10 8.25
N ASP A 14 -21.43 -12.86 8.64
CA ASP A 14 -22.46 -11.82 8.68
C ASP A 14 -22.94 -11.48 7.28
N GLY A 15 -22.02 -11.40 6.33
CA GLY A 15 -22.41 -11.08 4.96
C GLY A 15 -23.40 -12.06 4.40
N ALA A 16 -23.21 -13.36 4.68
CA ALA A 16 -24.17 -14.35 4.24
C ALA A 16 -25.56 -14.10 4.82
N TYR A 17 -25.66 -13.95 6.14
CA TYR A 17 -26.97 -13.73 6.76
C TYR A 17 -27.57 -12.40 6.33
N LEU A 18 -26.74 -11.37 6.14
CA LEU A 18 -27.26 -10.08 5.76
C LEU A 18 -27.77 -10.08 4.33
N ALA A 19 -27.02 -10.70 3.41
CA ALA A 19 -27.48 -10.83 2.04
C ALA A 19 -28.84 -11.50 1.97
N GLU A 20 -29.02 -12.59 2.72
CA GLU A 20 -30.31 -13.28 2.76
C GLU A 20 -31.41 -12.33 3.22
N LEU A 21 -31.17 -11.59 4.30
CA LEU A 21 -32.17 -10.67 4.84
C LEU A 21 -32.54 -9.60 3.82
N LEU A 22 -31.55 -9.04 3.13
CA LEU A 22 -31.84 -7.95 2.21
C LEU A 22 -32.50 -8.46 0.94
N LEU A 23 -32.11 -9.66 0.47
CA LEU A 23 -32.83 -10.28 -0.62
C LEU A 23 -34.30 -10.46 -0.28
N GLN A 24 -34.58 -10.97 0.93
CA GLN A 24 -35.97 -11.18 1.35
C GLN A 24 -36.72 -9.86 1.51
N LYS A 25 -36.01 -8.76 1.82
CA LYS A 25 -36.63 -7.45 1.89
C LYS A 25 -36.72 -6.76 0.53
N GLY A 26 -36.33 -7.44 -0.55
CA GLY A 26 -36.50 -6.93 -1.89
C GLY A 26 -35.34 -6.12 -2.44
N TYR A 27 -34.18 -6.13 -1.79
CA TYR A 27 -33.05 -5.34 -2.28
C TYR A 27 -32.46 -5.94 -3.56
N ALA A 28 -31.79 -5.08 -4.32
CA ALA A 28 -30.79 -5.54 -5.26
C ALA A 28 -29.47 -5.56 -4.50
N VAL A 29 -28.96 -6.77 -4.25
CA VAL A 29 -27.82 -6.97 -3.36
C VAL A 29 -26.55 -7.15 -4.19
N HIS A 30 -25.52 -6.38 -3.86
CA HIS A 30 -24.21 -6.52 -4.45
C HIS A 30 -23.19 -6.83 -3.38
N GLY A 31 -22.29 -7.76 -3.67
CA GLY A 31 -21.22 -8.12 -2.75
C GLY A 31 -19.86 -7.91 -3.36
N ILE A 32 -18.91 -7.49 -2.53
CA ILE A 32 -17.50 -7.47 -2.92
C ILE A 32 -16.87 -8.77 -2.47
N LYS A 33 -16.40 -9.55 -3.43
CA LYS A 33 -15.78 -10.84 -3.19
C LYS A 33 -14.32 -10.76 -3.59
N ARG A 34 -13.44 -11.33 -2.76
CA ARG A 34 -12.03 -11.43 -3.11
C ARG A 34 -11.82 -12.47 -4.20
N ARG A 35 -10.90 -12.18 -5.11
CA ARG A 35 -10.40 -13.23 -5.98
C ARG A 35 -9.83 -14.36 -5.14
N THR A 36 -10.23 -15.59 -5.45
CA THR A 36 -9.75 -16.76 -4.73
C THR A 36 -9.42 -17.86 -5.72
N SER A 37 -8.41 -18.67 -5.37
CA SER A 37 -7.96 -19.71 -6.28
C SER A 37 -8.96 -20.86 -6.38
N GLN A 38 -9.99 -20.87 -5.55
CA GLN A 38 -11.08 -21.83 -5.58
C GLN A 38 -12.37 -21.07 -5.30
N PHE A 39 -13.50 -21.74 -5.51
CA PHE A 39 -14.77 -21.21 -5.04
C PHE A 39 -14.71 -20.95 -3.54
N ASN A 40 -15.17 -19.76 -3.12
CA ASN A 40 -15.22 -19.41 -1.70
C ASN A 40 -16.60 -18.89 -1.31
N THR A 41 -17.64 -19.29 -2.04
CA THR A 41 -18.99 -18.78 -1.84
C THR A 41 -19.90 -19.77 -1.14
N ALA A 42 -19.33 -20.72 -0.38
CA ALA A 42 -20.12 -21.80 0.21
C ALA A 42 -21.21 -21.29 1.14
N ARG A 43 -21.01 -20.13 1.78
CA ARG A 43 -22.01 -19.61 2.69
C ARG A 43 -23.24 -19.05 2.00
N ILE A 44 -23.14 -18.72 0.70
CA ILE A 44 -24.21 -18.01 0.01
C ILE A 44 -24.68 -18.73 -1.25
N ASP A 45 -24.06 -19.85 -1.61
CA ASP A 45 -24.45 -20.55 -2.83
C ASP A 45 -25.94 -20.88 -2.80
N HIS A 46 -26.47 -21.25 -1.62
CA HIS A 46 -27.88 -21.56 -1.48
C HIS A 46 -28.78 -20.38 -1.86
N LEU A 47 -28.25 -19.15 -1.83
CA LEU A 47 -29.07 -18.00 -2.16
C LEU A 47 -29.44 -17.96 -3.62
N TYR A 48 -28.69 -18.65 -4.48
CA TYR A 48 -29.02 -18.73 -5.90
C TYR A 48 -30.05 -19.81 -6.22
N HIS A 49 -30.55 -20.54 -5.22
CA HIS A 49 -31.59 -21.53 -5.46
C HIS A 49 -32.90 -20.83 -5.82
N ASP A 50 -33.41 -21.11 -7.01
CA ASP A 50 -34.56 -20.39 -7.57
C ASP A 50 -35.50 -21.37 -8.26
N PRO A 51 -36.30 -22.10 -7.47
CA PRO A 51 -37.16 -23.12 -8.09
C PRO A 51 -38.32 -22.54 -8.87
N HIS A 52 -38.95 -21.48 -8.35
CA HIS A 52 -40.06 -20.82 -9.02
C HIS A 52 -39.62 -19.98 -10.22
N GLU A 53 -38.32 -19.91 -10.51
CA GLU A 53 -37.80 -19.04 -11.57
C GLU A 53 -38.16 -17.58 -11.32
N GLN A 54 -38.24 -17.19 -10.04
CA GLN A 54 -38.60 -15.83 -9.68
C GLN A 54 -37.47 -14.84 -9.95
N GLY A 55 -36.23 -15.28 -9.85
CA GLY A 55 -35.08 -14.41 -10.04
C GLY A 55 -34.40 -14.14 -8.71
N VAL A 56 -33.08 -14.07 -8.73
CA VAL A 56 -32.27 -13.75 -7.55
C VAL A 56 -31.41 -12.55 -7.89
N ASP A 57 -31.68 -11.42 -7.22
CA ASP A 57 -30.98 -10.16 -7.46
C ASP A 57 -29.73 -10.07 -6.57
N LEU A 58 -28.79 -10.98 -6.83
CA LEU A 58 -27.53 -11.06 -6.08
C LEU A 58 -26.37 -10.96 -7.06
N THR A 59 -25.54 -9.94 -6.91
CA THR A 59 -24.43 -9.73 -7.83
C THR A 59 -23.11 -9.65 -7.06
N LEU A 60 -22.13 -10.43 -7.50
CA LEU A 60 -20.80 -10.45 -6.89
C LEU A 60 -19.80 -9.70 -7.75
N HIS A 61 -18.95 -8.90 -7.11
CA HIS A 61 -17.91 -8.10 -7.77
C HIS A 61 -16.54 -8.42 -7.18
N HIS A 62 -15.51 -8.47 -8.03
CA HIS A 62 -14.17 -8.67 -7.52
C HIS A 62 -13.58 -7.34 -7.05
N GLY A 63 -12.99 -7.37 -5.85
CA GLY A 63 -12.38 -6.20 -5.26
C GLY A 63 -11.63 -6.62 -4.03
N ASP A 64 -10.95 -5.65 -3.41
CA ASP A 64 -10.22 -5.93 -2.19
C ASP A 64 -10.16 -4.67 -1.35
N LEU A 65 -10.30 -4.85 -0.03
CA LEU A 65 -10.28 -3.71 0.87
C LEU A 65 -8.93 -3.01 0.89
N THR A 66 -7.88 -3.68 0.44
CA THR A 66 -6.57 -3.04 0.32
C THR A 66 -6.40 -2.26 -0.98
N ASP A 67 -7.40 -2.27 -1.87
CA ASP A 67 -7.27 -1.76 -3.23
C ASP A 67 -8.30 -0.65 -3.40
N THR A 68 -7.84 0.60 -3.33
CA THR A 68 -8.74 1.73 -3.47
C THR A 68 -9.34 1.78 -4.86
N SER A 69 -8.55 1.48 -5.89
CA SER A 69 -9.10 1.47 -7.24
C SER A 69 -10.28 0.52 -7.34
N SER A 70 -10.14 -0.69 -6.79
CA SER A 70 -11.23 -1.65 -6.95
C SER A 70 -12.47 -1.20 -6.18
N LEU A 71 -12.28 -0.58 -5.02
CA LEU A 71 -13.41 -0.15 -4.23
C LEU A 71 -14.14 1.01 -4.88
N VAL A 72 -13.40 1.99 -5.39
CA VAL A 72 -14.03 3.12 -6.07
C VAL A 72 -14.73 2.65 -7.33
N ARG A 73 -14.10 1.74 -8.08
CA ARG A 73 -14.75 1.16 -9.25
C ARG A 73 -16.10 0.55 -8.90
N ILE A 74 -16.14 -0.28 -7.85
CA ILE A 74 -17.38 -0.98 -7.53
C ILE A 74 -18.42 0.00 -7.00
N MET A 75 -18.00 0.92 -6.14
CA MET A 75 -18.91 1.96 -5.66
C MET A 75 -19.49 2.74 -6.83
N GLN A 76 -18.65 3.08 -7.81
CA GLN A 76 -19.12 3.82 -8.97
C GLN A 76 -20.06 3.00 -9.82
N LEU A 77 -19.72 1.73 -10.02
CA LEU A 77 -20.57 0.87 -10.83
C LEU A 77 -21.92 0.65 -10.17
N VAL A 78 -21.93 0.38 -8.87
CA VAL A 78 -23.13 -0.07 -8.19
C VAL A 78 -24.02 1.09 -7.76
N ARG A 79 -23.43 2.21 -7.37
CA ARG A 79 -24.17 3.37 -6.88
C ARG A 79 -25.17 2.99 -5.79
N PRO A 80 -24.71 2.40 -4.69
CA PRO A 80 -25.65 1.85 -3.72
C PRO A 80 -26.27 2.90 -2.81
N ASP A 81 -27.47 2.58 -2.33
CA ASP A 81 -28.09 3.36 -1.27
C ASP A 81 -27.53 3.00 0.09
N GLU A 82 -27.10 1.77 0.27
CA GLU A 82 -26.58 1.30 1.54
C GLU A 82 -25.30 0.50 1.33
N VAL A 83 -24.28 0.85 2.11
CA VAL A 83 -22.98 0.19 2.12
C VAL A 83 -22.80 -0.45 3.49
N TYR A 84 -22.50 -1.75 3.52
CA TYR A 84 -22.25 -2.46 4.77
C TYR A 84 -20.82 -2.98 4.75
N ASN A 85 -19.95 -2.35 5.53
CA ASN A 85 -18.54 -2.76 5.55
C ASN A 85 -18.36 -3.87 6.57
N LEU A 86 -18.65 -5.10 6.14
CA LEU A 86 -18.44 -6.28 6.97
C LEU A 86 -17.13 -6.98 6.66
N GLY A 87 -16.50 -6.70 5.52
CA GLY A 87 -15.22 -7.30 5.15
C GLY A 87 -14.11 -6.94 6.11
N ALA A 88 -13.32 -7.93 6.52
CA ALA A 88 -12.21 -7.69 7.42
C ALA A 88 -11.38 -8.95 7.52
N GLN A 89 -10.08 -8.76 7.77
CA GLN A 89 -9.29 -9.79 8.42
C GLN A 89 -9.78 -9.84 9.86
N SER A 90 -10.68 -10.76 10.18
CA SER A 90 -11.48 -10.59 11.38
C SER A 90 -11.00 -11.41 12.58
N HIS A 91 -9.92 -12.18 12.44
CA HIS A 91 -9.45 -13.09 13.49
C HIS A 91 -8.42 -12.37 14.35
N VAL A 92 -8.67 -12.33 15.67
CA VAL A 92 -7.79 -11.57 16.56
C VAL A 92 -6.41 -12.22 16.65
N ALA A 93 -6.36 -13.55 16.78
CA ALA A 93 -5.06 -14.22 16.88
C ALA A 93 -4.23 -13.98 15.63
N VAL A 94 -4.86 -14.04 14.46
CA VAL A 94 -4.11 -13.84 13.22
C VAL A 94 -3.57 -12.41 13.14
N SER A 95 -4.29 -11.43 13.70
CA SER A 95 -3.81 -10.05 13.61
C SER A 95 -2.46 -9.84 14.28
N PHE A 96 -2.06 -10.72 15.21
CA PHE A 96 -0.70 -10.63 15.75
C PHE A 96 0.34 -11.10 14.74
N GLU A 97 -0.03 -11.99 13.82
CA GLU A 97 0.88 -12.50 12.79
C GLU A 97 0.88 -11.62 11.53
N GLU A 98 -0.24 -10.99 11.19
CA GLU A 98 -0.38 -10.10 10.04
C GLU A 98 -0.90 -8.73 10.49
N PRO A 99 -0.20 -8.04 11.40
CA PRO A 99 -0.72 -6.73 11.83
C PRO A 99 -0.84 -5.71 10.71
N GLU A 100 0.15 -5.65 9.80
CA GLU A 100 0.10 -4.64 8.74
C GLU A 100 -1.04 -4.91 7.76
N TYR A 101 -1.12 -6.15 7.26
CA TYR A 101 -2.24 -6.51 6.40
C TYR A 101 -3.57 -6.26 7.09
N THR A 102 -3.66 -6.60 8.39
CA THR A 102 -4.89 -6.38 9.13
C THR A 102 -5.24 -4.89 9.23
N ALA A 103 -4.24 -4.05 9.51
CA ALA A 103 -4.49 -2.61 9.53
C ALA A 103 -4.91 -2.12 8.16
N ASN A 104 -4.26 -2.61 7.12
CA ASN A 104 -4.57 -2.15 5.77
C ASN A 104 -6.00 -2.53 5.40
N SER A 105 -6.42 -3.75 5.75
CA SER A 105 -7.77 -4.20 5.44
C SER A 105 -8.81 -3.57 6.35
N ASP A 106 -8.59 -3.63 7.66
CA ASP A 106 -9.66 -3.30 8.59
C ASP A 106 -9.72 -1.82 8.90
N ALA A 107 -8.60 -1.11 8.89
CA ALA A 107 -8.64 0.31 9.19
C ALA A 107 -8.73 1.12 7.91
N LEU A 108 -7.75 0.99 7.02
CA LEU A 108 -7.79 1.81 5.81
C LEU A 108 -8.92 1.38 4.87
N GLY A 109 -9.37 0.11 4.95
CA GLY A 109 -10.48 -0.33 4.12
C GLY A 109 -11.73 0.52 4.29
N ALA A 110 -12.07 0.84 5.55
CA ALA A 110 -13.23 1.68 5.83
C ALA A 110 -13.05 3.09 5.28
N LEU A 111 -11.87 3.66 5.48
CA LEU A 111 -11.59 4.98 4.92
C LEU A 111 -11.82 4.97 3.42
N ARG A 112 -11.32 3.93 2.73
CA ARG A 112 -11.43 3.90 1.28
C ARG A 112 -12.89 3.95 0.84
N LEU A 113 -13.77 3.23 1.54
CA LEU A 113 -15.18 3.25 1.21
C LEU A 113 -15.79 4.61 1.52
N LEU A 114 -15.50 5.16 2.70
CA LEU A 114 -16.05 6.47 3.03
C LEU A 114 -15.49 7.55 2.10
N GLU A 115 -14.20 7.49 1.78
CA GLU A 115 -13.63 8.47 0.88
C GLU A 115 -14.17 8.29 -0.54
N ALA A 116 -14.49 7.06 -0.92
CA ALA A 116 -15.13 6.83 -2.22
C ALA A 116 -16.51 7.48 -2.28
N ILE A 117 -17.31 7.34 -1.21
CA ILE A 117 -18.62 8.00 -1.18
C ILE A 117 -18.45 9.50 -1.33
N ARG A 118 -17.46 10.09 -0.66
CA ARG A 118 -17.26 11.54 -0.77
C ARG A 118 -16.77 11.92 -2.17
N ILE A 119 -15.76 11.21 -2.69
CA ILE A 119 -15.22 11.58 -4.00
C ILE A 119 -16.29 11.47 -5.07
N LEU A 120 -17.16 10.46 -4.97
CA LEU A 120 -18.16 10.23 -6.01
C LEU A 120 -19.41 11.08 -5.82
N GLY A 121 -19.44 11.96 -4.84
CA GLY A 121 -20.57 12.84 -4.64
C GLY A 121 -21.81 12.13 -4.19
N MET A 122 -21.67 11.13 -3.33
CA MET A 122 -22.77 10.29 -2.87
C MET A 122 -23.14 10.57 -1.43
N GLU A 123 -22.73 11.73 -0.90
CA GLU A 123 -22.90 11.99 0.52
C GLU A 123 -24.36 12.01 0.94
N LYS A 124 -25.27 12.42 0.05
CA LYS A 124 -26.68 12.50 0.36
C LYS A 124 -27.46 11.30 -0.15
N GLN A 125 -26.81 10.35 -0.81
CA GLN A 125 -27.47 9.18 -1.38
C GLN A 125 -27.18 7.89 -0.64
N THR A 126 -26.02 7.76 -0.01
CA THR A 126 -25.50 6.48 0.47
C THR A 126 -25.38 6.50 1.98
N ARG A 127 -25.96 5.51 2.65
CA ARG A 127 -25.78 5.34 4.09
C ARG A 127 -24.76 4.22 4.32
N TYR A 128 -23.92 4.39 5.34
CA TYR A 128 -22.73 3.57 5.55
C TYR A 128 -22.74 2.97 6.94
N TYR A 129 -22.57 1.65 7.01
CA TYR A 129 -22.48 0.92 8.27
C TYR A 129 -21.06 0.39 8.44
N GLN A 130 -20.47 0.66 9.61
CA GLN A 130 -19.15 0.12 9.94
C GLN A 130 -19.27 -1.01 10.96
N ALA A 131 -18.70 -2.16 10.63
CA ALA A 131 -18.70 -3.32 11.52
C ALA A 131 -17.66 -3.09 12.62
N SER A 132 -18.01 -2.20 13.55
CA SER A 132 -17.30 -2.08 14.82
C SER A 132 -17.65 -3.24 15.74
N THR A 133 -17.05 -3.24 16.93
CA THR A 133 -16.95 -4.50 17.66
C THR A 133 -16.67 -4.20 19.12
N SER A 134 -17.09 -5.13 19.98
CA SER A 134 -16.74 -5.05 21.39
C SER A 134 -15.26 -5.25 21.65
N GLU A 135 -14.49 -5.73 20.66
CA GLU A 135 -13.04 -5.80 20.84
C GLU A 135 -12.42 -4.44 21.10
N LEU A 136 -13.14 -3.36 20.76
CA LEU A 136 -12.63 -2.01 21.06
C LEU A 136 -12.44 -1.80 22.55
N TYR A 137 -13.25 -2.48 23.38
CA TYR A 137 -13.18 -2.31 24.82
C TYR A 137 -12.00 -3.04 25.45
N GLY A 138 -11.52 -4.12 24.81
CA GLY A 138 -10.30 -4.82 25.23
C GLY A 138 -10.12 -5.01 26.72
N LEU A 139 -9.15 -4.33 27.30
CA LEU A 139 -9.00 -4.33 28.75
C LEU A 139 -10.10 -3.44 29.34
N VAL A 140 -11.23 -4.04 29.71
CA VAL A 140 -12.47 -3.28 29.86
C VAL A 140 -12.34 -2.26 30.98
N GLN A 141 -12.78 -1.03 30.69
CA GLN A 141 -12.72 0.08 31.62
C GLN A 141 -14.01 0.27 32.41
N GLU A 142 -15.11 -0.31 31.94
CA GLU A 142 -16.35 -0.42 32.70
C GLU A 142 -16.91 -1.81 32.49
N ILE A 143 -17.65 -2.29 33.50
CA ILE A 143 -18.42 -3.52 33.39
C ILE A 143 -19.85 -3.20 33.84
N PRO A 144 -20.86 -3.33 32.97
CA PRO A 144 -20.76 -3.72 31.55
C PRO A 144 -20.23 -2.61 30.68
N GLN A 145 -20.03 -2.90 29.39
CA GLN A 145 -19.55 -1.92 28.44
C GLN A 145 -20.73 -1.34 27.66
N LYS A 146 -20.77 -0.02 27.57
CA LYS A 146 -21.80 0.69 26.84
C LYS A 146 -21.13 1.61 25.81
N GLU A 147 -21.95 2.42 25.14
CA GLU A 147 -21.43 3.26 24.07
C GLU A 147 -20.39 4.25 24.57
N THR A 148 -20.47 4.64 25.84
CA THR A 148 -19.59 5.65 26.39
C THR A 148 -18.41 5.08 27.16
N THR A 149 -18.32 3.76 27.26
CA THR A 149 -17.16 3.13 27.89
C THR A 149 -15.91 3.43 27.06
N PRO A 150 -14.87 4.04 27.65
CA PRO A 150 -13.67 4.33 26.86
C PRO A 150 -13.02 3.04 26.34
N PHE A 151 -12.45 3.13 25.15
CA PHE A 151 -11.90 1.97 24.48
C PHE A 151 -10.50 1.68 25.03
N TYR A 152 -10.08 0.41 24.90
CA TYR A 152 -8.74 -0.01 25.30
C TYR A 152 -8.37 -1.23 24.47
N PRO A 153 -7.96 -1.03 23.22
CA PRO A 153 -7.67 -2.17 22.34
C PRO A 153 -6.47 -2.98 22.82
N ARG A 154 -6.54 -4.29 22.58
CA ARG A 154 -5.53 -5.21 23.07
C ARG A 154 -4.91 -6.08 21.97
N SER A 155 -5.18 -5.78 20.70
CA SER A 155 -4.59 -6.53 19.61
C SER A 155 -4.42 -5.60 18.41
N PRO A 156 -3.60 -5.97 17.43
CA PRO A 156 -3.56 -5.16 16.19
C PRO A 156 -4.87 -5.15 15.44
N TYR A 157 -5.73 -6.16 15.64
CA TYR A 157 -7.06 -6.12 15.05
C TYR A 157 -7.91 -5.01 15.68
N ALA A 158 -7.89 -4.94 17.01
CA ALA A 158 -8.73 -3.97 17.69
C ALA A 158 -8.21 -2.55 17.47
N ALA A 159 -6.89 -2.36 17.50
CA ALA A 159 -6.32 -1.06 17.12
C ALA A 159 -6.80 -0.64 15.74
N ALA A 160 -6.79 -1.56 14.77
CA ALA A 160 -7.24 -1.24 13.41
C ALA A 160 -8.74 -0.90 13.37
N LYS A 161 -9.58 -1.68 14.09
CA LYS A 161 -11.01 -1.40 14.15
C LYS A 161 -11.27 -0.08 14.86
N LEU A 162 -10.46 0.27 15.86
CA LEU A 162 -10.60 1.56 16.52
C LEU A 162 -10.43 2.70 15.52
N TYR A 163 -9.46 2.57 14.61
CA TYR A 163 -9.31 3.57 13.56
C TYR A 163 -10.58 3.66 12.75
N ALA A 164 -11.09 2.50 12.32
CA ALA A 164 -12.29 2.47 11.48
C ALA A 164 -13.51 3.00 12.23
N TYR A 165 -13.59 2.77 13.54
CA TYR A 165 -14.65 3.40 14.32
C TYR A 165 -14.54 4.92 14.22
N TRP A 166 -13.34 5.46 14.43
CA TRP A 166 -13.22 6.90 14.48
C TRP A 166 -13.24 7.55 13.09
N ILE A 167 -12.72 6.89 12.06
CA ILE A 167 -12.86 7.48 10.72
C ILE A 167 -14.32 7.50 10.31
N THR A 168 -15.14 6.57 10.82
CA THR A 168 -16.57 6.57 10.53
C THR A 168 -17.26 7.73 11.24
N VAL A 169 -16.94 7.94 12.51
CA VAL A 169 -17.46 9.11 13.24
C VAL A 169 -17.00 10.40 12.57
N ASN A 170 -15.73 10.47 12.17
CA ASN A 170 -15.22 11.71 11.60
C ASN A 170 -15.94 12.09 10.31
N TYR A 171 -16.19 11.10 9.43
CA TYR A 171 -16.90 11.38 8.20
C TYR A 171 -18.35 11.78 8.45
N ARG A 172 -18.97 11.21 9.50
CA ARG A 172 -20.29 11.67 9.92
C ARG A 172 -20.24 13.12 10.42
N GLU A 173 -19.27 13.44 11.28
CA GLU A 173 -19.24 14.79 11.87
C GLU A 173 -18.69 15.83 10.91
N ALA A 174 -17.63 15.52 10.16
CA ALA A 174 -17.02 16.53 9.29
C ALA A 174 -17.84 16.78 8.04
N TYR A 175 -18.46 15.72 7.48
CA TYR A 175 -19.08 15.83 6.18
C TYR A 175 -20.60 15.62 6.17
N GLY A 176 -21.21 15.22 7.29
CA GLY A 176 -22.63 14.99 7.30
C GLY A 176 -23.06 13.71 6.62
N ILE A 177 -22.13 12.80 6.36
CA ILE A 177 -22.48 11.52 5.77
C ILE A 177 -23.19 10.65 6.81
N TYR A 178 -24.27 9.99 6.40
CA TYR A 178 -24.93 9.02 7.27
C TYR A 178 -24.00 7.83 7.44
N ALA A 179 -23.20 7.83 8.50
CA ALA A 179 -22.22 6.78 8.78
C ALA A 179 -22.34 6.43 10.25
N CYS A 180 -22.51 5.15 10.56
CA CYS A 180 -22.66 4.78 11.96
C CYS A 180 -21.89 3.50 12.26
N ASN A 181 -21.66 3.28 13.55
CA ASN A 181 -20.87 2.16 14.04
C ASN A 181 -21.79 1.19 14.80
N GLY A 182 -21.97 0.00 14.24
CA GLY A 182 -22.50 -1.10 15.03
C GLY A 182 -21.40 -1.66 15.91
N ILE A 183 -21.50 -1.39 17.21
CA ILE A 183 -20.54 -1.93 18.19
C ILE A 183 -21.15 -3.27 18.64
N LEU A 184 -20.93 -4.29 17.82
CA LEU A 184 -21.53 -5.59 18.05
C LEU A 184 -20.61 -6.44 18.91
N PHE A 185 -21.19 -7.07 19.93
CA PHE A 185 -20.48 -8.04 20.73
C PHE A 185 -20.47 -9.37 19.97
N ASN A 186 -19.67 -10.33 20.46
CA ASN A 186 -19.50 -11.61 19.77
C ASN A 186 -20.85 -12.23 19.37
N HIS A 187 -20.97 -12.58 18.09
CA HIS A 187 -22.13 -13.30 17.62
C HIS A 187 -21.69 -14.44 16.72
N GLU A 188 -22.31 -15.60 16.92
CA GLU A 188 -21.89 -16.84 16.30
C GLU A 188 -23.06 -17.42 15.51
N SER A 189 -22.83 -18.59 14.91
CA SER A 189 -23.77 -19.27 14.04
C SER A 189 -23.15 -20.56 13.50
N PRO A 190 -23.93 -21.43 12.83
CA PRO A 190 -23.30 -22.56 12.12
C PRO A 190 -22.40 -22.14 10.97
N LEU A 191 -22.44 -20.88 10.53
CA LEU A 191 -21.53 -20.36 9.50
C LEU A 191 -20.28 -19.70 10.06
N ARG A 192 -20.10 -19.71 11.39
CA ARG A 192 -18.90 -19.13 11.99
C ARG A 192 -17.65 -19.79 11.44
N GLY A 193 -16.60 -18.98 11.23
CA GLY A 193 -15.34 -19.53 10.77
C GLY A 193 -14.80 -20.58 11.74
N GLU A 194 -14.15 -21.60 11.18
CA GLU A 194 -13.85 -22.80 11.94
C GLU A 194 -12.79 -22.60 13.02
N THR A 195 -11.98 -21.54 12.97
CA THR A 195 -10.93 -21.37 13.96
C THR A 195 -11.28 -20.38 15.06
N PHE A 196 -12.44 -19.72 14.99
CA PHE A 196 -12.97 -19.01 16.15
C PHE A 196 -13.40 -20.03 17.22
N VAL A 197 -13.44 -19.59 18.48
CA VAL A 197 -13.47 -20.56 19.57
C VAL A 197 -14.76 -21.38 19.55
N THR A 198 -15.90 -20.73 19.29
CA THR A 198 -17.19 -21.44 19.41
C THR A 198 -17.32 -22.50 18.34
N ARG A 199 -16.96 -22.17 17.10
CA ARG A 199 -17.11 -23.14 16.03
C ARG A 199 -16.04 -24.22 16.13
N LYS A 200 -14.83 -23.85 16.57
CA LYS A 200 -13.80 -24.84 16.82
C LYS A 200 -14.28 -25.87 17.84
N ILE A 201 -14.95 -25.41 18.91
CA ILE A 201 -15.43 -26.32 19.94
C ILE A 201 -16.51 -27.25 19.38
N THR A 202 -17.57 -26.68 18.78
CA THR A 202 -18.68 -27.52 18.32
C THR A 202 -18.24 -28.46 17.21
N ARG A 203 -17.26 -28.05 16.40
CA ARG A 203 -16.75 -28.91 15.33
C ARG A 203 -15.92 -30.06 15.90
N ALA A 204 -15.09 -29.77 16.91
CA ALA A 204 -14.27 -30.79 17.54
C ALA A 204 -15.12 -31.78 18.32
N LEU A 205 -16.16 -31.29 19.01
CA LEU A 205 -17.02 -32.18 19.78
C LEU A 205 -17.81 -33.12 18.87
N ALA A 206 -18.30 -32.61 17.74
CA ALA A 206 -19.02 -33.45 16.80
C ALA A 206 -18.13 -34.57 16.27
N ARG A 207 -16.91 -34.24 15.87
CA ARG A 207 -16.02 -35.23 15.31
C ARG A 207 -15.45 -36.16 16.38
N ILE A 208 -15.34 -35.70 17.61
CA ILE A 208 -15.03 -36.61 18.70
C ILE A 208 -16.16 -37.59 18.92
N LYS A 209 -17.41 -37.11 18.88
CA LYS A 209 -18.56 -37.99 19.11
C LYS A 209 -18.68 -39.05 18.04
N ILE A 210 -18.48 -38.67 16.77
CA ILE A 210 -18.49 -39.66 15.69
C ILE A 210 -17.29 -40.59 15.78
N GLY A 211 -16.17 -40.11 16.33
CA GLY A 211 -14.97 -40.90 16.43
C GLY A 211 -13.87 -40.53 15.45
N ASN A 212 -14.10 -39.55 14.58
CA ASN A 212 -13.07 -39.11 13.64
C ASN A 212 -11.98 -38.26 14.29
N GLN A 213 -12.20 -37.75 15.50
CA GLN A 213 -11.23 -36.90 16.18
C GLN A 213 -11.04 -37.39 17.61
N ASN A 214 -9.84 -37.18 18.14
CA ASN A 214 -9.43 -37.70 19.44
C ASN A 214 -9.58 -36.68 20.57
N ARG A 215 -9.08 -35.46 20.38
CA ARG A 215 -8.99 -34.50 21.47
C ARG A 215 -9.27 -33.10 20.96
N LEU A 216 -9.76 -32.25 21.86
CA LEU A 216 -9.95 -30.83 21.60
C LEU A 216 -8.93 -30.03 22.42
N TYR A 217 -8.11 -29.25 21.73
CA TYR A 217 -7.10 -28.43 22.38
C TYR A 217 -7.52 -26.96 22.34
N LEU A 218 -7.55 -26.33 23.50
CA LEU A 218 -8.01 -24.95 23.63
C LEU A 218 -6.95 -24.12 24.36
N GLY A 219 -7.19 -22.81 24.40
CA GLY A 219 -6.32 -21.88 25.10
C GLY A 219 -6.85 -21.44 26.45
N ASN A 220 -7.26 -20.18 26.54
CA ASN A 220 -7.73 -19.60 27.81
C ASN A 220 -9.15 -20.07 28.07
N LEU A 221 -9.30 -21.01 29.01
CA LEU A 221 -10.63 -21.52 29.27
C LEU A 221 -11.46 -20.56 30.12
N ASP A 222 -10.80 -19.62 30.80
CA ASP A 222 -11.49 -18.68 31.68
C ASP A 222 -12.04 -17.47 30.96
N SER A 223 -11.82 -17.35 29.65
CA SER A 223 -12.24 -16.17 28.91
C SER A 223 -13.76 -16.07 28.85
N LEU A 224 -14.28 -14.89 29.17
CA LEU A 224 -15.71 -14.64 29.26
C LEU A 224 -16.17 -13.79 28.09
N ARG A 225 -17.27 -14.20 27.44
CA ARG A 225 -17.79 -13.52 26.27
C ARG A 225 -19.31 -13.45 26.31
N ASP A 226 -19.84 -12.32 25.84
CA ASP A 226 -21.27 -12.10 25.58
C ASP A 226 -21.56 -12.62 24.17
N TRP A 227 -22.25 -13.75 24.07
CA TRP A 227 -22.41 -14.48 22.81
C TRP A 227 -23.86 -14.42 22.35
N GLY A 228 -24.07 -13.96 21.12
CA GLY A 228 -25.40 -13.96 20.53
C GLY A 228 -25.43 -14.71 19.21
N HIS A 229 -26.55 -14.70 18.51
CA HIS A 229 -26.67 -15.37 17.22
C HIS A 229 -26.61 -14.33 16.09
N ALA A 230 -25.80 -14.61 15.07
CA ALA A 230 -25.59 -13.64 13.99
C ALA A 230 -26.87 -13.26 13.26
N ARG A 231 -27.87 -14.16 13.21
CA ARG A 231 -29.11 -13.83 12.50
C ARG A 231 -29.84 -12.67 13.18
N ASP A 232 -29.79 -12.63 14.50
CA ASP A 232 -30.37 -11.50 15.22
C ASP A 232 -29.55 -10.24 15.00
N TYR A 233 -28.24 -10.38 14.95
CA TYR A 233 -27.37 -9.21 14.93
C TYR A 233 -27.38 -8.51 13.56
N VAL A 234 -27.47 -9.27 12.46
CA VAL A 234 -27.45 -8.58 11.15
C VAL A 234 -28.71 -7.77 10.94
N GLU A 235 -29.81 -8.15 11.60
CA GLU A 235 -31.02 -7.34 11.50
C GLU A 235 -30.83 -5.96 12.11
N MET A 236 -30.00 -5.84 13.15
CA MET A 236 -29.69 -4.54 13.72
C MET A 236 -28.72 -3.77 12.84
N GLN A 237 -27.91 -4.48 12.06
CA GLN A 237 -27.09 -3.80 11.07
C GLN A 237 -27.97 -3.12 10.03
N TRP A 238 -28.97 -3.84 9.53
CA TRP A 238 -29.92 -3.22 8.60
C TRP A 238 -30.70 -2.08 9.26
N LEU A 239 -31.18 -2.29 10.49
CA LEU A 239 -32.06 -1.31 11.11
C LEU A 239 -31.34 0.00 11.41
N MET A 240 -30.07 -0.08 11.80
CA MET A 240 -29.29 1.13 12.09
C MET A 240 -29.17 2.05 10.88
N LEU A 241 -29.30 1.52 9.66
CA LEU A 241 -29.27 2.35 8.47
C LEU A 241 -30.66 2.84 8.06
N GLN A 242 -31.69 2.52 8.83
CA GLN A 242 -33.04 2.96 8.51
C GLN A 242 -33.52 4.12 9.39
N GLN A 243 -32.69 4.63 10.29
CA GLN A 243 -33.12 5.65 11.24
C GLN A 243 -33.03 7.04 10.62
N ASP A 244 -33.58 8.03 11.34
CA ASP A 244 -33.57 9.41 10.86
C ASP A 244 -32.20 10.05 10.96
N GLN A 245 -31.45 9.75 12.02
CA GLN A 245 -30.12 10.29 12.18
C GLN A 245 -29.14 9.15 12.44
N PRO A 246 -27.90 9.27 11.97
CA PRO A 246 -26.91 8.22 12.21
C PRO A 246 -26.39 8.27 13.63
N GLU A 247 -26.26 7.08 14.22
CA GLU A 247 -25.90 6.91 15.63
C GLU A 247 -25.18 5.58 15.80
N ASP A 248 -24.31 5.51 16.81
CA ASP A 248 -23.61 4.28 17.14
C ASP A 248 -24.37 3.50 18.21
N PHE A 249 -24.45 2.18 18.05
CA PHE A 249 -25.21 1.34 18.98
C PHE A 249 -24.42 0.11 19.41
N VAL A 250 -24.37 -0.12 20.72
CA VAL A 250 -23.94 -1.41 21.24
C VAL A 250 -25.06 -2.43 21.00
N ILE A 251 -24.70 -3.59 20.47
CA ILE A 251 -25.61 -4.72 20.32
C ILE A 251 -24.98 -5.91 21.05
N ALA A 252 -25.73 -6.50 21.97
CA ALA A 252 -25.22 -7.51 22.89
C ALA A 252 -26.39 -8.16 23.61
N THR A 253 -26.15 -9.35 24.17
CA THR A 253 -27.24 -10.03 24.86
C THR A 253 -27.40 -9.54 26.29
N GLY A 254 -26.31 -9.15 26.94
CA GLY A 254 -26.33 -8.78 28.34
C GLY A 254 -25.94 -9.90 29.27
N LYS A 255 -25.58 -11.06 28.73
CA LYS A 255 -25.10 -12.18 29.52
C LYS A 255 -23.80 -12.66 28.93
N GLN A 256 -22.89 -13.09 29.80
CA GLN A 256 -21.62 -13.64 29.34
C GLN A 256 -21.44 -15.04 29.87
N TYR A 257 -20.71 -15.85 29.11
CA TYR A 257 -20.36 -17.22 29.46
C TYR A 257 -18.89 -17.41 29.20
N SER A 258 -18.28 -18.36 29.91
CA SER A 258 -16.86 -18.64 29.68
C SER A 258 -16.68 -19.73 28.61
N VAL A 259 -15.46 -19.79 28.08
CA VAL A 259 -15.12 -20.84 27.11
C VAL A 259 -15.37 -22.21 27.73
N ARG A 260 -14.99 -22.37 29.00
CA ARG A 260 -15.27 -23.62 29.72
C ARG A 260 -16.76 -23.93 29.73
N GLU A 261 -17.60 -22.93 30.00
CA GLU A 261 -19.04 -23.15 29.99
C GLU A 261 -19.52 -23.54 28.59
N PHE A 262 -18.96 -22.92 27.54
CA PHE A 262 -19.38 -23.24 26.18
C PHE A 262 -19.07 -24.68 25.83
N VAL A 263 -17.87 -25.16 26.17
CA VAL A 263 -17.54 -26.56 25.99
C VAL A 263 -18.53 -27.43 26.75
N THR A 264 -18.72 -27.11 28.03
CA THR A 264 -19.61 -27.90 28.88
C THR A 264 -21.02 -27.96 28.30
N LEU A 265 -21.55 -26.82 27.87
CA LEU A 265 -22.88 -26.82 27.27
C LEU A 265 -22.90 -27.64 25.98
N ALA A 266 -21.95 -27.38 25.07
CA ALA A 266 -21.95 -28.06 23.78
C ALA A 266 -21.76 -29.55 23.94
N ALA A 267 -20.94 -29.94 24.93
CA ALA A 267 -20.75 -31.36 25.19
C ALA A 267 -22.06 -32.02 25.63
N LYS A 268 -22.91 -31.30 26.35
CA LYS A 268 -24.19 -31.89 26.75
C LYS A 268 -25.01 -32.31 25.54
N ASP A 269 -24.97 -31.53 24.46
CA ASP A 269 -25.82 -31.83 23.31
C ASP A 269 -25.36 -33.07 22.56
N ILE A 270 -24.13 -33.50 22.75
CA ILE A 270 -23.67 -34.76 22.21
C ILE A 270 -23.61 -35.84 23.28
N GLY A 271 -24.24 -35.60 24.43
CA GLY A 271 -24.37 -36.64 25.43
C GLY A 271 -23.17 -36.81 26.34
N ILE A 272 -22.33 -35.80 26.48
CA ILE A 272 -21.14 -35.87 27.33
C ILE A 272 -21.32 -34.90 28.49
N GLU A 273 -21.24 -35.43 29.71
CA GLU A 273 -21.20 -34.61 30.91
C GLU A 273 -19.73 -34.31 31.18
N MET A 274 -19.34 -33.04 31.01
CA MET A 274 -17.94 -32.68 31.18
C MET A 274 -17.60 -32.58 32.67
N ARG A 275 -16.44 -33.12 33.02
CA ARG A 275 -15.87 -32.98 34.35
C ARG A 275 -14.51 -32.34 34.21
N TRP A 276 -14.28 -31.27 34.96
CA TRP A 276 -13.03 -30.52 34.87
C TRP A 276 -12.15 -30.82 36.08
N GLU A 277 -10.89 -31.12 35.80
CA GLU A 277 -9.88 -31.37 36.82
C GLU A 277 -8.62 -30.60 36.44
N GLY A 278 -8.07 -29.86 37.37
CA GLY A 278 -6.80 -29.19 37.15
C GLY A 278 -6.95 -27.68 37.01
N SER A 279 -5.79 -27.02 37.00
CA SER A 279 -5.71 -25.58 37.00
C SER A 279 -4.75 -25.10 35.93
N GLY A 280 -5.06 -23.94 35.35
CA GLY A 280 -4.13 -23.32 34.42
C GLY A 280 -3.89 -24.17 33.18
N GLU A 281 -2.60 -24.32 32.84
CA GLU A 281 -2.25 -25.15 31.68
C GLU A 281 -2.43 -26.62 31.96
N ALA A 282 -2.54 -27.02 33.24
CA ALA A 282 -2.77 -28.41 33.60
C ALA A 282 -4.24 -28.82 33.55
N GLU A 283 -5.17 -27.88 33.40
CA GLU A 283 -6.58 -28.21 33.45
C GLU A 283 -6.98 -29.09 32.27
N LYS A 284 -7.82 -30.10 32.55
CA LYS A 284 -8.28 -31.02 31.53
C LYS A 284 -9.76 -31.31 31.73
N GLY A 285 -10.46 -31.55 30.62
CA GLY A 285 -11.88 -31.86 30.65
C GLY A 285 -12.12 -33.31 30.25
N TYR A 286 -12.88 -34.01 31.09
CA TYR A 286 -13.11 -35.45 30.94
C TYR A 286 -14.60 -35.74 30.80
N ASP A 287 -14.90 -36.84 30.10
CA ASP A 287 -16.24 -37.41 30.13
C ASP A 287 -16.48 -38.04 31.50
N ALA A 288 -17.49 -37.55 32.22
CA ALA A 288 -17.73 -38.03 33.58
C ALA A 288 -18.04 -39.52 33.62
N LYS A 289 -18.81 -40.02 32.63
CA LYS A 289 -19.23 -41.42 32.65
C LYS A 289 -18.12 -42.36 32.22
N THR A 290 -17.47 -42.07 31.10
CA THR A 290 -16.46 -42.97 30.55
C THR A 290 -15.06 -42.71 31.11
N GLY A 291 -14.80 -41.51 31.63
CA GLY A 291 -13.47 -41.15 32.10
C GLY A 291 -12.53 -40.67 31.03
N ALA A 292 -12.98 -40.58 29.78
CA ALA A 292 -12.10 -40.23 28.67
C ALA A 292 -11.76 -38.75 28.66
N CYS A 293 -10.53 -38.44 28.26
CA CYS A 293 -10.08 -37.06 28.15
C CYS A 293 -10.57 -36.45 26.86
N ILE A 294 -11.30 -35.34 26.96
CA ILE A 294 -11.86 -34.67 25.80
C ILE A 294 -11.14 -33.38 25.48
N VAL A 295 -10.77 -32.62 26.51
CA VAL A 295 -10.27 -31.26 26.34
C VAL A 295 -8.96 -31.11 27.11
N GLU A 296 -7.95 -30.52 26.47
CA GLU A 296 -6.70 -30.14 27.10
C GLU A 296 -6.35 -28.71 26.69
N VAL A 297 -5.42 -28.11 27.42
CA VAL A 297 -4.98 -26.74 27.18
C VAL A 297 -3.64 -26.77 26.46
N ASP A 298 -3.58 -26.08 25.32
CA ASP A 298 -2.34 -25.87 24.59
C ASP A 298 -2.04 -24.37 24.61
N PRO A 299 -0.97 -23.94 25.27
CA PRO A 299 -0.67 -22.49 25.34
C PRO A 299 -0.42 -21.86 23.98
N ARG A 300 -0.16 -22.65 22.93
CA ARG A 300 0.01 -22.09 21.59
C ARG A 300 -1.22 -21.30 21.14
N TYR A 301 -2.35 -21.49 21.79
CA TYR A 301 -3.58 -20.77 21.46
C TYR A 301 -3.82 -19.56 22.36
N PHE A 302 -2.98 -19.34 23.36
CA PHE A 302 -3.04 -18.08 24.10
C PHE A 302 -2.74 -16.92 23.14
N ARG A 303 -3.33 -15.77 23.42
CA ARG A 303 -2.96 -14.61 22.64
C ARG A 303 -1.87 -13.80 23.36
N PRO A 304 -1.01 -13.11 22.60
CA PRO A 304 0.03 -12.28 23.26
C PRO A 304 -0.54 -11.32 24.29
N ALA A 305 -1.69 -10.71 24.00
CA ALA A 305 -2.43 -9.93 24.98
C ALA A 305 -3.88 -10.36 24.90
N GLU A 306 -4.43 -10.80 26.04
CA GLU A 306 -5.77 -11.37 26.07
C GLU A 306 -6.80 -10.31 26.42
N VAL A 307 -8.01 -10.47 25.88
CA VAL A 307 -9.20 -9.78 26.35
C VAL A 307 -9.98 -10.77 27.21
N GLU A 308 -9.98 -10.53 28.53
CA GLU A 308 -10.44 -11.54 29.47
C GLU A 308 -11.96 -11.62 29.59
N THR A 309 -12.66 -10.50 29.45
CA THR A 309 -14.09 -10.50 29.71
C THR A 309 -14.79 -9.38 28.93
N LEU A 310 -15.87 -9.74 28.25
CA LEU A 310 -16.72 -8.79 27.54
C LEU A 310 -18.18 -9.06 27.93
N LEU A 311 -18.91 -7.97 28.18
CA LEU A 311 -20.32 -8.02 28.57
C LEU A 311 -20.96 -6.70 28.19
N GLY A 312 -21.99 -6.74 27.34
CA GLY A 312 -22.54 -5.54 26.74
C GLY A 312 -23.83 -5.06 27.38
N ASP A 313 -23.92 -3.75 27.56
CA ASP A 313 -25.14 -3.07 28.00
C ASP A 313 -25.76 -2.43 26.76
N ALA A 314 -26.76 -3.08 26.18
CA ALA A 314 -27.42 -2.59 24.97
C ALA A 314 -28.71 -1.84 25.29
N THR A 315 -28.72 -1.10 26.40
CA THR A 315 -29.91 -0.37 26.81
C THR A 315 -30.39 0.57 25.73
N LYS A 316 -29.46 1.32 25.12
CA LYS A 316 -29.84 2.32 24.14
C LYS A 316 -30.42 1.66 22.89
N ALA A 317 -29.81 0.57 22.43
CA ALA A 317 -30.38 -0.17 21.30
C ALA A 317 -31.77 -0.69 21.62
N HIS A 318 -31.97 -1.17 22.85
CA HIS A 318 -33.29 -1.62 23.28
C HIS A 318 -34.30 -0.48 23.20
N GLN A 319 -33.92 0.71 23.71
CA GLN A 319 -34.84 1.83 23.77
C GLN A 319 -35.14 2.41 22.39
N LYS A 320 -34.13 2.60 21.55
CA LYS A 320 -34.33 3.32 20.30
C LYS A 320 -34.65 2.42 19.11
N LEU A 321 -34.18 1.18 19.12
CA LEU A 321 -34.41 0.27 18.02
C LEU A 321 -35.31 -0.89 18.38
N GLY A 322 -35.64 -1.07 19.65
CA GLY A 322 -36.39 -2.24 20.08
C GLY A 322 -35.55 -3.51 20.12
N TRP A 323 -34.25 -3.37 20.40
CA TRP A 323 -33.35 -4.53 20.34
C TRP A 323 -33.69 -5.52 21.46
N LYS A 324 -33.98 -6.73 21.05
CA LYS A 324 -34.18 -7.84 21.97
C LYS A 324 -33.68 -9.06 21.22
N PRO A 325 -32.72 -9.80 21.78
CA PRO A 325 -32.29 -11.05 21.12
C PRO A 325 -33.41 -12.08 21.08
N LYS A 326 -33.66 -12.60 19.89
CA LYS A 326 -34.68 -13.63 19.73
C LYS A 326 -34.14 -15.04 19.93
N ILE A 327 -32.88 -15.31 19.56
CA ILE A 327 -32.30 -16.64 19.72
C ILE A 327 -31.43 -16.63 20.97
N SER A 328 -31.62 -17.63 21.82
CA SER A 328 -30.96 -17.74 23.11
C SER A 328 -29.63 -18.49 22.96
N PHE A 329 -28.78 -18.31 23.96
CA PHE A 329 -27.47 -18.97 23.94
C PHE A 329 -27.63 -20.48 23.74
N GLU A 330 -28.49 -21.11 24.53
CA GLU A 330 -28.66 -22.55 24.47
C GLU A 330 -29.16 -22.98 23.09
N THR A 331 -30.09 -22.20 22.50
CA THR A 331 -30.49 -22.47 21.12
C THR A 331 -29.31 -22.36 20.16
N LEU A 332 -28.46 -21.35 20.36
CA LEU A 332 -27.32 -21.17 19.46
C LEU A 332 -26.40 -22.39 19.49
N VAL A 333 -26.08 -22.87 20.69
CA VAL A 333 -25.12 -23.96 20.77
C VAL A 333 -25.69 -25.25 20.21
N SER A 334 -27.00 -25.46 20.35
CA SER A 334 -27.60 -26.67 19.78
C SER A 334 -27.59 -26.61 18.27
N GLU A 335 -27.89 -25.45 17.69
CA GLU A 335 -27.87 -25.36 16.25
C GLU A 335 -26.46 -25.60 15.72
N MET A 336 -25.45 -25.10 16.42
CA MET A 336 -24.08 -25.29 15.95
C MET A 336 -23.64 -26.74 16.08
N ILE A 337 -24.04 -27.42 17.16
CA ILE A 337 -23.67 -28.82 17.34
C ILE A 337 -24.36 -29.70 16.31
N ALA A 338 -25.65 -29.44 16.06
CA ALA A 338 -26.40 -30.21 15.06
C ALA A 338 -25.81 -30.03 13.66
N GLU A 339 -25.50 -28.78 13.29
CA GLU A 339 -24.96 -28.53 11.96
C GLU A 339 -23.59 -29.18 11.79
N ASP A 340 -22.77 -29.18 12.84
CA ASP A 340 -21.46 -29.79 12.74
C ASP A 340 -21.54 -31.31 12.72
N LEU A 341 -22.50 -31.89 13.43
CA LEU A 341 -22.72 -33.33 13.33
C LEU A 341 -23.10 -33.72 11.92
N ALA A 342 -24.01 -32.95 11.30
CA ALA A 342 -24.42 -33.25 9.93
C ALA A 342 -23.25 -33.15 8.96
N ALA A 343 -22.37 -32.17 9.16
CA ALA A 343 -21.20 -32.03 8.29
C ALA A 343 -20.28 -33.23 8.43
N ALA A 344 -20.04 -33.67 9.66
CA ALA A 344 -19.22 -34.86 9.87
C ALA A 344 -19.91 -36.11 9.32
N ALA A 345 -21.24 -36.15 9.34
CA ALA A 345 -21.96 -37.29 8.77
C ALA A 345 -21.88 -37.28 7.25
N ARG A 346 -21.94 -36.09 6.64
CA ARG A 346 -21.79 -36.01 5.19
C ARG A 346 -20.41 -36.47 4.75
N GLU A 347 -19.39 -36.29 5.61
CA GLU A 347 -18.06 -36.74 5.25
C GLU A 347 -17.92 -38.26 5.41
N ASN A 348 -18.61 -38.82 6.41
CA ASN A 348 -18.65 -40.27 6.55
C ASN A 348 -19.40 -40.92 5.40
N LEU A 349 -20.51 -40.32 4.99
CA LEU A 349 -21.28 -40.87 3.88
C LEU A 349 -20.45 -40.96 2.61
N LEU A 350 -19.63 -39.93 2.34
CA LEU A 350 -18.75 -39.96 1.18
C LEU A 350 -17.76 -41.11 1.27
N ARG A 351 -17.09 -41.26 2.41
CA ARG A 351 -16.11 -42.33 2.55
C ARG A 351 -16.77 -43.71 2.60
N GLU A 352 -18.02 -43.77 3.06
CA GLU A 352 -18.73 -45.05 3.05
C GLU A 352 -19.00 -45.51 1.62
N HIS A 353 -19.16 -44.59 0.68
CA HIS A 353 -19.45 -44.95 -0.71
C HIS A 353 -18.21 -44.94 -1.59
N GLY A 354 -17.02 -45.03 -1.00
CA GLY A 354 -15.80 -45.17 -1.77
C GLY A 354 -15.22 -43.88 -2.29
N HIS A 355 -15.68 -42.74 -1.80
CA HIS A 355 -15.12 -41.45 -2.15
C HIS A 355 -14.20 -41.00 -1.01
N GLN A 356 -12.98 -40.60 -1.35
CA GLN A 356 -12.06 -40.13 -0.34
C GLN A 356 -12.40 -38.69 0.03
N PHE A 357 -12.37 -38.41 1.34
CA PHE A 357 -12.40 -37.03 1.81
C PHE A 357 -11.44 -36.89 2.98
N PHE A 358 -10.53 -35.92 2.87
CA PHE A 358 -9.55 -35.62 3.89
C PHE A 358 -9.92 -34.32 4.56
N ALA A 359 -10.13 -34.36 5.86
CA ALA A 359 -10.66 -33.21 6.57
C ALA A 359 -9.56 -32.16 6.79
N PRO A 360 -9.93 -30.88 6.85
CA PRO A 360 -8.96 -29.85 7.17
C PRO A 360 -8.79 -29.73 8.68
N LYS A 361 -7.63 -29.22 9.07
CA LYS A 361 -7.36 -28.91 10.47
C LYS A 361 -6.59 -27.61 10.55
N GLU A 362 -6.84 -26.86 11.62
CA GLU A 362 -6.11 -25.62 11.88
C GLU A 362 -4.65 -25.91 12.23
N MET B 1 20.67 -29.37 7.66
CA MET B 1 20.31 -30.79 7.59
C MET B 1 19.19 -31.00 6.58
N LYS B 2 17.96 -31.11 7.10
CA LYS B 2 16.78 -31.20 6.25
C LYS B 2 16.62 -29.93 5.43
N LYS B 3 16.44 -30.07 4.11
CA LYS B 3 16.24 -28.90 3.26
C LYS B 3 14.92 -28.21 3.60
N VAL B 4 14.95 -26.88 3.67
CA VAL B 4 13.79 -26.07 4.00
C VAL B 4 13.34 -25.30 2.77
N ALA B 5 12.08 -25.45 2.41
CA ALA B 5 11.49 -24.71 1.29
C ALA B 5 10.32 -23.87 1.77
N LEU B 6 10.22 -22.65 1.25
CA LEU B 6 9.10 -21.75 1.52
C LEU B 6 8.34 -21.54 0.22
N ILE B 7 7.05 -21.80 0.24
CA ILE B 7 6.21 -21.75 -0.96
C ILE B 7 5.11 -20.72 -0.69
N THR B 8 5.12 -19.62 -1.43
CA THR B 8 3.93 -18.76 -1.48
C THR B 8 2.94 -19.39 -2.47
N GLY B 9 1.66 -19.11 -2.26
CA GLY B 9 0.64 -19.71 -3.10
C GLY B 9 0.47 -21.19 -2.89
N ILE B 10 0.79 -21.70 -1.69
CA ILE B 10 0.74 -23.14 -1.46
C ILE B 10 -0.69 -23.69 -1.56
N THR B 11 -1.72 -22.86 -1.36
CA THR B 11 -3.08 -23.37 -1.50
C THR B 11 -3.56 -23.46 -2.94
N GLY B 12 -2.79 -22.92 -3.89
CA GLY B 12 -3.14 -22.97 -5.30
C GLY B 12 -2.75 -24.28 -5.97
N GLN B 13 -3.01 -24.34 -7.28
CA GLN B 13 -2.75 -25.57 -8.05
C GLN B 13 -1.28 -25.96 -7.98
N ASP B 14 -0.39 -25.08 -8.41
CA ASP B 14 1.03 -25.43 -8.44
C ASP B 14 1.57 -25.63 -7.03
N GLY B 15 1.18 -24.76 -6.10
CA GLY B 15 1.66 -24.90 -4.74
C GLY B 15 1.31 -26.24 -4.14
N ALA B 16 0.09 -26.72 -4.38
CA ALA B 16 -0.27 -28.07 -3.92
C ALA B 16 0.65 -29.12 -4.52
N TYR B 17 0.83 -29.10 -5.85
CA TYR B 17 1.68 -30.13 -6.47
C TYR B 17 3.13 -29.98 -6.03
N LEU B 18 3.61 -28.73 -5.86
CA LEU B 18 5.00 -28.54 -5.48
C LEU B 18 5.23 -29.01 -4.05
N ALA B 19 4.32 -28.67 -3.14
CA ALA B 19 4.41 -29.16 -1.76
C ALA B 19 4.49 -30.68 -1.74
N GLU B 20 3.65 -31.37 -2.53
CA GLU B 20 3.71 -32.82 -2.57
C GLU B 20 5.10 -33.29 -3.01
N LEU B 21 5.62 -32.70 -4.09
CA LEU B 21 6.93 -33.11 -4.59
C LEU B 21 8.02 -32.88 -3.56
N LEU B 22 7.99 -31.73 -2.88
CA LEU B 22 9.07 -31.40 -1.95
C LEU B 22 8.97 -32.22 -0.68
N LEU B 23 7.74 -32.52 -0.22
CA LEU B 23 7.59 -33.45 0.89
C LEU B 23 8.20 -34.81 0.55
N GLN B 24 7.94 -35.32 -0.67
CA GLN B 24 8.49 -36.61 -1.07
C GLN B 24 10.01 -36.57 -1.20
N LYS B 25 10.59 -35.40 -1.47
CA LYS B 25 12.04 -35.29 -1.54
C LYS B 25 12.68 -35.06 -0.18
N GLY B 26 11.90 -35.10 0.90
CA GLY B 26 12.44 -34.97 2.24
C GLY B 26 12.52 -33.57 2.79
N TYR B 27 11.92 -32.59 2.12
CA TYR B 27 12.02 -31.22 2.60
C TYR B 27 11.19 -31.01 3.87
N ALA B 28 11.59 -30.00 4.63
CA ALA B 28 10.70 -29.33 5.57
C ALA B 28 10.03 -28.21 4.78
N VAL B 29 8.74 -28.35 4.52
CA VAL B 29 8.02 -27.49 3.60
C VAL B 29 7.21 -26.48 4.39
N HIS B 30 7.37 -25.20 4.07
CA HIS B 30 6.58 -24.14 4.67
C HIS B 30 5.79 -23.42 3.59
N GLY B 31 4.53 -23.16 3.87
CA GLY B 31 3.67 -22.43 2.94
C GLY B 31 3.16 -21.15 3.58
N ILE B 32 3.04 -20.10 2.76
CA ILE B 32 2.34 -18.89 3.16
C ILE B 32 0.89 -18.97 2.71
N LYS B 33 -0.02 -18.93 3.67
CA LYS B 33 -1.45 -19.01 3.43
C LYS B 33 -2.10 -17.69 3.83
N ARG B 34 -3.03 -17.21 3.00
CA ARG B 34 -3.83 -16.07 3.36
C ARG B 34 -4.83 -16.45 4.44
N ARG B 35 -5.07 -15.53 5.36
CA ARG B 35 -6.24 -15.64 6.22
C ARG B 35 -7.49 -15.68 5.36
N THR B 36 -8.37 -16.63 5.66
CA THR B 36 -9.62 -16.80 4.93
C THR B 36 -10.71 -17.09 5.96
N SER B 37 -11.93 -16.63 5.66
CA SER B 37 -13.05 -16.78 6.59
C SER B 37 -13.56 -18.21 6.70
N GLN B 38 -13.08 -19.10 5.83
CA GLN B 38 -13.36 -20.53 5.85
C GLN B 38 -12.05 -21.27 5.60
N PHE B 39 -12.07 -22.58 5.82
CA PHE B 39 -10.98 -23.43 5.37
C PHE B 39 -10.81 -23.27 3.86
N ASN B 40 -9.56 -23.05 3.42
CA ASN B 40 -9.27 -22.92 2.00
C ASN B 40 -8.13 -23.84 1.57
N THR B 41 -7.93 -24.95 2.31
CA THR B 41 -6.78 -25.82 2.08
C THR B 41 -7.13 -27.15 1.39
N ALA B 42 -8.26 -27.19 0.67
CA ALA B 42 -8.73 -28.45 0.10
C ALA B 42 -7.73 -29.09 -0.86
N ARG B 43 -6.87 -28.29 -1.50
CA ARG B 43 -5.89 -28.86 -2.43
C ARG B 43 -4.77 -29.60 -1.71
N ILE B 44 -4.55 -29.34 -0.42
CA ILE B 44 -3.42 -29.91 0.30
C ILE B 44 -3.84 -30.67 1.54
N ASP B 45 -5.13 -30.70 1.86
CA ASP B 45 -5.57 -31.39 3.07
C ASP B 45 -5.14 -32.85 3.06
N HIS B 46 -5.20 -33.52 1.90
CA HIS B 46 -4.76 -34.89 1.82
C HIS B 46 -3.28 -35.06 2.19
N LEU B 47 -2.47 -33.99 2.12
CA LEU B 47 -1.05 -34.13 2.45
C LEU B 47 -0.82 -34.40 3.92
N TYR B 48 -1.79 -34.08 4.78
CA TYR B 48 -1.68 -34.39 6.21
C TYR B 48 -2.13 -35.81 6.55
N HIS B 49 -2.56 -36.60 5.56
CA HIS B 49 -2.90 -37.99 5.82
C HIS B 49 -1.64 -38.76 6.15
N ASP B 50 -1.58 -39.32 7.36
CA ASP B 50 -0.36 -39.94 7.87
C ASP B 50 -0.74 -41.24 8.58
N PRO B 51 -1.04 -42.29 7.81
CA PRO B 51 -1.45 -43.56 8.46
C PRO B 51 -0.32 -44.27 9.16
N HIS B 52 0.89 -44.24 8.59
CA HIS B 52 2.06 -44.84 9.22
C HIS B 52 2.57 -44.05 10.42
N GLU B 53 1.97 -42.90 10.72
CA GLU B 53 2.39 -42.02 11.81
C GLU B 53 3.84 -41.59 11.65
N GLN B 54 4.30 -41.47 10.40
CA GLN B 54 5.69 -41.08 10.15
C GLN B 54 5.93 -39.60 10.45
N GLY B 55 4.92 -38.76 10.26
CA GLY B 55 5.05 -37.34 10.46
C GLY B 55 5.05 -36.66 9.10
N VAL B 56 4.43 -35.48 9.04
CA VAL B 56 4.36 -34.70 7.82
C VAL B 56 4.96 -33.33 8.13
N ASP B 57 6.10 -33.02 7.51
CA ASP B 57 6.82 -31.77 7.76
C ASP B 57 6.29 -30.65 6.86
N LEU B 58 5.02 -30.30 7.08
CA LEU B 58 4.34 -29.25 6.31
C LEU B 58 3.82 -28.20 7.28
N THR B 59 4.30 -26.96 7.14
CA THR B 59 3.91 -25.89 8.06
C THR B 59 3.32 -24.73 7.27
N LEU B 60 2.14 -24.27 7.68
CA LEU B 60 1.47 -23.14 7.07
C LEU B 60 1.62 -21.89 7.94
N HIS B 61 1.88 -20.76 7.30
CA HIS B 61 2.04 -19.48 7.98
C HIS B 61 1.05 -18.48 7.39
N HIS B 62 0.50 -17.62 8.23
CA HIS B 62 -0.36 -16.54 7.76
C HIS B 62 0.50 -15.37 7.29
N GLY B 63 0.18 -14.85 6.12
CA GLY B 63 0.90 -13.74 5.53
C GLY B 63 0.14 -13.32 4.29
N ASP B 64 0.64 -12.27 3.64
CA ASP B 64 0.03 -11.80 2.41
C ASP B 64 1.09 -11.12 1.57
N LEU B 65 1.00 -11.31 0.25
CA LEU B 65 1.95 -10.73 -0.67
C LEU B 65 1.90 -9.21 -0.70
N THR B 66 0.81 -8.59 -0.25
CA THR B 66 0.71 -7.14 -0.16
C THR B 66 1.29 -6.58 1.13
N ASP B 67 1.76 -7.45 2.01
CA ASP B 67 2.16 -7.07 3.38
C ASP B 67 3.64 -7.40 3.49
N THR B 68 4.48 -6.38 3.43
CA THR B 68 5.92 -6.62 3.51
C THR B 68 6.31 -7.17 4.88
N SER B 69 5.72 -6.61 5.95
CA SER B 69 6.02 -7.09 7.31
C SER B 69 5.77 -8.59 7.45
N SER B 70 4.65 -9.09 6.91
CA SER B 70 4.35 -10.50 7.07
C SER B 70 5.35 -11.37 6.32
N LEU B 71 5.80 -10.91 5.14
CA LEU B 71 6.74 -11.71 4.35
C LEU B 71 8.13 -11.74 5.01
N VAL B 72 8.60 -10.59 5.50
CA VAL B 72 9.89 -10.56 6.19
C VAL B 72 9.84 -11.38 7.47
N ARG B 73 8.72 -11.29 8.20
CA ARG B 73 8.56 -12.11 9.40
C ARG B 73 8.68 -13.60 9.08
N ILE B 74 7.99 -14.06 8.04
CA ILE B 74 8.00 -15.47 7.73
C ILE B 74 9.38 -15.90 7.23
N MET B 75 9.97 -15.08 6.33
CA MET B 75 11.31 -15.33 5.84
C MET B 75 12.32 -15.40 6.99
N GLN B 76 12.20 -14.50 7.97
CA GLN B 76 13.08 -14.52 9.12
C GLN B 76 12.83 -15.74 9.98
N LEU B 77 11.56 -16.11 10.18
CA LEU B 77 11.20 -17.27 11.00
C LEU B 77 11.63 -18.57 10.36
N VAL B 78 11.43 -18.71 9.05
CA VAL B 78 11.61 -20.00 8.39
C VAL B 78 13.05 -20.20 7.95
N ARG B 79 13.70 -19.12 7.53
CA ARG B 79 15.06 -19.17 7.00
C ARG B 79 15.22 -20.24 5.93
N PRO B 80 14.47 -20.15 4.83
CA PRO B 80 14.47 -21.25 3.86
C PRO B 80 15.70 -21.25 2.97
N ASP B 81 16.03 -22.45 2.48
CA ASP B 81 17.06 -22.57 1.45
C ASP B 81 16.49 -22.24 0.08
N GLU B 82 15.20 -22.49 -0.13
CA GLU B 82 14.55 -22.28 -1.41
C GLU B 82 13.22 -21.58 -1.21
N VAL B 83 13.00 -20.52 -1.97
CA VAL B 83 11.76 -19.76 -1.97
C VAL B 83 11.13 -19.89 -3.35
N TYR B 84 9.86 -20.31 -3.39
CA TYR B 84 9.12 -20.44 -4.64
C TYR B 84 7.97 -19.46 -4.60
N ASN B 85 8.06 -18.38 -5.37
CA ASN B 85 6.99 -17.38 -5.37
C ASN B 85 5.91 -17.80 -6.36
N LEU B 86 5.02 -18.68 -5.88
CA LEU B 86 3.87 -19.09 -6.69
C LEU B 86 2.59 -18.30 -6.37
N GLY B 87 2.53 -17.63 -5.23
CA GLY B 87 1.36 -16.86 -4.86
C GLY B 87 1.05 -15.72 -5.81
N ALA B 88 -0.21 -15.59 -6.23
CA ALA B 88 -0.58 -14.50 -7.11
C ALA B 88 -2.08 -14.40 -7.26
N GLN B 89 -2.54 -13.19 -7.54
CA GLN B 89 -3.80 -12.99 -8.24
C GLN B 89 -3.55 -13.43 -9.69
N SER B 90 -3.90 -14.67 -10.02
CA SER B 90 -3.40 -15.28 -11.24
C SER B 90 -4.37 -15.26 -12.42
N HIS B 91 -5.58 -14.72 -12.25
CA HIS B 91 -6.61 -14.78 -13.28
C HIS B 91 -6.53 -13.53 -14.15
N VAL B 92 -6.35 -13.73 -15.47
CA VAL B 92 -6.14 -12.60 -16.36
C VAL B 92 -7.39 -11.73 -16.44
N ALA B 93 -8.57 -12.35 -16.55
CA ALA B 93 -9.81 -11.59 -16.65
C ALA B 93 -10.03 -10.73 -15.41
N VAL B 94 -9.76 -11.27 -14.23
CA VAL B 94 -9.94 -10.52 -13.00
C VAL B 94 -8.96 -9.35 -12.93
N SER B 95 -7.76 -9.51 -13.50
CA SER B 95 -6.77 -8.44 -13.41
C SER B 95 -7.25 -7.15 -14.09
N PHE B 96 -8.19 -7.24 -15.02
CA PHE B 96 -8.79 -6.02 -15.57
C PHE B 96 -9.74 -5.37 -14.58
N GLU B 97 -10.32 -6.15 -13.65
CA GLU B 97 -11.19 -5.57 -12.64
C GLU B 97 -10.45 -5.08 -11.40
N GLU B 98 -9.34 -5.74 -11.03
CA GLU B 98 -8.51 -5.34 -9.89
C GLU B 98 -7.08 -5.12 -10.35
N PRO B 99 -6.83 -4.22 -11.29
CA PRO B 99 -5.43 -4.03 -11.72
C PRO B 99 -4.50 -3.62 -10.58
N GLU B 100 -4.94 -2.75 -9.66
CA GLU B 100 -4.04 -2.30 -8.60
C GLU B 100 -3.73 -3.41 -7.61
N TYR B 101 -4.77 -4.11 -7.11
CA TYR B 101 -4.52 -5.26 -6.26
C TYR B 101 -3.62 -6.28 -6.96
N THR B 102 -3.88 -6.52 -8.25
CA THR B 102 -3.07 -7.47 -9.01
C THR B 102 -1.61 -7.02 -9.07
N ALA B 103 -1.38 -5.73 -9.35
CA ALA B 103 -0.03 -5.20 -9.37
C ALA B 103 0.60 -5.30 -8.00
N ASN B 104 -0.17 -5.02 -6.94
CA ASN B 104 0.41 -5.04 -5.61
C ASN B 104 0.86 -6.45 -5.24
N SER B 105 0.03 -7.45 -5.56
CA SER B 105 0.35 -8.84 -5.24
C SER B 105 1.39 -9.43 -6.17
N ASP B 106 1.20 -9.28 -7.48
CA ASP B 106 2.00 -10.02 -8.46
C ASP B 106 3.32 -9.34 -8.80
N ALA B 107 3.39 -8.01 -8.74
CA ALA B 107 4.64 -7.32 -9.07
C ALA B 107 5.42 -7.01 -7.81
N LEU B 108 4.84 -6.22 -6.90
CA LEU B 108 5.54 -5.84 -5.69
C LEU B 108 5.71 -7.03 -4.74
N GLY B 109 4.81 -8.02 -4.81
CA GLY B 109 4.98 -9.21 -3.99
C GLY B 109 6.32 -9.90 -4.20
N ALA B 110 6.74 -10.03 -5.46
CA ALA B 110 8.02 -10.64 -5.76
C ALA B 110 9.17 -9.79 -5.23
N LEU B 111 9.11 -8.47 -5.43
CA LEU B 111 10.13 -7.59 -4.86
C LEU B 111 10.23 -7.77 -3.35
N ARG B 112 9.09 -7.84 -2.66
CA ARG B 112 9.13 -7.94 -1.20
C ARG B 112 9.89 -9.17 -0.76
N LEU B 113 9.71 -10.30 -1.45
CA LEU B 113 10.43 -11.51 -1.11
C LEU B 113 11.92 -11.36 -1.41
N LEU B 114 12.26 -10.82 -2.59
CA LEU B 114 13.67 -10.64 -2.93
C LEU B 114 14.36 -9.64 -2.00
N GLU B 115 13.67 -8.53 -1.69
CA GLU B 115 14.27 -7.54 -0.81
C GLU B 115 14.42 -8.07 0.61
N ALA B 116 13.50 -8.95 1.05
CA ALA B 116 13.64 -9.60 2.35
C ALA B 116 14.89 -10.48 2.40
N ILE B 117 15.16 -11.23 1.33
CA ILE B 117 16.38 -12.02 1.27
C ILE B 117 17.61 -11.12 1.39
N ARG B 118 17.57 -9.95 0.73
CA ARG B 118 18.70 -9.04 0.79
C ARG B 118 18.82 -8.40 2.17
N ILE B 119 17.71 -7.88 2.71
CA ILE B 119 17.75 -7.20 4.01
C ILE B 119 18.21 -8.16 5.11
N LEU B 120 17.80 -9.42 5.03
CA LEU B 120 18.09 -10.40 6.06
C LEU B 120 19.44 -11.06 5.89
N GLY B 121 20.23 -10.66 4.89
CA GLY B 121 21.57 -11.19 4.68
C GLY B 121 21.60 -12.64 4.23
N MET B 122 20.65 -13.05 3.38
CA MET B 122 20.49 -14.43 2.96
C MET B 122 20.91 -14.67 1.52
N GLU B 123 21.71 -13.75 0.94
CA GLU B 123 22.03 -13.83 -0.48
C GLU B 123 22.78 -15.10 -0.85
N LYS B 124 23.57 -15.64 0.08
CA LYS B 124 24.34 -16.84 -0.17
C LYS B 124 23.67 -18.10 0.36
N GLN B 125 22.49 -17.98 0.96
CA GLN B 125 21.78 -19.12 1.53
C GLN B 125 20.53 -19.53 0.77
N THR B 126 19.88 -18.58 0.10
CA THR B 126 18.52 -18.77 -0.41
C THR B 126 18.47 -18.62 -1.92
N ARG B 127 17.89 -19.61 -2.60
CA ARG B 127 17.64 -19.53 -4.03
C ARG B 127 16.17 -19.22 -4.24
N TYR B 128 15.88 -18.42 -5.27
CA TYR B 128 14.55 -17.85 -5.44
C TYR B 128 14.03 -18.19 -6.82
N TYR B 129 12.81 -18.73 -6.87
CA TYR B 129 12.12 -19.03 -8.11
C TYR B 129 10.95 -18.07 -8.27
N GLN B 130 10.85 -17.41 -9.42
CA GLN B 130 9.73 -16.53 -9.74
C GLN B 130 8.80 -17.21 -10.73
N ALA B 131 7.50 -17.26 -10.40
CA ALA B 131 6.51 -17.83 -11.32
C ALA B 131 6.20 -16.84 -12.44
N SER B 132 7.13 -16.74 -13.37
CA SER B 132 6.89 -16.07 -14.63
C SER B 132 6.03 -16.96 -15.54
N THR B 133 5.70 -16.43 -16.72
CA THR B 133 4.55 -16.94 -17.46
C THR B 133 4.66 -16.56 -18.92
N SER B 134 4.02 -17.37 -19.77
CA SER B 134 3.89 -17.09 -21.19
C SER B 134 3.01 -15.89 -21.47
N GLU B 135 2.22 -15.43 -20.49
CA GLU B 135 1.45 -14.20 -20.70
C GLU B 135 2.34 -13.00 -21.00
N LEU B 136 3.63 -13.07 -20.64
CA LEU B 136 4.56 -11.98 -20.93
C LEU B 136 4.67 -11.71 -22.41
N TYR B 137 4.51 -12.75 -23.24
CA TYR B 137 4.64 -12.59 -24.68
C TYR B 137 3.39 -11.96 -25.28
N GLY B 138 2.23 -12.12 -24.62
CA GLY B 138 1.00 -11.45 -25.00
C GLY B 138 0.74 -11.42 -26.49
N LEU B 139 0.83 -10.24 -27.10
CA LEU B 139 0.74 -10.08 -28.54
C LEU B 139 2.07 -10.55 -29.11
N VAL B 140 2.12 -11.84 -29.45
CA VAL B 140 3.40 -12.53 -29.60
C VAL B 140 4.21 -11.92 -30.73
N GLN B 141 5.50 -11.66 -30.45
CA GLN B 141 6.41 -11.05 -31.41
C GLN B 141 7.21 -12.07 -32.20
N GLU B 142 7.28 -13.31 -31.73
CA GLU B 142 7.81 -14.43 -32.50
C GLU B 142 6.89 -15.62 -32.27
N ILE B 143 6.83 -16.53 -33.25
CA ILE B 143 6.13 -17.80 -33.12
C ILE B 143 7.08 -18.91 -33.55
N PRO B 144 7.45 -19.85 -32.67
CA PRO B 144 7.07 -19.94 -31.26
C PRO B 144 7.84 -18.93 -30.42
N GLN B 145 7.52 -18.84 -29.13
CA GLN B 145 8.15 -17.90 -28.22
C GLN B 145 9.23 -18.61 -27.42
N LYS B 146 10.41 -18.01 -27.38
CA LYS B 146 11.52 -18.56 -26.59
C LYS B 146 12.00 -17.50 -25.60
N GLU B 147 13.09 -17.81 -24.92
CA GLU B 147 13.60 -16.94 -23.86
C GLU B 147 13.95 -15.56 -24.38
N THR B 148 14.32 -15.46 -25.66
CA THR B 148 14.76 -14.21 -26.24
C THR B 148 13.66 -13.48 -26.99
N THR B 149 12.46 -14.04 -27.05
CA THR B 149 11.31 -13.36 -27.64
C THR B 149 10.95 -12.12 -26.83
N PRO B 150 10.91 -10.93 -27.43
CA PRO B 150 10.56 -9.74 -26.65
C PRO B 150 9.14 -9.83 -26.09
N PHE B 151 8.95 -9.27 -24.90
CA PHE B 151 7.67 -9.37 -24.23
C PHE B 151 6.70 -8.32 -24.76
N TYR B 152 5.41 -8.60 -24.60
CA TYR B 152 4.35 -7.66 -25.01
C TYR B 152 3.10 -7.93 -24.19
N PRO B 153 3.04 -7.40 -22.96
CA PRO B 153 1.89 -7.68 -22.09
C PRO B 153 0.59 -7.12 -22.66
N ARG B 154 -0.50 -7.82 -22.37
CA ARG B 154 -1.82 -7.46 -22.89
C ARG B 154 -2.87 -7.37 -21.79
N SER B 155 -2.49 -7.45 -20.53
CA SER B 155 -3.44 -7.33 -19.43
C SER B 155 -2.71 -6.72 -18.24
N PRO B 156 -3.43 -6.20 -17.26
CA PRO B 156 -2.73 -5.72 -16.03
C PRO B 156 -2.01 -6.83 -15.30
N TYR B 157 -2.46 -8.08 -15.47
CA TYR B 157 -1.75 -9.22 -14.89
C TYR B 157 -0.39 -9.41 -15.53
N ALA B 158 -0.33 -9.37 -16.86
CA ALA B 158 0.94 -9.59 -17.54
C ALA B 158 1.89 -8.41 -17.33
N ALA B 159 1.35 -7.19 -17.37
CA ALA B 159 2.15 -6.03 -16.99
C ALA B 159 2.79 -6.23 -15.63
N ALA B 160 2.00 -6.69 -14.65
CA ALA B 160 2.54 -6.91 -13.30
C ALA B 160 3.58 -8.03 -13.30
N LYS B 161 3.30 -9.13 -14.01
CA LYS B 161 4.26 -10.23 -14.07
C LYS B 161 5.54 -9.81 -14.76
N LEU B 162 5.44 -8.93 -15.76
CA LEU B 162 6.65 -8.42 -16.42
C LEU B 162 7.55 -7.70 -15.44
N TYR B 163 6.97 -6.90 -14.53
CA TYR B 163 7.78 -6.27 -13.51
C TYR B 163 8.49 -7.33 -12.67
N ALA B 164 7.75 -8.33 -12.20
CA ALA B 164 8.32 -9.35 -11.33
C ALA B 164 9.38 -10.17 -12.05
N TYR B 165 9.24 -10.35 -13.37
CA TYR B 165 10.31 -10.98 -14.14
C TYR B 165 11.60 -10.16 -14.06
N TRP B 166 11.48 -8.85 -14.26
CA TRP B 166 12.69 -8.03 -14.33
C TRP B 166 13.27 -7.71 -12.95
N ILE B 167 12.44 -7.56 -11.92
CA ILE B 167 13.02 -7.33 -10.59
C ILE B 167 13.77 -8.58 -10.16
N THR B 168 13.33 -9.76 -10.61
CA THR B 168 14.06 -10.99 -10.35
C THR B 168 15.37 -11.01 -11.12
N VAL B 169 15.33 -10.64 -12.40
CA VAL B 169 16.58 -10.51 -13.16
C VAL B 169 17.48 -9.46 -12.53
N ASN B 170 16.92 -8.34 -12.08
CA ASN B 170 17.75 -7.28 -11.55
C ASN B 170 18.48 -7.71 -10.27
N TYR B 171 17.77 -8.38 -9.36
CA TYR B 171 18.40 -8.81 -8.11
C TYR B 171 19.47 -9.86 -8.34
N ARG B 172 19.30 -10.69 -9.37
CA ARG B 172 20.35 -11.62 -9.77
C ARG B 172 21.59 -10.88 -10.27
N GLU B 173 21.39 -9.86 -11.12
CA GLU B 173 22.54 -9.15 -11.71
C GLU B 173 23.15 -8.14 -10.74
N ALA B 174 22.33 -7.42 -9.99
CA ALA B 174 22.87 -6.38 -9.10
C ALA B 174 23.52 -6.98 -7.86
N TYR B 175 22.93 -8.05 -7.31
CA TYR B 175 23.32 -8.56 -6.01
C TYR B 175 23.89 -9.97 -6.00
N GLY B 176 23.87 -10.68 -7.13
CA GLY B 176 24.38 -12.03 -7.16
C GLY B 176 23.48 -13.05 -6.50
N ILE B 177 22.22 -12.71 -6.25
CA ILE B 177 21.28 -13.66 -5.66
C ILE B 177 20.91 -14.70 -6.70
N TYR B 178 20.86 -15.97 -6.28
CA TYR B 178 20.34 -17.04 -7.14
C TYR B 178 18.84 -16.80 -7.29
N ALA B 179 18.46 -16.12 -8.35
CA ALA B 179 17.07 -15.79 -8.63
C ALA B 179 16.82 -16.09 -10.10
N CYS B 180 15.77 -16.87 -10.39
CA CYS B 180 15.50 -17.21 -11.78
C CYS B 180 14.01 -17.18 -12.07
N ASN B 181 13.68 -17.12 -13.36
CA ASN B 181 12.32 -17.04 -13.86
C ASN B 181 11.97 -18.32 -14.62
N GLY B 182 11.05 -19.10 -14.07
CA GLY B 182 10.39 -20.10 -14.89
C GLY B 182 9.38 -19.42 -15.78
N ILE B 183 9.64 -19.37 -17.08
CA ILE B 183 8.67 -18.82 -18.04
C ILE B 183 7.79 -19.98 -18.47
N LEU B 184 6.80 -20.28 -17.64
CA LEU B 184 5.94 -21.45 -17.85
C LEU B 184 4.74 -21.11 -18.71
N PHE B 185 4.46 -21.97 -19.69
CA PHE B 185 3.25 -21.85 -20.47
C PHE B 185 2.08 -22.50 -19.71
N ASN B 186 0.86 -22.27 -20.22
CA ASN B 186 -0.34 -22.73 -19.52
C ASN B 186 -0.21 -24.20 -19.14
N HIS B 187 -0.45 -24.48 -17.86
CA HIS B 187 -0.47 -25.85 -17.38
C HIS B 187 -1.65 -26.03 -16.45
N GLU B 188 -2.37 -27.14 -16.63
CA GLU B 188 -3.65 -27.40 -15.99
C GLU B 188 -3.57 -28.69 -15.19
N SER B 189 -4.71 -29.07 -14.58
CA SER B 189 -4.82 -30.22 -13.69
C SER B 189 -6.24 -30.31 -13.15
N PRO B 190 -6.59 -31.40 -12.45
CA PRO B 190 -7.88 -31.44 -11.75
C PRO B 190 -7.98 -30.44 -10.61
N LEU B 191 -6.87 -29.84 -10.18
CA LEU B 191 -6.88 -28.81 -9.16
C LEU B 191 -6.97 -27.40 -9.72
N ARG B 192 -7.07 -27.27 -11.04
CA ARG B 192 -7.18 -25.97 -11.68
C ARG B 192 -8.39 -25.21 -11.15
N GLY B 193 -8.22 -23.91 -10.97
CA GLY B 193 -9.33 -23.08 -10.53
C GLY B 193 -10.50 -23.16 -11.50
N GLU B 194 -11.71 -23.10 -10.93
CA GLU B 194 -12.90 -23.45 -11.69
C GLU B 194 -13.27 -22.43 -12.77
N THR B 195 -12.71 -21.22 -12.73
CA THR B 195 -13.07 -20.22 -13.73
C THR B 195 -12.05 -20.03 -14.84
N PHE B 196 -10.90 -20.71 -14.77
CA PHE B 196 -10.04 -20.81 -15.94
C PHE B 196 -10.72 -21.68 -16.99
N VAL B 197 -10.35 -21.48 -18.25
CA VAL B 197 -11.17 -22.00 -19.34
C VAL B 197 -11.21 -23.52 -19.33
N THR B 198 -10.07 -24.18 -19.10
CA THR B 198 -10.05 -25.63 -19.22
C THR B 198 -10.88 -26.29 -18.13
N ARG B 199 -10.77 -25.80 -16.89
CA ARG B 199 -11.53 -26.36 -15.78
C ARG B 199 -13.00 -25.96 -15.85
N LYS B 200 -13.29 -24.75 -16.32
CA LYS B 200 -14.67 -24.37 -16.55
C LYS B 200 -15.34 -25.32 -17.54
N ILE B 201 -14.62 -25.71 -18.60
CA ILE B 201 -15.19 -26.60 -19.60
C ILE B 201 -15.45 -27.98 -19.01
N THR B 202 -14.43 -28.59 -18.41
CA THR B 202 -14.60 -29.97 -17.92
C THR B 202 -15.66 -30.04 -16.83
N ARG B 203 -15.72 -29.02 -15.98
CA ARG B 203 -16.74 -28.96 -14.94
CA ARG B 203 -16.74 -28.98 -14.94
C ARG B 203 -18.14 -28.82 -15.54
N ALA B 204 -18.27 -27.97 -16.57
CA ALA B 204 -19.57 -27.77 -17.19
C ALA B 204 -20.00 -29.01 -17.98
N LEU B 205 -19.06 -29.66 -18.66
CA LEU B 205 -19.43 -30.86 -19.42
C LEU B 205 -19.83 -32.00 -18.49
N ALA B 206 -19.13 -32.17 -17.38
CA ALA B 206 -19.49 -33.21 -16.42
C ALA B 206 -20.90 -33.00 -15.89
N ARG B 207 -21.23 -31.77 -15.50
CA ARG B 207 -22.54 -31.50 -14.92
C ARG B 207 -23.64 -31.49 -15.99
N ILE B 208 -23.29 -31.16 -17.23
CA ILE B 208 -24.25 -31.33 -18.32
C ILE B 208 -24.53 -32.82 -18.54
N LYS B 209 -23.50 -33.66 -18.49
CA LYS B 209 -23.69 -35.09 -18.72
C LYS B 209 -24.54 -35.70 -17.62
N ILE B 210 -24.29 -35.33 -16.36
CA ILE B 210 -25.13 -35.81 -15.27
C ILE B 210 -26.54 -35.29 -15.43
N GLY B 211 -26.70 -34.12 -16.04
CA GLY B 211 -28.01 -33.49 -16.17
C GLY B 211 -28.22 -32.34 -15.22
N ASN B 212 -27.22 -32.04 -14.37
CA ASN B 212 -27.34 -30.98 -13.38
C ASN B 212 -27.23 -29.59 -13.97
N GLN B 213 -26.70 -29.47 -15.20
CA GLN B 213 -26.49 -28.19 -15.85
C GLN B 213 -26.96 -28.27 -17.29
N ASN B 214 -27.43 -27.14 -17.82
CA ASN B 214 -28.06 -27.08 -19.14
C ASN B 214 -27.11 -26.67 -20.25
N ARG B 215 -26.35 -25.60 -20.05
CA ARG B 215 -25.56 -25.01 -21.15
C ARG B 215 -24.21 -24.52 -20.63
N LEU B 216 -23.22 -24.52 -21.53
CA LEU B 216 -21.89 -23.99 -21.26
C LEU B 216 -21.70 -22.70 -22.06
N TYR B 217 -21.43 -21.60 -21.35
CA TYR B 217 -21.23 -20.30 -21.98
C TYR B 217 -19.75 -19.94 -21.95
N LEU B 218 -19.20 -19.66 -23.12
CA LEU B 218 -17.78 -19.37 -23.25
C LEU B 218 -17.59 -18.06 -24.00
N GLY B 219 -16.33 -17.62 -24.03
CA GLY B 219 -15.99 -16.40 -24.73
C GLY B 219 -15.34 -16.65 -26.08
N ASN B 220 -14.06 -16.34 -26.20
CA ASN B 220 -13.34 -16.44 -27.45
C ASN B 220 -12.99 -17.90 -27.70
N LEU B 221 -13.70 -18.54 -28.64
CA LEU B 221 -13.46 -19.94 -28.92
C LEU B 221 -12.20 -20.17 -29.75
N ASP B 222 -11.71 -19.14 -30.41
CA ASP B 222 -10.56 -19.28 -31.30
C ASP B 222 -9.21 -19.14 -30.59
N SER B 223 -9.20 -18.88 -29.28
CA SER B 223 -7.95 -18.67 -28.58
C SER B 223 -7.12 -19.95 -28.53
N LEU B 224 -5.83 -19.85 -28.84
CA LEU B 224 -4.91 -20.98 -28.93
C LEU B 224 -3.94 -20.96 -27.77
N ARG B 225 -3.74 -22.11 -27.13
CA ARG B 225 -2.86 -22.20 -25.96
C ARG B 225 -2.03 -23.49 -25.99
N ASP B 226 -0.79 -23.37 -25.53
CA ASP B 226 0.10 -24.50 -25.28
C ASP B 226 -0.20 -25.02 -23.87
N TRP B 227 -0.82 -26.21 -23.79
CA TRP B 227 -1.39 -26.73 -22.54
C TRP B 227 -0.63 -27.97 -22.09
N GLY B 228 -0.11 -27.92 -20.86
CA GLY B 228 0.55 -29.04 -20.24
C GLY B 228 -0.06 -29.40 -18.91
N HIS B 229 0.55 -30.34 -18.19
CA HIS B 229 0.05 -30.78 -16.90
C HIS B 229 0.91 -30.20 -15.79
N ALA B 230 0.27 -29.63 -14.77
CA ALA B 230 0.99 -28.95 -13.70
C ALA B 230 1.95 -29.88 -12.97
N ARG B 231 1.64 -31.19 -12.90
CA ARG B 231 2.54 -32.10 -12.18
C ARG B 231 3.89 -32.20 -12.86
N ASP B 232 3.91 -32.13 -14.19
CA ASP B 232 5.19 -32.09 -14.91
C ASP B 232 5.89 -30.76 -14.69
N TYR B 233 5.13 -29.67 -14.65
CA TYR B 233 5.74 -28.34 -14.66
C TYR B 233 6.37 -28.00 -13.31
N VAL B 234 5.74 -28.42 -12.20
CA VAL B 234 6.30 -28.03 -10.91
C VAL B 234 7.64 -28.72 -10.67
N GLU B 235 7.85 -29.87 -11.32
CA GLU B 235 9.14 -30.54 -11.24
C GLU B 235 10.26 -29.67 -11.83
N MET B 236 9.95 -28.91 -12.89
CA MET B 236 10.95 -28.02 -13.46
C MET B 236 11.18 -26.79 -12.60
N GLN B 237 10.18 -26.39 -11.81
CA GLN B 237 10.37 -25.31 -10.86
C GLN B 237 11.41 -25.72 -9.81
N TRP B 238 11.28 -26.93 -9.27
CA TRP B 238 12.28 -27.43 -8.34
C TRP B 238 13.64 -27.57 -9.01
N LEU B 239 13.67 -28.13 -10.23
CA LEU B 239 14.95 -28.42 -10.87
C LEU B 239 15.73 -27.15 -11.17
N MET B 240 15.02 -26.08 -11.56
CA MET B 240 15.68 -24.81 -11.86
C MET B 240 16.42 -24.24 -10.66
N LEU B 241 16.03 -24.60 -9.44
CA LEU B 241 16.76 -24.14 -8.26
C LEU B 241 17.90 -25.07 -7.86
N GLN B 242 18.12 -26.15 -8.61
CA GLN B 242 19.18 -27.10 -8.30
C GLN B 242 20.41 -26.94 -9.19
N GLN B 243 20.42 -25.94 -10.08
CA GLN B 243 21.49 -25.79 -11.04
C GLN B 243 22.70 -25.09 -10.45
N ASP B 244 23.80 -25.08 -11.21
CA ASP B 244 25.02 -24.43 -10.76
C ASP B 244 24.87 -22.91 -10.82
N GLN B 245 24.19 -22.41 -11.84
CA GLN B 245 23.98 -20.99 -12.01
C GLN B 245 22.51 -20.71 -12.25
N PRO B 246 22.02 -19.55 -11.81
CA PRO B 246 20.61 -19.19 -12.04
C PRO B 246 20.38 -18.74 -13.48
N GLU B 247 19.27 -19.21 -14.05
CA GLU B 247 18.96 -18.98 -15.45
C GLU B 247 17.44 -19.02 -15.65
N ASP B 248 16.96 -18.32 -16.66
CA ASP B 248 15.54 -18.32 -16.99
C ASP B 248 15.24 -19.37 -18.07
N PHE B 249 14.15 -20.10 -17.90
CA PHE B 249 13.79 -21.19 -18.82
C PHE B 249 12.33 -21.12 -19.25
N VAL B 250 12.09 -21.21 -20.55
CA VAL B 250 10.75 -21.48 -21.05
C VAL B 250 10.42 -22.95 -20.78
N ILE B 251 9.23 -23.20 -20.25
CA ILE B 251 8.71 -24.55 -20.08
C ILE B 251 7.38 -24.61 -20.81
N ALA B 252 7.25 -25.57 -21.72
CA ALA B 252 6.12 -25.65 -22.64
C ALA B 252 6.16 -26.98 -23.36
N THR B 253 5.01 -27.38 -23.90
CA THR B 253 4.95 -28.66 -24.63
C THR B 253 5.39 -28.51 -26.07
N GLY B 254 5.14 -27.35 -26.69
CA GLY B 254 5.46 -27.14 -28.08
C GLY B 254 4.31 -27.37 -29.03
N LYS B 255 3.12 -27.67 -28.49
CA LYS B 255 1.92 -27.84 -29.29
C LYS B 255 0.83 -26.98 -28.67
N GLN B 256 -0.02 -26.40 -29.51
CA GLN B 256 -1.11 -25.57 -29.04
C GLN B 256 -2.43 -26.11 -29.55
N TYR B 257 -3.48 -25.84 -28.77
CA TYR B 257 -4.84 -26.25 -29.10
C TYR B 257 -5.76 -25.05 -28.90
N SER B 258 -6.86 -25.03 -29.61
CA SER B 258 -7.82 -23.94 -29.43
C SER B 258 -8.83 -24.29 -28.34
N VAL B 259 -9.50 -23.26 -27.83
CA VAL B 259 -10.57 -23.48 -26.86
C VAL B 259 -11.64 -24.39 -27.46
N ARG B 260 -11.99 -24.13 -28.73
CA ARG B 260 -12.94 -24.99 -29.43
C ARG B 260 -12.48 -26.44 -29.43
N GLU B 261 -11.19 -26.68 -29.71
CA GLU B 261 -10.67 -28.04 -29.71
C GLU B 261 -10.77 -28.66 -28.33
N PHE B 262 -10.56 -27.86 -27.27
CA PHE B 262 -10.64 -28.38 -25.92
C PHE B 262 -12.05 -28.85 -25.58
N VAL B 263 -13.05 -28.05 -25.92
CA VAL B 263 -14.44 -28.47 -25.73
C VAL B 263 -14.71 -29.77 -26.48
N THR B 264 -14.30 -29.80 -27.76
CA THR B 264 -14.53 -30.99 -28.58
C THR B 264 -13.88 -32.22 -27.96
N LEU B 265 -12.62 -32.11 -27.52
CA LEU B 265 -11.95 -33.25 -26.90
C LEU B 265 -12.65 -33.66 -25.61
N ALA B 266 -12.91 -32.70 -24.73
CA ALA B 266 -13.51 -33.03 -23.44
C ALA B 266 -14.91 -33.59 -23.59
N ALA B 267 -15.69 -33.07 -24.54
CA ALA B 267 -17.02 -33.62 -24.78
C ALA B 267 -16.93 -35.04 -25.30
N LYS B 268 -15.91 -35.32 -26.11
CA LYS B 268 -15.68 -36.67 -26.61
C LYS B 268 -15.47 -37.63 -25.44
N ASP B 269 -14.83 -37.16 -24.36
CA ASP B 269 -14.56 -38.01 -23.21
C ASP B 269 -15.82 -38.33 -22.42
N ILE B 270 -16.87 -37.53 -22.55
CA ILE B 270 -18.14 -37.84 -21.92
C ILE B 270 -19.16 -38.36 -22.95
N GLY B 271 -18.68 -38.77 -24.13
CA GLY B 271 -19.56 -39.41 -25.09
C GLY B 271 -20.37 -38.47 -25.94
N ILE B 272 -19.95 -37.22 -26.07
CA ILE B 272 -20.63 -36.24 -26.92
C ILE B 272 -19.70 -35.87 -28.06
N GLU B 273 -20.17 -36.06 -29.28
CA GLU B 273 -19.47 -35.59 -30.47
C GLU B 273 -19.95 -34.17 -30.75
N MET B 274 -19.07 -33.19 -30.60
CA MET B 274 -19.47 -31.80 -30.79
C MET B 274 -19.58 -31.49 -32.28
N ARG B 275 -20.63 -30.77 -32.63
CA ARG B 275 -20.80 -30.18 -33.95
C ARG B 275 -20.95 -28.67 -33.77
N TRP B 276 -20.15 -27.91 -34.52
CA TRP B 276 -20.14 -26.45 -34.39
C TRP B 276 -20.84 -25.82 -35.59
N GLU B 277 -21.78 -24.92 -35.29
CA GLU B 277 -22.52 -24.19 -36.31
C GLU B 277 -22.56 -22.71 -35.94
N GLY B 278 -22.24 -21.85 -36.89
CA GLY B 278 -22.34 -20.43 -36.70
C GLY B 278 -20.97 -19.77 -36.63
N SER B 279 -21.00 -18.44 -36.63
CA SER B 279 -19.79 -17.64 -36.69
C SER B 279 -19.78 -16.59 -35.59
N GLY B 280 -18.59 -16.30 -35.08
CA GLY B 280 -18.43 -15.19 -34.16
C GLY B 280 -19.23 -15.37 -32.89
N GLU B 281 -19.97 -14.33 -32.51
CA GLU B 281 -20.80 -14.38 -31.30
C GLU B 281 -22.03 -15.26 -31.50
N ALA B 282 -22.43 -15.51 -32.75
CA ALA B 282 -23.54 -16.39 -33.03
C ALA B 282 -23.15 -17.86 -33.03
N GLU B 283 -21.86 -18.17 -32.96
CA GLU B 283 -21.42 -19.55 -33.04
C GLU B 283 -21.94 -20.35 -31.86
N LYS B 284 -22.40 -21.58 -32.14
CA LYS B 284 -22.94 -22.45 -31.11
C LYS B 284 -22.45 -23.87 -31.35
N GLY B 285 -22.29 -24.62 -30.26
CA GLY B 285 -21.85 -26.00 -30.32
C GLY B 285 -22.97 -26.95 -29.92
N TYR B 286 -23.20 -27.95 -30.77
CA TYR B 286 -24.31 -28.88 -30.63
C TYR B 286 -23.80 -30.30 -30.49
N ASP B 287 -24.59 -31.13 -29.80
CA ASP B 287 -24.38 -32.57 -29.82
C ASP B 287 -24.80 -33.11 -31.19
N ALA B 288 -23.85 -33.71 -31.91
CA ALA B 288 -24.12 -34.16 -33.27
C ALA B 288 -25.23 -35.21 -33.31
N LYS B 289 -25.26 -36.10 -32.33
CA LYS B 289 -26.24 -37.19 -32.33
C LYS B 289 -27.61 -36.71 -31.88
N THR B 290 -27.67 -36.02 -30.74
CA THR B 290 -28.95 -35.61 -30.18
C THR B 290 -29.46 -34.28 -30.72
N GLY B 291 -28.58 -33.44 -31.25
CA GLY B 291 -28.98 -32.13 -31.72
C GLY B 291 -29.09 -31.09 -30.64
N ALA B 292 -28.78 -31.44 -29.39
CA ALA B 292 -28.95 -30.51 -28.29
C ALA B 292 -27.84 -29.46 -28.27
N CYS B 293 -28.20 -28.25 -27.88
CA CYS B 293 -27.23 -27.16 -27.77
C CYS B 293 -26.45 -27.31 -26.48
N ILE B 294 -25.13 -27.42 -26.60
CA ILE B 294 -24.26 -27.60 -25.45
C ILE B 294 -23.48 -26.33 -25.12
N VAL B 295 -23.02 -25.62 -26.14
CA VAL B 295 -22.08 -24.52 -25.97
C VAL B 295 -22.60 -23.29 -26.72
N GLU B 296 -22.59 -22.13 -26.05
CA GLU B 296 -22.89 -20.85 -26.68
C GLU B 296 -21.84 -19.83 -26.27
N VAL B 297 -21.80 -18.72 -27.02
CA VAL B 297 -20.85 -17.64 -26.80
C VAL B 297 -21.55 -16.48 -26.12
N ASP B 298 -20.99 -16.06 -24.98
CA ASP B 298 -21.42 -14.86 -24.26
C ASP B 298 -20.28 -13.85 -24.30
N PRO B 299 -20.46 -12.68 -24.92
CA PRO B 299 -19.36 -11.71 -25.00
C PRO B 299 -18.86 -11.25 -23.65
N ARG B 300 -19.62 -11.45 -22.58
CA ARG B 300 -19.19 -11.08 -21.24
C ARG B 300 -17.89 -11.78 -20.83
N TYR B 301 -17.48 -12.83 -21.53
CA TYR B 301 -16.26 -13.53 -21.21
C TYR B 301 -15.08 -13.12 -22.09
N PHE B 302 -15.30 -12.24 -23.07
CA PHE B 302 -14.18 -11.66 -23.79
C PHE B 302 -13.30 -10.84 -22.85
N ARG B 303 -12.03 -10.81 -23.14
CA ARG B 303 -11.19 -9.91 -22.37
C ARG B 303 -11.05 -8.59 -23.11
N PRO B 304 -10.88 -7.48 -22.38
CA PRO B 304 -10.71 -6.17 -23.05
C PRO B 304 -9.61 -6.15 -24.09
N ALA B 305 -8.49 -6.81 -23.80
CA ALA B 305 -7.42 -7.03 -24.77
C ALA B 305 -7.06 -8.51 -24.69
N GLU B 306 -7.14 -9.20 -25.82
CA GLU B 306 -6.99 -10.65 -25.86
C GLU B 306 -5.55 -11.04 -26.17
N VAL B 307 -5.13 -12.17 -25.61
CA VAL B 307 -3.94 -12.89 -26.07
C VAL B 307 -4.44 -14.05 -26.93
N GLU B 308 -4.22 -13.97 -28.25
CA GLU B 308 -4.86 -14.89 -29.18
C GLU B 308 -4.14 -16.23 -29.31
N THR B 309 -2.82 -16.26 -29.17
CA THR B 309 -2.08 -17.50 -29.44
C THR B 309 -0.78 -17.53 -28.65
N LEU B 310 -0.52 -18.65 -27.98
CA LEU B 310 0.74 -18.90 -27.28
C LEU B 310 1.28 -20.26 -27.68
N LEU B 311 2.59 -20.33 -27.93
CA LEU B 311 3.25 -21.57 -28.33
C LEU B 311 4.71 -21.46 -27.92
N GLY B 312 5.17 -22.37 -27.06
CA GLY B 312 6.46 -22.25 -26.44
C GLY B 312 7.52 -23.12 -27.08
N ASP B 313 8.71 -22.55 -27.24
CA ASP B 313 9.89 -23.28 -27.70
C ASP B 313 10.78 -23.52 -26.48
N ALA B 314 10.69 -24.72 -25.91
CA ALA B 314 11.46 -25.07 -24.72
C ALA B 314 12.73 -25.83 -25.04
N THR B 315 13.39 -25.48 -26.16
CA THR B 315 14.61 -26.17 -26.56
C THR B 315 15.69 -26.05 -25.49
N LYS B 316 15.87 -24.85 -24.95
CA LYS B 316 16.94 -24.62 -23.98
C LYS B 316 16.72 -25.43 -22.71
N ALA B 317 15.48 -25.47 -22.21
CA ALA B 317 15.17 -26.31 -21.06
C ALA B 317 15.40 -27.79 -21.37
N HIS B 318 15.06 -28.21 -22.60
CA HIS B 318 15.30 -29.58 -23.01
C HIS B 318 16.79 -29.91 -22.99
N GLN B 319 17.62 -29.02 -23.53
CA GLN B 319 19.05 -29.31 -23.61
C GLN B 319 19.71 -29.29 -22.23
N LYS B 320 19.39 -28.30 -21.41
CA LYS B 320 20.11 -28.12 -20.15
C LYS B 320 19.48 -28.85 -18.98
N LEU B 321 18.16 -29.06 -18.99
CA LEU B 321 17.47 -29.70 -17.87
C LEU B 321 16.91 -31.07 -18.20
N GLY B 322 16.90 -31.47 -19.47
CA GLY B 322 16.24 -32.71 -19.83
C GLY B 322 14.73 -32.59 -19.82
N TRP B 323 14.19 -31.39 -20.09
CA TRP B 323 12.76 -31.19 -20.01
C TRP B 323 12.04 -31.98 -21.09
N LYS B 324 11.07 -32.79 -20.66
CA LYS B 324 10.25 -33.55 -21.59
C LYS B 324 8.92 -33.84 -20.91
N PRO B 325 7.81 -33.29 -21.40
CA PRO B 325 6.51 -33.52 -20.75
C PRO B 325 6.17 -35.01 -20.72
N LYS B 326 5.84 -35.50 -19.52
CA LYS B 326 5.45 -36.89 -19.38
C LYS B 326 3.96 -37.11 -19.60
N ILE B 327 3.12 -36.16 -19.22
CA ILE B 327 1.68 -36.29 -19.37
C ILE B 327 1.25 -35.52 -20.61
N SER B 328 0.46 -36.17 -21.47
CA SER B 328 0.01 -35.63 -22.74
C SER B 328 -1.28 -34.85 -22.57
N PHE B 329 -1.57 -34.03 -23.59
CA PHE B 329 -2.80 -33.23 -23.60
C PHE B 329 -4.03 -34.12 -23.41
N GLU B 330 -4.12 -35.20 -24.20
CA GLU B 330 -5.31 -36.06 -24.14
C GLU B 330 -5.44 -36.71 -22.76
N THR B 331 -4.32 -37.13 -22.18
CA THR B 331 -4.36 -37.63 -20.80
C THR B 331 -4.83 -36.54 -19.83
N LEU B 332 -4.36 -35.31 -20.01
CA LEU B 332 -4.75 -34.23 -19.10
C LEU B 332 -6.25 -34.02 -19.15
N VAL B 333 -6.82 -33.96 -20.36
CA VAL B 333 -8.24 -33.67 -20.50
C VAL B 333 -9.07 -34.82 -19.94
N SER B 334 -8.60 -36.06 -20.11
CA SER B 334 -9.32 -37.19 -19.56
C SER B 334 -9.32 -37.16 -18.05
N GLU B 335 -8.15 -36.88 -17.45
CA GLU B 335 -8.08 -36.84 -16.00
C GLU B 335 -8.97 -35.75 -15.45
N MET B 336 -9.04 -34.60 -16.13
CA MET B 336 -9.89 -33.52 -15.65
C MET B 336 -11.36 -33.85 -15.77
N ILE B 337 -11.75 -34.51 -16.87
CA ILE B 337 -13.16 -34.86 -17.03
C ILE B 337 -13.58 -35.90 -16.01
N ALA B 338 -12.73 -36.90 -15.78
CA ALA B 338 -13.07 -37.94 -14.80
C ALA B 338 -13.25 -37.35 -13.42
N GLU B 339 -12.35 -36.46 -13.01
CA GLU B 339 -12.43 -35.88 -11.68
C GLU B 339 -13.67 -35.03 -11.51
N ASP B 340 -14.04 -34.28 -12.55
CA ASP B 340 -15.22 -33.43 -12.45
C ASP B 340 -16.49 -34.27 -12.46
N LEU B 341 -16.50 -35.41 -13.15
CA LEU B 341 -17.61 -36.35 -13.04
C LEU B 341 -17.74 -36.89 -11.62
N ALA B 342 -16.60 -37.29 -11.02
CA ALA B 342 -16.62 -37.81 -9.65
C ALA B 342 -17.11 -36.75 -8.68
N ALA B 343 -16.68 -35.49 -8.86
CA ALA B 343 -17.13 -34.43 -7.98
C ALA B 343 -18.63 -34.19 -8.12
N ALA B 344 -19.14 -34.18 -9.35
CA ALA B 344 -20.58 -34.04 -9.54
C ALA B 344 -21.32 -35.24 -8.99
N ALA B 345 -20.71 -36.43 -9.04
CA ALA B 345 -21.34 -37.62 -8.50
C ALA B 345 -21.39 -37.59 -6.98
N ARG B 346 -20.34 -37.04 -6.34
CA ARG B 346 -20.37 -36.91 -4.89
C ARG B 346 -21.48 -35.97 -4.43
N GLU B 347 -21.83 -34.98 -5.25
CA GLU B 347 -22.90 -34.05 -4.89
C GLU B 347 -24.28 -34.68 -5.05
N ASN B 348 -24.45 -35.54 -6.06
CA ASN B 348 -25.71 -36.27 -6.19
C ASN B 348 -25.89 -37.26 -5.06
N LEU B 349 -24.81 -37.93 -4.64
CA LEU B 349 -24.89 -38.86 -3.53
C LEU B 349 -25.37 -38.18 -2.26
N LEU B 350 -24.90 -36.95 -2.02
CA LEU B 350 -25.37 -36.17 -0.88
C LEU B 350 -26.86 -35.91 -0.99
N ARG B 351 -27.31 -35.42 -2.15
CA ARG B 351 -28.73 -35.14 -2.31
C ARG B 351 -29.56 -36.41 -2.36
N GLU B 352 -28.99 -37.53 -2.81
CA GLU B 352 -29.73 -38.78 -2.79
C GLU B 352 -29.98 -39.26 -1.36
N HIS B 353 -29.09 -38.93 -0.43
CA HIS B 353 -29.21 -39.34 0.96
C HIS B 353 -29.84 -38.27 1.84
N GLY B 354 -30.55 -37.30 1.25
CA GLY B 354 -31.27 -36.33 2.03
C GLY B 354 -30.46 -35.17 2.55
N HIS B 355 -29.24 -34.98 2.05
CA HIS B 355 -28.40 -33.84 2.41
C HIS B 355 -28.46 -32.80 1.29
N GLN B 356 -28.66 -31.54 1.67
CA GLN B 356 -28.71 -30.46 0.69
C GLN B 356 -27.29 -30.09 0.27
N PHE B 357 -27.11 -29.85 -1.02
CA PHE B 357 -25.89 -29.23 -1.53
C PHE B 357 -26.26 -28.29 -2.67
N PHE B 358 -25.84 -27.02 -2.55
CA PHE B 358 -26.06 -26.02 -3.58
C PHE B 358 -24.71 -25.68 -4.22
N ALA B 359 -24.62 -25.89 -5.52
CA ALA B 359 -23.33 -25.78 -6.20
C ALA B 359 -22.96 -24.31 -6.42
N PRO B 360 -21.67 -24.02 -6.47
CA PRO B 360 -21.24 -22.66 -6.81
C PRO B 360 -21.20 -22.44 -8.30
N LYS B 361 -21.34 -21.17 -8.67
CA LYS B 361 -21.19 -20.76 -10.06
C LYS B 361 -20.44 -19.43 -10.11
N GLU B 362 -19.68 -19.26 -11.19
CA GLU B 362 -18.88 -18.07 -11.43
C GLU B 362 -19.69 -16.83 -11.76
N MET C 1 -13.89 25.65 -22.88
CA MET C 1 -13.00 26.63 -23.50
C MET C 1 -11.53 26.40 -23.10
N LYS C 2 -11.14 27.03 -22.00
CA LYS C 2 -9.78 26.94 -21.48
C LYS C 2 -9.37 25.49 -21.23
N LYS C 3 -8.24 25.09 -21.84
CA LYS C 3 -7.73 23.74 -21.66
C LYS C 3 -7.22 23.56 -20.23
N VAL C 4 -7.54 22.41 -19.65
CA VAL C 4 -7.16 22.07 -18.28
C VAL C 4 -6.09 20.98 -18.33
N ALA C 5 -4.96 21.22 -17.68
CA ALA C 5 -3.89 20.25 -17.60
C ALA C 5 -3.63 19.89 -16.15
N LEU C 6 -3.39 18.60 -15.91
CA LEU C 6 -3.04 18.08 -14.59
C LEU C 6 -1.63 17.52 -14.68
N ILE C 7 -0.73 18.01 -13.83
CA ILE C 7 0.68 17.64 -13.89
C ILE C 7 1.06 17.04 -12.54
N THR C 8 1.35 15.74 -12.52
CA THR C 8 2.02 15.20 -11.35
C THR C 8 3.51 15.51 -11.46
N GLY C 9 4.18 15.61 -10.31
CA GLY C 9 5.57 15.98 -10.35
C GLY C 9 5.80 17.43 -10.75
N ILE C 10 4.84 18.32 -10.47
CA ILE C 10 4.96 19.70 -10.91
C ILE C 10 6.12 20.44 -10.23
N THR C 11 6.56 20.00 -9.05
CA THR C 11 7.69 20.69 -8.40
C THR C 11 9.05 20.24 -8.93
N GLY C 12 9.08 19.19 -9.76
CA GLY C 12 10.32 18.69 -10.31
C GLY C 12 10.77 19.51 -11.51
N GLN C 13 11.89 19.06 -12.11
CA GLN C 13 12.49 19.79 -13.22
C GLN C 13 11.54 19.92 -14.40
N ASP C 14 11.06 18.79 -14.92
CA ASP C 14 10.19 18.84 -16.10
C ASP C 14 8.86 19.51 -15.77
N GLY C 15 8.32 19.23 -14.58
CA GLY C 15 7.06 19.84 -14.20
C GLY C 15 7.12 21.35 -14.19
N ALA C 16 8.22 21.91 -13.69
CA ALA C 16 8.40 23.36 -13.73
C ALA C 16 8.40 23.87 -15.16
N TYR C 17 9.22 23.28 -16.03
CA TYR C 17 9.27 23.76 -17.41
C TYR C 17 7.95 23.53 -18.14
N LEU C 18 7.27 22.41 -17.85
CA LEU C 18 6.01 22.12 -18.53
C LEU C 18 4.91 23.06 -18.06
N ALA C 19 4.84 23.31 -16.75
CA ALA C 19 3.88 24.28 -16.22
C ALA C 19 4.05 25.64 -16.89
N GLU C 20 5.30 26.10 -17.01
CA GLU C 20 5.55 27.39 -17.66
C GLU C 20 5.03 27.38 -19.09
N LEU C 21 5.34 26.31 -19.84
CA LEU C 21 4.93 26.23 -21.24
C LEU C 21 3.40 26.25 -21.37
N LEU C 22 2.71 25.51 -20.49
CA LEU C 22 1.26 25.41 -20.60
C LEU C 22 0.58 26.69 -20.14
N LEU C 23 1.14 27.36 -19.13
CA LEU C 23 0.65 28.69 -18.76
C LEU C 23 0.75 29.65 -19.94
N GLN C 24 1.89 29.65 -20.63
CA GLN C 24 2.07 30.53 -21.77
C GLN C 24 1.13 30.17 -22.92
N LYS C 25 0.71 28.91 -23.01
CA LYS C 25 -0.24 28.52 -24.04
C LYS C 25 -1.69 28.77 -23.61
N GLY C 26 -1.92 29.35 -22.44
CA GLY C 26 -3.25 29.70 -22.01
C GLY C 26 -3.99 28.64 -21.21
N TYR C 27 -3.31 27.60 -20.75
CA TYR C 27 -3.95 26.53 -20.01
C TYR C 27 -4.35 26.99 -18.61
N ALA C 28 -5.34 26.30 -18.04
CA ALA C 28 -5.53 26.24 -16.60
C ALA C 28 -4.69 25.07 -16.11
N VAL C 29 -3.61 25.36 -15.38
CA VAL C 29 -2.62 24.36 -15.01
C VAL C 29 -2.86 23.91 -13.57
N HIS C 30 -2.95 22.60 -13.37
CA HIS C 30 -3.05 22.03 -12.04
C HIS C 30 -1.89 21.08 -11.79
N GLY C 31 -1.32 21.17 -10.61
CA GLY C 31 -0.22 20.32 -10.21
C GLY C 31 -0.58 19.52 -8.97
N ILE C 32 -0.11 18.28 -8.93
CA ILE C 32 -0.18 17.49 -7.71
C ILE C 32 1.14 17.70 -6.98
N LYS C 33 1.05 18.26 -5.79
CA LYS C 33 2.22 18.55 -4.96
C LYS C 33 2.15 17.66 -3.72
N ARG C 34 3.30 17.12 -3.32
CA ARG C 34 3.36 16.37 -2.07
C ARG C 34 3.28 17.32 -0.90
N ARG C 35 2.60 16.89 0.16
CA ARG C 35 2.78 17.54 1.44
C ARG C 35 4.26 17.49 1.82
N THR C 36 4.80 18.62 2.23
CA THR C 36 6.20 18.70 2.62
C THR C 36 6.29 19.55 3.87
N SER C 37 7.26 19.23 4.73
CA SER C 37 7.33 19.95 5.99
C SER C 37 7.83 21.39 5.80
N GLN C 38 8.27 21.75 4.60
CA GLN C 38 8.68 23.09 4.22
C GLN C 38 8.16 23.37 2.82
N PHE C 39 8.24 24.62 2.42
CA PHE C 39 8.01 24.98 1.02
C PHE C 39 8.95 24.19 0.12
N ASN C 40 8.39 23.58 -0.92
CA ASN C 40 9.20 22.82 -1.86
C ASN C 40 8.91 23.25 -3.30
N THR C 41 8.46 24.49 -3.47
CA THR C 41 8.02 24.98 -4.77
C THR C 41 9.04 25.93 -5.42
N ALA C 42 10.30 25.86 -5.00
CA ALA C 42 11.30 26.82 -5.46
C ALA C 42 11.46 26.80 -6.98
N ARG C 43 11.14 25.69 -7.64
CA ARG C 43 11.27 25.65 -9.09
C ARG C 43 10.17 26.44 -9.80
N ILE C 44 9.04 26.69 -9.13
CA ILE C 44 7.88 27.28 -9.78
C ILE C 44 7.42 28.55 -9.11
N ASP C 45 8.07 28.96 -8.02
CA ASP C 45 7.64 30.17 -7.33
C ASP C 45 7.60 31.37 -8.28
N HIS C 46 8.58 31.47 -9.18
CA HIS C 46 8.59 32.58 -10.12
C HIS C 46 7.35 32.63 -11.01
N LEU C 47 6.65 31.50 -11.18
CA LEU C 47 5.47 31.50 -12.04
C LEU C 47 4.33 32.30 -11.44
N TYR C 48 4.36 32.54 -10.13
CA TYR C 48 3.36 33.37 -9.48
C TYR C 48 3.70 34.87 -9.55
N HIS C 49 4.81 35.24 -10.18
CA HIS C 49 5.14 36.64 -10.36
C HIS C 49 4.19 37.25 -11.38
N ASP C 50 3.44 38.26 -10.98
CA ASP C 50 2.37 38.82 -11.83
C ASP C 50 2.35 40.34 -11.71
N PRO C 51 3.32 41.02 -12.34
CA PRO C 51 3.36 42.50 -12.22
C PRO C 51 2.25 43.16 -13.01
N HIS C 52 1.92 42.63 -14.19
CA HIS C 52 0.85 43.17 -15.02
C HIS C 52 -0.53 42.92 -14.43
N GLU C 53 -0.61 42.22 -13.30
CA GLU C 53 -1.87 41.88 -12.65
C GLU C 53 -2.80 41.10 -13.60
N GLN C 54 -2.21 40.32 -14.50
CA GLN C 54 -3.02 39.54 -15.44
C GLN C 54 -3.67 38.33 -14.77
N GLY C 55 -3.00 37.73 -13.80
CA GLY C 55 -3.51 36.53 -13.16
C GLY C 55 -2.70 35.34 -13.63
N VAL C 56 -2.48 34.38 -12.74
CA VAL C 56 -1.76 33.16 -13.06
C VAL C 56 -2.66 31.98 -12.73
N ASP C 57 -3.07 31.24 -13.74
CA ASP C 57 -4.01 30.11 -13.58
C ASP C 57 -3.22 28.84 -13.24
N LEU C 58 -2.61 28.86 -12.06
CA LEU C 58 -1.79 27.77 -11.55
C LEU C 58 -2.34 27.35 -10.19
N THR C 59 -2.79 26.10 -10.09
CA THR C 59 -3.41 25.60 -8.86
C THR C 59 -2.69 24.34 -8.42
N LEU C 60 -2.29 24.30 -7.15
CA LEU C 60 -1.60 23.14 -6.59
C LEU C 60 -2.56 22.36 -5.69
N HIS C 61 -2.49 21.04 -5.79
CA HIS C 61 -3.33 20.14 -5.01
C HIS C 61 -2.45 19.17 -4.23
N HIS C 62 -2.83 18.86 -3.00
CA HIS C 62 -2.12 17.87 -2.22
C HIS C 62 -2.57 16.46 -2.62
N GLY C 63 -1.60 15.58 -2.86
CA GLY C 63 -1.84 14.21 -3.24
C GLY C 63 -0.52 13.47 -3.24
N ASP C 64 -0.58 12.17 -3.50
CA ASP C 64 0.61 11.34 -3.55
C ASP C 64 0.37 10.15 -4.46
N LEU C 65 1.37 9.81 -5.28
CA LEU C 65 1.22 8.76 -6.26
C LEU C 65 1.00 7.39 -5.61
N THR C 66 1.33 7.25 -4.33
CA THR C 66 1.06 6.01 -3.62
C THR C 66 -0.37 5.94 -3.08
N ASP C 67 -1.15 7.00 -3.24
CA ASP C 67 -2.45 7.17 -2.59
C ASP C 67 -3.51 7.30 -3.66
N THR C 68 -4.24 6.21 -3.90
CA THR C 68 -5.26 6.20 -4.94
C THR C 68 -6.38 7.17 -4.64
N SER C 69 -6.83 7.24 -3.38
CA SER C 69 -7.89 8.17 -3.02
C SER C 69 -7.50 9.61 -3.37
N SER C 70 -6.27 10.00 -3.07
CA SER C 70 -5.87 11.37 -3.35
C SER C 70 -5.82 11.63 -4.85
N LEU C 71 -5.44 10.62 -5.62
CA LEU C 71 -5.37 10.82 -7.07
C LEU C 71 -6.75 10.93 -7.67
N VAL C 72 -7.67 10.05 -7.24
CA VAL C 72 -9.04 10.09 -7.76
C VAL C 72 -9.75 11.35 -7.32
N ARG C 73 -9.55 11.76 -6.06
CA ARG C 73 -10.12 13.02 -5.61
C ARG C 73 -9.69 14.17 -6.52
N ILE C 74 -8.39 14.25 -6.82
CA ILE C 74 -7.91 15.38 -7.61
C ILE C 74 -8.40 15.26 -9.05
N MET C 75 -8.35 14.06 -9.61
CA MET C 75 -8.87 13.82 -10.96
C MET C 75 -10.35 14.20 -11.05
N GLN C 76 -11.13 13.86 -10.02
CA GLN C 76 -12.55 14.21 -10.02
C GLN C 76 -12.73 15.71 -9.91
N LEU C 77 -11.94 16.36 -9.06
CA LEU C 77 -12.06 17.78 -8.83
C LEU C 77 -11.66 18.58 -10.07
N VAL C 78 -10.58 18.19 -10.73
CA VAL C 78 -9.98 18.99 -11.79
C VAL C 78 -10.58 18.69 -13.15
N ARG C 79 -10.93 17.42 -13.39
CA ARG C 79 -11.46 16.96 -14.68
C ARG C 79 -10.60 17.44 -15.85
N PRO C 80 -9.33 17.06 -15.90
CA PRO C 80 -8.43 17.65 -16.90
C PRO C 80 -8.63 17.06 -18.28
N ASP C 81 -8.26 17.87 -19.28
CA ASP C 81 -8.17 17.40 -20.67
C ASP C 81 -6.86 16.65 -20.92
N GLU C 82 -5.81 16.99 -20.20
CA GLU C 82 -4.51 16.38 -20.39
C GLU C 82 -3.88 16.10 -19.03
N VAL C 83 -3.41 14.87 -18.86
CA VAL C 83 -2.73 14.43 -17.66
C VAL C 83 -1.29 14.11 -18.05
N TYR C 84 -0.34 14.70 -17.32
CA TYR C 84 1.08 14.46 -17.55
C TYR C 84 1.65 13.81 -16.32
N ASN C 85 1.96 12.51 -16.40
CA ASN C 85 2.49 11.81 -15.23
C ASN C 85 4.01 11.97 -15.20
N LEU C 86 4.45 13.11 -14.66
CA LEU C 86 5.87 13.37 -14.46
C LEU C 86 6.34 13.03 -13.06
N GLY C 87 5.43 12.86 -12.11
CA GLY C 87 5.79 12.52 -10.74
C GLY C 87 6.49 11.18 -10.60
N ALA C 88 7.58 11.16 -9.85
CA ALA C 88 8.28 9.90 -9.65
C ALA C 88 9.36 10.06 -8.60
N GLN C 89 9.64 8.96 -7.91
CA GLN C 89 10.95 8.76 -7.30
C GLN C 89 11.91 8.56 -8.47
N SER C 90 12.59 9.61 -8.90
CA SER C 90 13.21 9.54 -10.22
C SER C 90 14.70 9.19 -10.19
N HIS C 91 15.30 8.96 -9.02
CA HIS C 91 16.75 8.78 -8.92
C HIS C 91 17.10 7.30 -8.97
N VAL C 92 17.92 6.90 -9.95
CA VAL C 92 18.20 5.49 -10.16
C VAL C 92 18.95 4.91 -8.96
N ALA C 93 19.93 5.64 -8.42
CA ALA C 93 20.69 5.14 -7.28
C ALA C 93 19.79 4.94 -6.07
N VAL C 94 18.86 5.88 -5.83
CA VAL C 94 17.98 5.75 -4.69
C VAL C 94 17.06 4.54 -4.85
N SER C 95 16.69 4.20 -6.09
CA SER C 95 15.79 3.06 -6.28
C SER C 95 16.39 1.74 -5.80
N PHE C 96 17.71 1.65 -5.71
CA PHE C 96 18.31 0.47 -5.10
C PHE C 96 18.12 0.46 -3.59
N GLU C 97 17.96 1.65 -2.97
CA GLU C 97 17.71 1.71 -1.52
C GLU C 97 16.24 1.64 -1.17
N GLU C 98 15.35 2.19 -2.01
CA GLU C 98 13.91 2.16 -1.79
C GLU C 98 13.20 1.50 -2.96
N PRO C 99 13.53 0.24 -3.29
CA PRO C 99 12.86 -0.37 -4.44
C PRO C 99 11.35 -0.42 -4.32
N GLU C 100 10.82 -0.75 -3.13
CA GLU C 100 9.37 -0.90 -2.97
C GLU C 100 8.66 0.44 -3.11
N TYR C 101 9.12 1.46 -2.36
CA TYR C 101 8.54 2.79 -2.52
C TYR C 101 8.62 3.26 -3.95
N THR C 102 9.75 2.99 -4.62
CA THR C 102 9.91 3.39 -6.02
C THR C 102 8.89 2.68 -6.91
N ALA C 103 8.66 1.39 -6.68
CA ALA C 103 7.67 0.65 -7.47
C ALA C 103 6.27 1.21 -7.22
N ASN C 104 5.97 1.51 -5.96
CA ASN C 104 4.64 1.99 -5.62
C ASN C 104 4.36 3.33 -6.28
N SER C 105 5.36 4.22 -6.30
CA SER C 105 5.21 5.54 -6.90
C SER C 105 5.30 5.50 -8.43
N ASP C 106 6.32 4.84 -8.96
CA ASP C 106 6.63 4.94 -10.39
C ASP C 106 5.86 3.95 -11.23
N ALA C 107 5.53 2.79 -10.67
CA ALA C 107 4.78 1.78 -11.42
C ALA C 107 3.30 1.88 -11.12
N LEU C 108 2.91 1.68 -9.86
CA LEU C 108 1.49 1.70 -9.54
C LEU C 108 0.90 3.10 -9.65
N GLY C 109 1.72 4.15 -9.48
CA GLY C 109 1.21 5.50 -9.61
C GLY C 109 0.57 5.76 -10.96
N ALA C 110 1.21 5.31 -12.05
CA ALA C 110 0.64 5.49 -13.38
C ALA C 110 -0.67 4.72 -13.55
N LEU C 111 -0.70 3.47 -13.07
CA LEU C 111 -1.93 2.71 -13.09
C LEU C 111 -3.06 3.47 -12.38
N ARG C 112 -2.75 4.04 -11.21
CA ARG C 112 -3.79 4.74 -10.45
C ARG C 112 -4.40 5.89 -11.27
N LEU C 113 -3.55 6.62 -11.99
CA LEU C 113 -4.05 7.70 -12.83
C LEU C 113 -4.88 7.15 -13.97
N LEU C 114 -4.38 6.12 -14.65
CA LEU C 114 -5.14 5.56 -15.76
C LEU C 114 -6.44 4.95 -15.26
N GLU C 115 -6.39 4.25 -14.13
CA GLU C 115 -7.64 3.64 -13.64
C GLU C 115 -8.63 4.70 -13.18
N ALA C 116 -8.14 5.84 -12.68
CA ALA C 116 -9.04 6.93 -12.33
C ALA C 116 -9.75 7.47 -13.58
N ILE C 117 -9.02 7.66 -14.69
CA ILE C 117 -9.67 8.10 -15.92
C ILE C 117 -10.77 7.12 -16.32
N ARG C 118 -10.51 5.82 -16.22
CA ARG C 118 -11.50 4.84 -16.62
C ARG C 118 -12.69 4.85 -15.66
N ILE C 119 -12.41 4.80 -14.35
CA ILE C 119 -13.48 4.75 -13.36
C ILE C 119 -14.35 5.99 -13.44
N LEU C 120 -13.76 7.15 -13.69
CA LEU C 120 -14.52 8.38 -13.69
C LEU C 120 -15.21 8.63 -15.03
N GLY C 121 -15.10 7.70 -15.97
CA GLY C 121 -15.74 7.86 -17.26
C GLY C 121 -15.13 8.95 -18.11
N MET C 122 -13.80 9.11 -18.08
CA MET C 122 -13.14 10.20 -18.79
C MET C 122 -12.37 9.73 -20.01
N GLU C 123 -12.69 8.52 -20.51
CA GLU C 123 -11.89 7.91 -21.56
C GLU C 123 -11.92 8.72 -22.85
N LYS C 124 -13.00 9.44 -23.12
CA LYS C 124 -13.13 10.22 -24.34
C LYS C 124 -12.78 11.68 -24.15
N GLN C 125 -12.43 12.10 -22.95
CA GLN C 125 -12.11 13.50 -22.67
C GLN C 125 -10.65 13.76 -22.36
N THR C 126 -9.93 12.79 -21.78
CA THR C 126 -8.64 13.02 -21.15
C THR C 126 -7.56 12.26 -21.90
N ARG C 127 -6.50 12.97 -22.28
CA ARG C 127 -5.32 12.35 -22.87
C ARG C 127 -4.23 12.25 -21.83
N TYR C 128 -3.45 11.16 -21.88
CA TYR C 128 -2.53 10.79 -20.82
C TYR C 128 -1.14 10.62 -21.38
N TYR C 129 -0.18 11.28 -20.76
CA TYR C 129 1.23 11.16 -21.12
C TYR C 129 1.96 10.47 -19.98
N GLN C 130 2.72 9.42 -20.31
CA GLN C 130 3.54 8.74 -19.32
C GLN C 130 5.02 9.10 -19.51
N ALA C 131 5.65 9.55 -18.43
CA ALA C 131 7.07 9.90 -18.47
C ALA C 131 7.91 8.62 -18.48
N SER C 132 7.91 7.97 -19.63
CA SER C 132 8.86 6.89 -19.88
C SER C 132 10.25 7.48 -20.15
N THR C 133 11.22 6.60 -20.37
CA THR C 133 12.61 6.97 -20.16
C THR C 133 13.49 5.99 -20.92
N SER C 134 14.68 6.47 -21.29
CA SER C 134 15.69 5.62 -21.89
C SER C 134 16.26 4.60 -20.92
N GLU C 135 16.02 4.74 -19.61
CA GLU C 135 16.44 3.70 -18.67
C GLU C 135 15.77 2.36 -18.96
N LEU C 136 14.68 2.34 -19.72
CA LEU C 136 14.08 1.06 -20.09
C LEU C 136 15.04 0.19 -20.87
N TYR C 137 15.95 0.81 -21.65
CA TYR C 137 16.88 0.07 -22.51
C TYR C 137 18.04 -0.54 -21.73
N GLY C 138 18.39 0.06 -20.59
CA GLY C 138 19.35 -0.48 -19.65
C GLY C 138 20.59 -1.08 -20.27
N LEU C 139 20.71 -2.40 -20.19
CA LEU C 139 21.77 -3.12 -20.88
C LEU C 139 21.37 -3.17 -22.35
N VAL C 140 21.86 -2.19 -23.11
CA VAL C 140 21.28 -1.87 -24.41
C VAL C 140 21.44 -3.04 -25.36
N GLN C 141 20.34 -3.39 -26.04
CA GLN C 141 20.27 -4.52 -26.97
C GLN C 141 20.50 -4.11 -28.42
N GLU C 142 20.35 -2.83 -28.73
CA GLU C 142 20.73 -2.22 -30.00
C GLU C 142 21.39 -0.89 -29.71
N ILE C 143 22.31 -0.49 -30.59
CA ILE C 143 22.90 0.85 -30.55
C ILE C 143 22.78 1.43 -31.95
N PRO C 144 22.07 2.55 -32.13
CA PRO C 144 21.34 3.27 -31.08
C PRO C 144 20.02 2.59 -30.70
N GLN C 145 19.35 3.14 -29.69
CA GLN C 145 18.08 2.61 -29.21
C GLN C 145 16.92 3.39 -29.83
N LYS C 146 15.94 2.64 -30.35
CA LYS C 146 14.76 3.23 -30.97
C LYS C 146 13.50 2.66 -30.33
N GLU C 147 12.33 2.98 -30.86
CA GLU C 147 11.08 2.55 -30.23
C GLU C 147 10.95 1.04 -30.16
N THR C 148 11.56 0.32 -31.10
CA THR C 148 11.44 -1.12 -31.20
C THR C 148 12.61 -1.87 -30.56
N THR C 149 13.59 -1.16 -30.00
CA THR C 149 14.67 -1.80 -29.28
C THR C 149 14.12 -2.48 -28.03
N PRO C 150 14.31 -3.78 -27.84
CA PRO C 150 13.74 -4.45 -26.67
C PRO C 150 14.34 -3.93 -25.37
N PHE C 151 13.50 -3.90 -24.33
CA PHE C 151 13.92 -3.30 -23.09
C PHE C 151 14.76 -4.27 -22.27
N TYR C 152 15.59 -3.71 -21.38
CA TYR C 152 16.43 -4.51 -20.49
C TYR C 152 16.72 -3.70 -19.24
N PRO C 153 15.76 -3.65 -18.29
CA PRO C 153 15.94 -2.80 -17.10
C PRO C 153 17.11 -3.25 -16.25
N ARG C 154 17.77 -2.28 -15.62
CA ARG C 154 18.97 -2.56 -14.84
C ARG C 154 18.89 -2.00 -13.43
N SER C 155 17.74 -1.50 -13.01
CA SER C 155 17.57 -1.00 -11.66
C SER C 155 16.12 -1.21 -11.27
N PRO C 156 15.80 -1.16 -9.97
CA PRO C 156 14.39 -1.18 -9.56
C PRO C 156 13.59 0.01 -10.10
N TYR C 157 14.27 1.11 -10.41
CA TYR C 157 13.62 2.24 -11.06
C TYR C 157 13.18 1.89 -12.47
N ALA C 158 14.08 1.27 -13.24
CA ALA C 158 13.74 0.97 -14.63
C ALA C 158 12.68 -0.13 -14.70
N ALA C 159 12.80 -1.15 -13.85
CA ALA C 159 11.74 -2.16 -13.75
C ALA C 159 10.38 -1.51 -13.49
N ALA C 160 10.32 -0.60 -12.53
CA ALA C 160 9.06 0.07 -12.20
C ALA C 160 8.56 0.91 -13.38
N LYS C 161 9.46 1.64 -14.04
CA LYS C 161 9.09 2.40 -15.23
C LYS C 161 8.63 1.48 -16.36
N LEU C 162 9.25 0.28 -16.47
CA LEU C 162 8.81 -0.66 -17.50
C LEU C 162 7.36 -1.07 -17.30
N TYR C 163 6.96 -1.31 -16.05
CA TYR C 163 5.56 -1.61 -15.78
C TYR C 163 4.68 -0.47 -16.25
N ALA C 164 5.03 0.77 -15.86
CA ALA C 164 4.21 1.92 -16.21
C ALA C 164 4.16 2.12 -17.71
N TYR C 165 5.24 1.80 -18.41
CA TYR C 165 5.20 1.82 -19.87
C TYR C 165 4.14 0.86 -20.38
N TRP C 166 4.13 -0.37 -19.85
CA TRP C 166 3.23 -1.35 -20.42
C TRP C 166 1.78 -1.17 -19.95
N ILE C 167 1.57 -0.66 -18.73
CA ILE C 167 0.20 -0.36 -18.32
C ILE C 167 -0.35 0.82 -19.13
N THR C 168 0.53 1.71 -19.59
CA THR C 168 0.07 2.78 -20.47
C THR C 168 -0.31 2.23 -21.84
N VAL C 169 0.54 1.35 -22.39
CA VAL C 169 0.19 0.69 -23.64
C VAL C 169 -1.10 -0.13 -23.49
N ASN C 170 -1.25 -0.83 -22.37
CA ASN C 170 -2.41 -1.71 -22.20
C ASN C 170 -3.71 -0.90 -22.15
N TYR C 171 -3.73 0.22 -21.41
CA TYR C 171 -4.95 1.03 -21.35
C TYR C 171 -5.28 1.66 -22.69
N ARG C 172 -4.26 2.00 -23.48
CA ARG C 172 -4.50 2.43 -24.85
C ARG C 172 -5.13 1.32 -25.67
N GLU C 173 -4.56 0.10 -25.60
CA GLU C 173 -5.06 -0.97 -26.47
C GLU C 173 -6.36 -1.57 -25.95
N ALA C 174 -6.47 -1.78 -24.63
CA ALA C 174 -7.65 -2.46 -24.09
C ALA C 174 -8.87 -1.55 -24.07
N TYR C 175 -8.68 -0.26 -23.75
CA TYR C 175 -9.80 0.64 -23.51
C TYR C 175 -9.89 1.79 -24.50
N GLY C 176 -8.93 1.92 -25.41
CA GLY C 176 -8.97 3.02 -26.36
C GLY C 176 -8.66 4.37 -25.77
N ILE C 177 -8.06 4.40 -24.58
CA ILE C 177 -7.69 5.68 -23.98
C ILE C 177 -6.51 6.27 -24.74
N TYR C 178 -6.57 7.58 -25.01
CA TYR C 178 -5.42 8.28 -25.57
C TYR C 178 -4.32 8.35 -24.54
N ALA C 179 -3.39 7.40 -24.57
CA ALA C 179 -2.29 7.32 -23.61
C ALA C 179 -1.02 7.00 -24.36
N CYS C 180 0.04 7.78 -24.13
CA CYS C 180 1.28 7.52 -24.85
C CYS C 180 2.49 7.59 -23.94
N ASN C 181 3.58 7.02 -24.44
CA ASN C 181 4.86 6.95 -23.73
C ASN C 181 5.87 7.84 -24.43
N GLY C 182 6.25 8.92 -23.76
CA GLY C 182 7.46 9.60 -24.15
C GLY C 182 8.69 8.85 -23.66
N ILE C 183 9.40 8.21 -24.58
CA ILE C 183 10.65 7.52 -24.24
C ILE C 183 11.76 8.57 -24.38
N LEU C 184 11.91 9.36 -23.31
CA LEU C 184 12.83 10.50 -23.32
C LEU C 184 14.19 10.06 -22.80
N PHE C 185 15.25 10.44 -23.52
CA PHE C 185 16.58 10.22 -23.00
C PHE C 185 16.94 11.34 -22.03
N ASN C 186 18.06 11.17 -21.33
CA ASN C 186 18.47 12.11 -20.28
C ASN C 186 18.38 13.55 -20.75
N HIS C 187 17.70 14.39 -19.96
CA HIS C 187 17.67 15.81 -20.25
C HIS C 187 17.89 16.58 -18.96
N GLU C 188 18.72 17.62 -19.04
CA GLU C 188 19.18 18.37 -17.89
C GLU C 188 18.79 19.83 -18.07
N SER C 189 19.17 20.65 -17.08
CA SER C 189 18.79 22.05 -16.99
C SER C 189 19.36 22.63 -15.70
N PRO C 190 19.30 23.95 -15.50
CA PRO C 190 19.67 24.51 -14.18
C PRO C 190 18.76 24.09 -13.05
N LEU C 191 17.59 23.52 -13.33
CA LEU C 191 16.67 23.02 -12.31
C LEU C 191 16.88 21.54 -11.99
N ARG C 192 17.86 20.90 -12.61
CA ARG C 192 18.14 19.49 -12.34
C ARG C 192 18.43 19.27 -10.85
N GLY C 193 17.90 18.17 -10.31
CA GLY C 193 18.18 17.83 -8.92
C GLY C 193 19.68 17.69 -8.68
N GLU C 194 20.11 18.09 -7.48
CA GLU C 194 21.52 18.31 -7.20
C GLU C 194 22.35 17.03 -7.12
N THR C 195 21.73 15.86 -6.98
CA THR C 195 22.51 14.63 -6.86
C THR C 195 22.58 13.84 -8.16
N PHE C 196 21.86 14.26 -9.21
CA PHE C 196 22.13 13.72 -10.53
C PHE C 196 23.51 14.19 -11.00
N VAL C 197 24.10 13.43 -11.91
CA VAL C 197 25.54 13.57 -12.14
C VAL C 197 25.87 14.94 -12.73
N THR C 198 25.07 15.42 -13.70
CA THR C 198 25.43 16.65 -14.39
C THR C 198 25.35 17.84 -13.44
N ARG C 199 24.32 17.86 -12.60
CA ARG C 199 24.14 18.97 -11.67
C ARG C 199 25.12 18.89 -10.51
N LYS C 200 25.43 17.68 -10.06
CA LYS C 200 26.47 17.50 -9.06
C LYS C 200 27.78 18.06 -9.56
N ILE C 201 28.09 17.83 -10.84
CA ILE C 201 29.34 18.33 -11.42
C ILE C 201 29.34 19.85 -11.47
N THR C 202 28.32 20.45 -12.09
CA THR C 202 28.33 21.91 -12.25
C THR C 202 28.23 22.63 -10.90
N ARG C 203 27.52 22.04 -9.94
CA ARG C 203 27.46 22.62 -8.61
C ARG C 203 28.82 22.54 -7.91
N ALA C 204 29.48 21.38 -8.01
CA ALA C 204 30.78 21.21 -7.37
C ALA C 204 31.84 22.09 -8.00
N LEU C 205 31.83 22.21 -9.33
CA LEU C 205 32.82 23.02 -10.03
C LEU C 205 32.65 24.51 -9.70
N ALA C 206 31.41 24.99 -9.64
CA ALA C 206 31.19 26.39 -9.28
C ALA C 206 31.71 26.68 -7.88
N ARG C 207 31.43 25.79 -6.94
CA ARG C 207 31.85 26.00 -5.55
C ARG C 207 33.34 25.74 -5.34
N ILE C 208 33.95 24.89 -6.16
CA ILE C 208 35.41 24.76 -6.12
C ILE C 208 36.09 26.03 -6.62
N LYS C 209 35.58 26.60 -7.72
CA LYS C 209 36.19 27.80 -8.28
C LYS C 209 36.10 28.98 -7.32
N ILE C 210 34.95 29.13 -6.67
CA ILE C 210 34.79 30.20 -5.68
C ILE C 210 35.65 29.94 -4.46
N GLY C 211 35.93 28.68 -4.14
CA GLY C 211 36.69 28.32 -2.95
C GLY C 211 35.88 27.72 -1.83
N ASN C 212 34.56 27.56 -1.99
CA ASN C 212 33.73 26.97 -0.94
C ASN C 212 33.88 25.46 -0.86
N GLN C 213 34.42 24.82 -1.90
CA GLN C 213 34.55 23.37 -1.95
C GLN C 213 35.94 22.98 -2.45
N ASN C 214 36.42 21.83 -1.98
CA ASN C 214 37.77 21.36 -2.24
C ASN C 214 37.86 20.37 -3.40
N ARG C 215 37.00 19.35 -3.43
CA ARG C 215 37.14 18.25 -4.38
C ARG C 215 35.77 17.77 -4.86
N LEU C 216 35.74 17.23 -6.07
CA LEU C 216 34.55 16.61 -6.63
C LEU C 216 34.74 15.11 -6.71
N TYR C 217 33.88 14.35 -6.02
CA TYR C 217 33.94 12.90 -5.97
C TYR C 217 32.85 12.30 -6.84
N LEU C 218 33.23 11.42 -7.77
CA LEU C 218 32.32 10.83 -8.73
C LEU C 218 32.47 9.32 -8.74
N GLY C 219 31.55 8.67 -9.46
CA GLY C 219 31.58 7.22 -9.61
C GLY C 219 32.14 6.78 -10.94
N ASN C 220 31.30 6.21 -11.80
CA ASN C 220 31.74 5.67 -13.09
C ASN C 220 31.96 6.81 -14.07
N LEU C 221 33.23 7.12 -14.35
CA LEU C 221 33.53 8.22 -15.25
C LEU C 221 33.30 7.88 -16.71
N ASP C 222 33.24 6.60 -17.04
CA ASP C 222 33.08 6.12 -18.41
C ASP C 222 31.62 6.04 -18.87
N SER C 223 30.66 6.31 -17.99
CA SER C 223 29.27 6.14 -18.36
C SER C 223 28.90 7.14 -19.45
N LEU C 224 28.26 6.66 -20.51
CA LEU C 224 27.96 7.46 -21.69
C LEU C 224 26.48 7.77 -21.73
N ARG C 225 26.13 9.04 -21.96
CA ARG C 225 24.74 9.49 -21.97
C ARG C 225 24.46 10.44 -23.12
N ASP C 226 23.26 10.29 -23.69
CA ASP C 226 22.67 11.23 -24.64
C ASP C 226 21.96 12.31 -23.81
N TRP C 227 22.53 13.51 -23.78
CA TRP C 227 22.09 14.58 -22.89
C TRP C 227 21.47 15.71 -23.68
N GLY C 228 20.23 16.08 -23.34
CA GLY C 228 19.55 17.19 -23.96
C GLY C 228 19.12 18.21 -22.92
N HIS C 229 18.38 19.23 -23.33
CA HIS C 229 17.87 20.25 -22.40
C HIS C 229 16.38 20.04 -22.17
N ALA C 230 15.99 20.07 -20.89
CA ALA C 230 14.60 19.79 -20.53
C ALA C 230 13.62 20.75 -21.19
N ARG C 231 14.04 22.00 -21.48
CA ARG C 231 13.12 22.94 -22.10
C ARG C 231 12.70 22.49 -23.49
N ASP C 232 13.62 21.85 -24.23
CA ASP C 232 13.23 21.29 -25.51
C ASP C 232 12.32 20.08 -25.31
N TYR C 233 12.59 19.29 -24.29
CA TYR C 233 11.91 18.00 -24.16
C TYR C 233 10.47 18.14 -23.70
N VAL C 234 10.16 19.11 -22.84
CA VAL C 234 8.78 19.22 -22.35
C VAL C 234 7.86 19.66 -23.48
N GLU C 235 8.40 20.38 -24.45
CA GLU C 235 7.61 20.75 -25.61
C GLU C 235 7.15 19.51 -26.38
N MET C 236 7.98 18.46 -26.43
CA MET C 236 7.56 17.23 -27.07
C MET C 236 6.59 16.45 -26.20
N GLN C 237 6.68 16.61 -24.88
CA GLN C 237 5.66 16.00 -24.02
C GLN C 237 4.29 16.59 -24.33
N TRP C 238 4.22 17.92 -24.43
CA TRP C 238 2.97 18.55 -24.79
C TRP C 238 2.52 18.15 -26.19
N LEU C 239 3.44 18.14 -27.16
CA LEU C 239 3.06 17.89 -28.55
C LEU C 239 2.52 16.49 -28.75
N MET C 240 3.10 15.51 -28.06
CA MET C 240 2.64 14.12 -28.20
C MET C 240 1.17 13.97 -27.82
N LEU C 241 0.61 14.86 -27.00
CA LEU C 241 -0.79 14.81 -26.62
C LEU C 241 -1.70 15.58 -27.57
N GLN C 242 -1.14 16.17 -28.63
CA GLN C 242 -1.92 16.94 -29.59
C GLN C 242 -2.15 16.19 -30.89
N GLN C 243 -1.72 14.94 -31.00
CA GLN C 243 -1.79 14.21 -32.25
C GLN C 243 -3.17 13.57 -32.46
N ASP C 244 -3.36 13.04 -33.68
CA ASP C 244 -4.63 12.41 -34.01
C ASP C 244 -4.76 11.05 -33.34
N GLN C 245 -3.67 10.30 -33.23
CA GLN C 245 -3.65 9.00 -32.60
C GLN C 245 -2.55 8.94 -31.56
N PRO C 246 -2.77 8.22 -30.47
CA PRO C 246 -1.72 8.10 -29.44
C PRO C 246 -0.61 7.15 -29.87
N GLU C 247 0.63 7.54 -29.60
CA GLU C 247 1.79 6.83 -30.09
C GLU C 247 2.98 7.08 -29.16
N ASP C 248 3.90 6.11 -29.11
CA ASP C 248 5.12 6.25 -28.30
C ASP C 248 6.28 6.79 -29.15
N PHE C 249 7.06 7.70 -28.57
CA PHE C 249 8.15 8.36 -29.27
C PHE C 249 9.43 8.37 -28.42
N VAL C 250 10.54 7.97 -29.04
CA VAL C 250 11.85 8.27 -28.48
C VAL C 250 12.13 9.75 -28.73
N ILE C 251 12.60 10.45 -27.68
CA ILE C 251 13.09 11.81 -27.82
C ILE C 251 14.53 11.84 -27.33
N ALA C 252 15.43 12.33 -28.17
CA ALA C 252 16.85 12.22 -27.91
C ALA C 252 17.62 13.13 -28.86
N THR C 253 18.86 13.45 -28.49
CA THR C 253 19.66 14.30 -29.35
C THR C 253 20.35 13.52 -30.47
N GLY C 254 20.71 12.26 -30.23
CA GLY C 254 21.42 11.48 -31.21
C GLY C 254 22.92 11.51 -31.05
N LYS C 255 23.41 12.19 -30.02
CA LYS C 255 24.83 12.22 -29.68
C LYS C 255 24.93 11.88 -28.21
N GLN C 256 25.98 11.17 -27.83
CA GLN C 256 26.22 10.85 -26.44
C GLN C 256 27.59 11.37 -26.01
N TYR C 257 27.69 11.68 -24.73
CA TYR C 257 28.93 12.16 -24.12
C TYR C 257 29.15 11.38 -22.84
N SER C 258 30.41 11.25 -22.43
CA SER C 258 30.72 10.55 -21.20
C SER C 258 30.74 11.52 -20.00
N VAL C 259 30.64 10.93 -18.80
CA VAL C 259 30.72 11.73 -17.58
C VAL C 259 32.03 12.51 -17.56
N ARG C 260 33.13 11.84 -17.92
CA ARG C 260 34.43 12.50 -18.00
C ARG C 260 34.39 13.70 -18.93
N GLU C 261 33.75 13.55 -20.09
CA GLU C 261 33.62 14.67 -21.03
C GLU C 261 32.81 15.80 -20.42
N PHE C 262 31.77 15.47 -19.65
CA PHE C 262 30.95 16.50 -19.01
C PHE C 262 31.76 17.31 -18.02
N VAL C 263 32.58 16.64 -17.20
CA VAL C 263 33.47 17.35 -16.29
C VAL C 263 34.41 18.25 -17.07
N THR C 264 35.07 17.69 -18.09
CA THR C 264 36.03 18.44 -18.89
C THR C 264 35.37 19.66 -19.54
N LEU C 265 34.18 19.48 -20.13
CA LEU C 265 33.49 20.62 -20.72
C LEU C 265 33.11 21.64 -19.65
N ALA C 266 32.49 21.18 -18.56
CA ALA C 266 32.02 22.10 -17.52
C ALA C 266 33.17 22.83 -16.86
N ALA C 267 34.30 22.13 -16.65
CA ALA C 267 35.48 22.78 -16.10
C ALA C 267 36.02 23.84 -17.04
N LYS C 268 35.93 23.58 -18.35
CA LYS C 268 36.39 24.56 -19.32
C LYS C 268 35.67 25.88 -19.15
N ASP C 269 34.38 25.83 -18.79
CA ASP C 269 33.59 27.04 -18.65
C ASP C 269 33.95 27.85 -17.41
N ILE C 270 34.60 27.24 -16.43
CA ILE C 270 35.08 27.97 -15.27
C ILE C 270 36.59 28.20 -15.36
N GLY C 271 37.18 28.03 -16.53
CA GLY C 271 38.57 28.38 -16.73
C GLY C 271 39.56 27.32 -16.29
N ILE C 272 39.12 26.06 -16.16
CA ILE C 272 39.98 24.96 -15.76
C ILE C 272 40.10 23.99 -16.93
N GLU C 273 41.34 23.75 -17.37
CA GLU C 273 41.64 22.70 -18.33
C GLU C 273 41.92 21.43 -17.56
N MET C 274 41.03 20.45 -17.69
CA MET C 274 41.18 19.21 -16.95
C MET C 274 42.25 18.34 -17.59
N ARG C 275 43.08 17.73 -16.76
CA ARG C 275 44.01 16.70 -17.18
C ARG C 275 43.71 15.46 -16.34
N TRP C 276 43.55 14.32 -17.00
CA TRP C 276 43.20 13.07 -16.35
C TRP C 276 44.41 12.16 -16.31
N GLU C 277 44.70 11.62 -15.13
CA GLU C 277 45.79 10.67 -14.92
C GLU C 277 45.27 9.52 -14.08
N GLY C 278 45.53 8.30 -14.53
CA GLY C 278 45.16 7.12 -13.78
C GLY C 278 44.00 6.38 -14.42
N SER C 279 43.77 5.18 -13.90
CA SER C 279 42.78 4.27 -14.47
C SER C 279 41.87 3.75 -13.36
N GLY C 280 40.61 3.54 -13.72
CA GLY C 280 39.69 2.91 -12.80
C GLY C 280 39.45 3.74 -11.55
N GLU C 281 39.52 3.08 -10.39
CA GLU C 281 39.27 3.76 -9.12
C GLU C 281 40.41 4.70 -8.72
N ALA C 282 41.59 4.52 -9.30
CA ALA C 282 42.72 5.40 -9.05
C ALA C 282 42.72 6.64 -9.94
N GLU C 283 41.83 6.71 -10.92
CA GLU C 283 41.83 7.83 -11.85
C GLU C 283 41.50 9.14 -11.12
N LYS C 284 42.21 10.20 -11.48
CA LYS C 284 42.02 11.51 -10.88
C LYS C 284 42.10 12.57 -11.97
N GLY C 285 41.35 13.65 -11.76
CA GLY C 285 41.34 14.78 -12.68
C GLY C 285 41.99 15.99 -12.02
N TYR C 286 42.92 16.61 -12.75
CA TYR C 286 43.71 17.72 -12.23
C TYR C 286 43.50 18.95 -13.09
N ASP C 287 43.66 20.12 -12.47
CA ASP C 287 43.79 21.36 -13.23
C ASP C 287 45.14 21.35 -13.93
N ALA C 288 45.13 21.42 -15.26
CA ALA C 288 46.38 21.34 -16.02
C ALA C 288 47.33 22.47 -15.62
N LYS C 289 46.81 23.67 -15.38
CA LYS C 289 47.69 24.81 -15.12
C LYS C 289 48.25 24.79 -13.70
N THR C 290 47.38 24.65 -12.70
CA THR C 290 47.83 24.72 -11.32
C THR C 290 48.31 23.39 -10.77
N GLY C 291 47.87 22.26 -11.35
CA GLY C 291 48.23 20.96 -10.83
C GLY C 291 47.35 20.47 -9.68
N ALA C 292 46.33 21.22 -9.29
CA ALA C 292 45.52 20.86 -8.15
C ALA C 292 44.58 19.72 -8.49
N CYS C 293 44.33 18.86 -7.50
CA CYS C 293 43.41 17.75 -7.70
C CYS C 293 41.98 18.24 -7.55
N ILE C 294 41.19 18.06 -8.59
CA ILE C 294 39.81 18.49 -8.62
C ILE C 294 38.84 17.32 -8.49
N VAL C 295 39.16 16.20 -9.13
CA VAL C 295 38.21 15.09 -9.25
C VAL C 295 38.90 13.81 -8.79
N GLU C 296 38.21 13.04 -7.95
CA GLU C 296 38.61 11.69 -7.56
C GLU C 296 37.40 10.78 -7.66
N VAL C 297 37.67 9.48 -7.66
CA VAL C 297 36.62 8.46 -7.80
C VAL C 297 36.33 7.86 -6.43
N ASP C 298 35.05 7.89 -6.04
CA ASP C 298 34.61 7.19 -4.83
C ASP C 298 33.68 6.07 -5.24
N PRO C 299 34.06 4.81 -5.02
CA PRO C 299 33.20 3.69 -5.44
C PRO C 299 31.83 3.71 -4.79
N ARG C 300 31.65 4.47 -3.71
CA ARG C 300 30.34 4.59 -3.08
C ARG C 300 29.28 5.12 -4.03
N TYR C 301 29.68 5.72 -5.15
CA TYR C 301 28.76 6.25 -6.14
C TYR C 301 28.53 5.30 -7.32
N PHE C 302 29.22 4.16 -7.36
CA PHE C 302 28.88 3.14 -8.34
C PHE C 302 27.47 2.65 -8.08
N ARG C 303 26.76 2.21 -9.18
CA ARG C 303 25.48 1.58 -8.91
C ARG C 303 25.64 0.06 -8.85
N PRO C 304 24.81 -0.64 -8.07
CA PRO C 304 24.91 -2.12 -8.03
C PRO C 304 24.89 -2.76 -9.41
N ALA C 305 24.04 -2.26 -10.31
CA ALA C 305 24.07 -2.66 -11.71
C ALA C 305 24.03 -1.39 -12.53
N GLU C 306 25.04 -1.19 -13.37
CA GLU C 306 25.25 0.05 -14.11
C GLU C 306 24.60 -0.03 -15.49
N VAL C 307 24.15 1.13 -15.97
CA VAL C 307 23.80 1.35 -17.37
C VAL C 307 24.95 2.10 -18.01
N GLU C 308 25.69 1.42 -18.88
CA GLU C 308 26.97 1.94 -19.35
C GLU C 308 26.84 2.97 -20.47
N THR C 309 25.85 2.83 -21.34
CA THR C 309 25.80 3.70 -22.51
C THR C 309 24.37 3.82 -23.00
N LEU C 310 23.92 5.06 -23.26
CA LEU C 310 22.62 5.32 -23.86
C LEU C 310 22.79 6.27 -25.03
N LEU C 311 22.11 5.96 -26.13
CA LEU C 311 22.15 6.77 -27.34
C LEU C 311 20.87 6.52 -28.10
N GLY C 312 20.08 7.58 -28.33
CA GLY C 312 18.74 7.46 -28.86
C GLY C 312 18.65 7.82 -30.34
N ASP C 313 17.86 7.04 -31.07
CA ASP C 313 17.52 7.33 -32.47
C ASP C 313 16.10 7.87 -32.46
N ALA C 314 15.97 9.20 -32.57
CA ALA C 314 14.66 9.83 -32.59
C ALA C 314 14.17 10.14 -34.01
N THR C 315 14.47 9.26 -34.97
CA THR C 315 14.05 9.49 -36.35
C THR C 315 12.54 9.66 -36.46
N LYS C 316 11.78 8.78 -35.78
CA LYS C 316 10.32 8.81 -35.90
C LYS C 316 9.74 10.10 -35.35
N ALA C 317 10.23 10.55 -34.18
CA ALA C 317 9.79 11.83 -33.66
C ALA C 317 10.17 12.98 -34.59
N HIS C 318 11.35 12.91 -35.20
CA HIS C 318 11.71 13.91 -36.20
C HIS C 318 10.74 13.87 -37.37
N GLN C 319 10.44 12.68 -37.88
CA GLN C 319 9.58 12.56 -39.05
C GLN C 319 8.14 12.91 -38.73
N LYS C 320 7.62 12.44 -37.58
CA LYS C 320 6.20 12.61 -37.30
C LYS C 320 5.88 13.86 -36.49
N LEU C 321 6.81 14.32 -35.65
CA LEU C 321 6.56 15.49 -34.81
C LEU C 321 7.41 16.70 -35.17
N GLY C 322 8.39 16.54 -36.05
CA GLY C 322 9.32 17.63 -36.32
C GLY C 322 10.31 17.87 -35.21
N TRP C 323 10.67 16.82 -34.47
CA TRP C 323 11.57 16.92 -33.32
C TRP C 323 12.98 17.29 -33.76
N LYS C 324 13.42 18.48 -33.41
CA LYS C 324 14.82 18.86 -33.59
CA LYS C 324 14.82 18.84 -33.58
C LYS C 324 15.25 19.62 -32.35
N PRO C 325 16.26 19.12 -31.62
CA PRO C 325 16.76 19.85 -30.45
C PRO C 325 17.27 21.23 -30.83
N LYS C 326 16.78 22.25 -30.12
CA LYS C 326 17.20 23.62 -30.34
C LYS C 326 18.41 24.03 -29.49
N ILE C 327 18.51 23.53 -28.26
CA ILE C 327 19.61 23.88 -27.37
C ILE C 327 20.64 22.77 -27.43
N SER C 328 21.89 23.15 -27.64
CA SER C 328 23.01 22.24 -27.83
C SER C 328 23.63 21.85 -26.49
N PHE C 329 24.39 20.76 -26.51
CA PHE C 329 25.07 20.30 -25.30
C PHE C 329 25.91 21.41 -24.67
N GLU C 330 26.75 22.07 -25.49
CA GLU C 330 27.64 23.09 -24.95
C GLU C 330 26.87 24.25 -24.37
N THR C 331 25.76 24.65 -25.02
CA THR C 331 24.90 25.67 -24.42
C THR C 331 24.31 25.20 -23.09
N LEU C 332 23.91 23.93 -23.00
CA LEU C 332 23.33 23.41 -21.77
C LEU C 332 24.33 23.52 -20.62
N VAL C 333 25.57 23.09 -20.87
CA VAL C 333 26.56 23.04 -19.80
C VAL C 333 26.96 24.45 -19.36
N SER C 334 27.04 25.39 -20.29
CA SER C 334 27.33 26.76 -19.93
CA SER C 334 27.34 26.76 -19.92
C SER C 334 26.22 27.34 -19.07
N GLU C 335 24.96 27.08 -19.43
CA GLU C 335 23.85 27.59 -18.64
C GLU C 335 23.86 26.97 -17.25
N MET C 336 24.18 25.68 -17.15
CA MET C 336 24.20 25.06 -15.83
C MET C 336 25.34 25.60 -14.98
N ILE C 337 26.50 25.85 -15.60
CA ILE C 337 27.63 26.39 -14.85
C ILE C 337 27.34 27.81 -14.39
N ALA C 338 26.75 28.63 -15.25
CA ALA C 338 26.42 30.01 -14.88
C ALA C 338 25.47 30.05 -13.69
N GLU C 339 24.42 29.23 -13.72
CA GLU C 339 23.44 29.24 -12.64
C GLU C 339 24.06 28.83 -11.32
N ASP C 340 24.95 27.83 -11.35
CA ASP C 340 25.54 27.36 -10.11
C ASP C 340 26.54 28.36 -9.55
N LEU C 341 27.25 29.10 -10.42
CA LEU C 341 28.06 30.20 -9.94
C LEU C 341 27.19 31.26 -9.28
N ALA C 342 26.08 31.62 -9.92
CA ALA C 342 25.21 32.65 -9.37
C ALA C 342 24.64 32.23 -8.02
N ALA C 343 24.28 30.95 -7.88
CA ALA C 343 23.77 30.46 -6.61
C ALA C 343 24.86 30.53 -5.55
N ALA C 344 26.08 30.12 -5.90
CA ALA C 344 27.17 30.20 -4.95
C ALA C 344 27.48 31.64 -4.59
N ALA C 345 27.28 32.57 -5.54
CA ALA C 345 27.49 33.99 -5.25
C ALA C 345 26.41 34.55 -4.35
N ARG C 346 25.15 34.12 -4.55
CA ARG C 346 24.09 34.60 -3.67
C ARG C 346 24.32 34.16 -2.24
N GLU C 347 24.98 33.02 -2.04
CA GLU C 347 25.27 32.52 -0.71
C GLU C 347 26.46 33.25 -0.09
N ASN C 348 27.45 33.62 -0.91
CA ASN C 348 28.56 34.44 -0.42
C ASN C 348 28.10 35.84 -0.04
N LEU C 349 27.19 36.42 -0.83
CA LEU C 349 26.65 37.74 -0.52
C LEU C 349 25.98 37.76 0.85
N LEU C 350 25.24 36.68 1.18
CA LEU C 350 24.59 36.58 2.49
C LEU C 350 25.60 36.59 3.63
N ARG C 351 26.64 35.75 3.52
CA ARG C 351 27.62 35.66 4.60
C ARG C 351 28.49 36.90 4.71
N GLU C 352 28.70 37.61 3.59
CA GLU C 352 29.47 38.85 3.65
C GLU C 352 28.72 39.93 4.43
N HIS C 353 27.39 39.87 4.44
CA HIS C 353 26.56 40.84 5.13
C HIS C 353 26.12 40.38 6.51
N GLY C 354 26.80 39.39 7.09
CA GLY C 354 26.52 38.96 8.43
C GLY C 354 25.35 38.01 8.57
N HIS C 355 24.85 37.47 7.47
CA HIS C 355 23.79 36.47 7.50
C HIS C 355 24.44 35.10 7.31
N GLN C 356 24.15 34.18 8.22
CA GLN C 356 24.73 32.85 8.12
C GLN C 356 23.98 32.02 7.08
N PHE C 357 24.72 31.29 6.26
CA PHE C 357 24.13 30.27 5.39
C PHE C 357 25.02 29.04 5.37
N PHE C 358 24.41 27.89 5.66
CA PHE C 358 25.08 26.60 5.62
C PHE C 358 24.53 25.79 4.46
N ALA C 359 25.41 25.42 3.52
CA ALA C 359 24.99 24.75 2.30
C ALA C 359 24.71 23.27 2.54
N PRO C 360 23.82 22.68 1.75
CA PRO C 360 23.57 21.24 1.85
C PRO C 360 24.61 20.44 1.07
N LYS C 361 24.73 19.17 1.45
CA LYS C 361 25.62 18.20 0.81
C LYS C 361 24.88 16.88 0.63
N GLU C 362 25.34 16.09 -0.34
CA GLU C 362 24.69 14.80 -0.63
C GLU C 362 24.75 13.85 0.56
N MET D 1 29.80 0.97 21.59
CA MET D 1 29.44 1.54 22.87
C MET D 1 28.66 2.84 22.70
N LYS D 2 29.01 3.58 21.65
CA LYS D 2 28.33 4.83 21.33
C LYS D 2 26.84 4.59 21.10
N LYS D 3 26.01 5.39 21.77
CA LYS D 3 24.57 5.24 21.60
C LYS D 3 24.14 5.61 20.19
N VAL D 4 23.28 4.78 19.61
CA VAL D 4 22.78 4.95 18.25
C VAL D 4 21.31 5.33 18.32
N ALA D 5 20.94 6.43 17.67
CA ALA D 5 19.56 6.85 17.59
C ALA D 5 19.12 6.90 16.14
N LEU D 6 17.89 6.46 15.89
CA LEU D 6 17.27 6.57 14.58
C LEU D 6 16.07 7.50 14.70
N ILE D 7 16.03 8.53 13.88
CA ILE D 7 15.00 9.55 13.94
C ILE D 7 14.31 9.56 12.59
N THR D 8 13.04 9.16 12.55
CA THR D 8 12.23 9.42 11.37
C THR D 8 11.75 10.86 11.44
N GLY D 9 11.52 11.47 10.28
CA GLY D 9 11.14 12.86 10.27
C GLY D 9 12.25 13.79 10.69
N ILE D 10 13.50 13.41 10.46
CA ILE D 10 14.62 14.23 10.90
C ILE D 10 14.68 15.56 10.15
N THR D 11 14.08 15.68 8.95
CA THR D 11 14.14 17.00 8.29
C THR D 11 13.08 17.96 8.82
N GLY D 12 12.17 17.48 9.68
CA GLY D 12 11.11 18.30 10.24
C GLY D 12 11.59 19.14 11.43
N GLN D 13 10.64 19.87 12.02
CA GLN D 13 10.95 20.77 13.14
C GLN D 13 11.51 19.99 14.31
N ASP D 14 10.75 19.00 14.81
CA ASP D 14 11.21 18.27 15.99
C ASP D 14 12.45 17.46 15.70
N GLY D 15 12.50 16.84 14.51
CA GLY D 15 13.67 16.04 14.16
C GLY D 15 14.94 16.86 14.14
N ALA D 16 14.88 18.07 13.58
CA ALA D 16 16.05 18.94 13.59
C ALA D 16 16.49 19.25 15.03
N TYR D 17 15.55 19.66 15.89
CA TYR D 17 15.92 19.95 17.27
C TYR D 17 16.39 18.70 18.01
N LEU D 18 15.78 17.54 17.71
CA LEU D 18 16.18 16.33 18.40
C LEU D 18 17.57 15.87 17.96
N ALA D 19 17.85 15.94 16.65
CA ALA D 19 19.18 15.60 16.16
C ALA D 19 20.27 16.43 16.85
N GLU D 20 20.05 17.74 16.96
CA GLU D 20 21.02 18.61 17.63
C GLU D 20 21.23 18.16 19.07
N LEU D 21 20.13 17.87 19.77
CA LEU D 21 20.23 17.44 21.18
C LEU D 21 21.01 16.14 21.31
N LEU D 22 20.77 15.19 20.41
CA LEU D 22 21.42 13.89 20.55
C LEU D 22 22.88 13.97 20.13
N LEU D 23 23.19 14.77 19.09
CA LEU D 23 24.59 15.01 18.74
C LEU D 23 25.36 15.59 19.92
N GLN D 24 24.77 16.57 20.61
CA GLN D 24 25.46 17.15 21.77
C GLN D 24 25.62 16.14 22.89
N LYS D 25 24.73 15.16 22.97
CA LYS D 25 24.85 14.11 23.99
C LYS D 25 25.78 12.98 23.57
N GLY D 26 26.44 13.07 22.42
CA GLY D 26 27.40 12.07 22.02
C GLY D 26 26.85 10.91 21.22
N TYR D 27 25.61 11.01 20.73
CA TYR D 27 25.00 9.93 19.97
C TYR D 27 25.62 9.84 18.57
N ALA D 28 25.52 8.65 17.99
CA ALA D 28 25.59 8.48 16.54
C ALA D 28 24.16 8.60 16.03
N VAL D 29 23.85 9.69 15.34
CA VAL D 29 22.48 10.03 14.99
C VAL D 29 22.23 9.64 13.54
N HIS D 30 21.16 8.89 13.33
CA HIS D 30 20.72 8.52 11.99
C HIS D 30 19.32 9.03 11.76
N GLY D 31 19.08 9.58 10.57
CA GLY D 31 17.77 10.06 10.19
C GLY D 31 17.28 9.35 8.95
N ILE D 32 15.96 9.10 8.90
CA ILE D 32 15.32 8.65 7.67
C ILE D 32 14.82 9.90 6.94
N LYS D 33 15.33 10.09 5.73
CA LYS D 33 14.97 11.20 4.89
C LYS D 33 14.25 10.67 3.66
N ARG D 34 13.18 11.36 3.25
CA ARG D 34 12.53 11.03 1.99
C ARG D 34 13.40 11.47 0.83
N ARG D 35 13.40 10.66 -0.22
CA ARG D 35 13.89 11.15 -1.50
C ARG D 35 13.09 12.37 -1.90
N THR D 36 13.80 13.44 -2.28
CA THR D 36 13.17 14.68 -2.70
C THR D 36 13.91 15.20 -3.92
N SER D 37 13.16 15.87 -4.80
CA SER D 37 13.74 16.33 -6.07
C SER D 37 14.69 17.52 -5.88
N GLN D 38 14.77 18.07 -4.67
CA GLN D 38 15.71 19.11 -4.29
C GLN D 38 16.24 18.79 -2.90
N PHE D 39 17.28 19.51 -2.50
CA PHE D 39 17.70 19.49 -1.11
C PHE D 39 16.55 19.90 -0.22
N ASN D 40 16.30 19.12 0.83
CA ASN D 40 15.24 19.43 1.78
C ASN D 40 15.76 19.40 3.22
N THR D 41 17.07 19.63 3.39
CA THR D 41 17.72 19.50 4.69
C THR D 41 18.02 20.85 5.34
N ALA D 42 17.30 21.91 4.97
CA ALA D 42 17.61 23.26 5.43
C ALA D 42 17.56 23.39 6.95
N ARG D 43 16.76 22.57 7.63
CA ARG D 43 16.67 22.64 9.09
C ARG D 43 17.90 22.05 9.77
N ILE D 44 18.67 21.21 9.09
CA ILE D 44 19.75 20.48 9.71
C ILE D 44 21.09 20.71 9.04
N ASP D 45 21.13 21.44 7.93
CA ASP D 45 22.39 21.63 7.22
C ASP D 45 23.46 22.22 8.13
N HIS D 46 23.07 23.18 8.98
CA HIS D 46 24.03 23.77 9.90
C HIS D 46 24.68 22.74 10.81
N LEU D 47 24.05 21.59 11.02
CA LEU D 47 24.62 20.58 11.91
C LEU D 47 25.88 19.95 11.33
N TYR D 48 26.09 20.03 10.02
CA TYR D 48 27.31 19.53 9.41
C TYR D 48 28.46 20.53 9.48
N HIS D 49 28.25 21.71 10.07
CA HIS D 49 29.34 22.65 10.24
C HIS D 49 30.29 22.14 11.31
N ASP D 50 31.56 21.99 10.93
CA ASP D 50 32.57 21.34 11.77
C ASP D 50 33.86 22.15 11.68
N PRO D 51 33.95 23.26 12.42
CA PRO D 51 35.13 24.13 12.28
C PRO D 51 36.39 23.50 12.85
N HIS D 52 36.29 22.83 14.00
CA HIS D 52 37.43 22.17 14.62
C HIS D 52 37.84 20.88 13.92
N GLU D 53 37.10 20.46 12.88
CA GLU D 53 37.34 19.18 12.21
C GLU D 53 37.20 18.00 13.17
N GLN D 54 36.32 18.15 14.18
CA GLN D 54 36.10 17.08 15.16
C GLN D 54 35.32 15.92 14.57
N GLY D 55 34.41 16.19 13.64
CA GLY D 55 33.55 15.19 13.05
C GLY D 55 32.11 15.35 13.52
N VAL D 56 31.17 15.09 12.61
CA VAL D 56 29.74 15.17 12.90
C VAL D 56 29.14 13.80 12.59
N ASP D 57 28.70 13.10 13.63
CA ASP D 57 28.19 11.73 13.50
C ASP D 57 26.68 11.76 13.20
N LEU D 58 26.35 12.29 12.03
CA LEU D 58 24.97 12.39 11.54
C LEU D 58 24.86 11.71 10.19
N THR D 59 24.01 10.69 10.09
CA THR D 59 23.87 9.90 8.87
C THR D 59 22.41 9.90 8.41
N LEU D 60 22.20 10.25 7.15
CA LEU D 60 20.86 10.27 6.55
C LEU D 60 20.67 9.05 5.66
N HIS D 61 19.49 8.46 5.71
CA HIS D 61 19.14 7.30 4.91
C HIS D 61 17.85 7.57 4.13
N HIS D 62 17.78 7.09 2.91
CA HIS D 62 16.55 7.20 2.14
C HIS D 62 15.57 6.11 2.57
N GLY D 63 14.33 6.50 2.81
CA GLY D 63 13.28 5.57 3.19
C GLY D 63 11.96 6.31 3.21
N ASP D 64 10.89 5.57 3.50
CA ASP D 64 9.57 6.18 3.56
C ASP D 64 8.67 5.37 4.49
N LEU D 65 7.86 6.09 5.26
CA LEU D 65 6.98 5.46 6.24
C LEU D 65 5.91 4.58 5.58
N THR D 66 5.65 4.76 4.28
CA THR D 66 4.71 3.92 3.55
C THR D 66 5.37 2.65 3.00
N ASP D 67 6.67 2.47 3.23
CA ASP D 67 7.45 1.41 2.60
C ASP D 67 8.07 0.56 3.71
N THR D 68 7.52 -0.62 3.92
CA THR D 68 8.03 -1.49 4.99
C THR D 68 9.45 -1.94 4.71
N SER D 69 9.76 -2.28 3.45
CA SER D 69 11.11 -2.72 3.08
C SER D 69 12.16 -1.67 3.42
N SER D 70 11.89 -0.40 3.08
CA SER D 70 12.90 0.62 3.34
C SER D 70 13.09 0.80 4.83
N LEU D 71 12.01 0.67 5.61
CA LEU D 71 12.13 0.84 7.06
C LEU D 71 12.91 -0.30 7.69
N VAL D 72 12.61 -1.54 7.30
CA VAL D 72 13.31 -2.69 7.84
C VAL D 72 14.78 -2.68 7.41
N ARG D 73 15.05 -2.30 6.16
CA ARG D 73 16.41 -2.14 5.70
C ARG D 73 17.17 -1.17 6.60
N ILE D 74 16.59 0.00 6.87
CA ILE D 74 17.29 1.00 7.67
C ILE D 74 17.45 0.52 9.10
N MET D 75 16.39 -0.04 9.67
CA MET D 75 16.46 -0.60 11.02
C MET D 75 17.55 -1.66 11.11
N GLN D 76 17.66 -2.50 10.07
CA GLN D 76 18.67 -3.54 10.03
C GLN D 76 20.06 -2.94 9.86
N LEU D 77 20.20 -1.94 8.97
CA LEU D 77 21.50 -1.32 8.74
C LEU D 77 21.96 -0.56 9.97
N VAL D 78 21.07 0.18 10.62
CA VAL D 78 21.48 1.09 11.69
C VAL D 78 21.52 0.39 13.04
N ARG D 79 20.58 -0.52 13.30
CA ARG D 79 20.46 -1.21 14.57
C ARG D 79 20.49 -0.25 15.76
N PRO D 80 19.53 0.66 15.84
CA PRO D 80 19.60 1.72 16.87
C PRO D 80 19.18 1.22 18.24
N ASP D 81 19.70 1.91 19.25
CA ASP D 81 19.22 1.72 20.61
C ASP D 81 17.93 2.49 20.87
N GLU D 82 17.73 3.60 20.15
CA GLU D 82 16.55 4.43 20.35
C GLU D 82 16.00 4.82 18.99
N VAL D 83 14.69 4.61 18.82
CA VAL D 83 13.96 4.98 17.61
C VAL D 83 12.94 6.05 18.00
N TYR D 84 12.97 7.18 17.29
CA TYR D 84 12.02 8.26 17.53
C TYR D 84 11.17 8.42 16.29
N ASN D 85 9.90 8.00 16.36
CA ASN D 85 9.05 8.13 15.18
C ASN D 85 8.42 9.51 15.15
N LEU D 86 9.20 10.47 14.63
CA LEU D 86 8.70 11.82 14.41
C LEU D 86 8.18 12.02 12.99
N GLY D 87 8.52 11.12 12.06
CA GLY D 87 8.05 11.26 10.69
C GLY D 87 6.54 11.19 10.57
N ALA D 88 5.95 12.12 9.82
CA ALA D 88 4.51 12.08 9.65
C ALA D 88 4.09 13.10 8.62
N GLN D 89 2.98 12.81 7.95
CA GLN D 89 2.14 13.84 7.36
C GLN D 89 1.45 14.55 8.52
N SER D 90 2.02 15.66 8.97
CA SER D 90 1.68 16.21 10.27
C SER D 90 0.66 17.34 10.23
N HIS D 91 0.18 17.73 9.07
CA HIS D 91 -0.70 18.89 8.93
C HIS D 91 -2.15 18.43 8.98
N VAL D 92 -2.93 18.97 9.92
CA VAL D 92 -4.29 18.51 10.14
C VAL D 92 -5.17 18.84 8.95
N ALA D 93 -5.06 20.06 8.41
CA ALA D 93 -5.88 20.46 7.28
C ALA D 93 -5.60 19.58 6.06
N VAL D 94 -4.33 19.26 5.80
CA VAL D 94 -4.01 18.44 4.64
C VAL D 94 -4.57 17.04 4.80
N SER D 95 -4.66 16.53 6.03
CA SER D 95 -5.16 15.18 6.25
C SER D 95 -6.60 14.99 5.77
N PHE D 96 -7.38 16.07 5.69
CA PHE D 96 -8.70 15.98 5.09
C PHE D 96 -8.62 15.80 3.58
N GLU D 97 -7.54 16.26 2.95
CA GLU D 97 -7.38 16.09 1.51
C GLU D 97 -6.69 14.77 1.13
N GLU D 98 -5.77 14.28 1.96
CA GLU D 98 -5.09 13.00 1.74
C GLU D 98 -5.29 12.08 2.94
N PRO D 99 -6.54 11.75 3.30
CA PRO D 99 -6.71 10.87 4.47
C PRO D 99 -6.01 9.53 4.33
N GLU D 100 -6.01 8.91 3.15
CA GLU D 100 -5.39 7.58 3.01
C GLU D 100 -3.88 7.64 3.14
N TYR D 101 -3.22 8.55 2.38
CA TYR D 101 -1.77 8.73 2.55
C TYR D 101 -1.43 9.05 4.00
N THR D 102 -2.23 9.90 4.63
CA THR D 102 -2.00 10.22 6.03
C THR D 102 -2.11 8.98 6.92
N ALA D 103 -3.13 8.14 6.68
CA ALA D 103 -3.24 6.91 7.45
C ALA D 103 -2.05 6.00 7.19
N ASN D 104 -1.62 5.90 5.92
CA ASN D 104 -0.54 4.99 5.59
C ASN D 104 0.76 5.43 6.25
N SER D 105 1.02 6.75 6.28
CA SER D 105 2.22 7.30 6.89
C SER D 105 2.17 7.30 8.41
N ASP D 106 1.07 7.82 8.96
CA ASP D 106 1.00 8.13 10.38
C ASP D 106 0.53 6.99 11.24
N ALA D 107 -0.31 6.10 10.71
CA ALA D 107 -0.80 4.97 11.48
C ALA D 107 0.05 3.73 11.24
N LEU D 108 0.09 3.27 9.99
CA LEU D 108 0.82 2.06 9.66
C LEU D 108 2.33 2.29 9.73
N GLY D 109 2.79 3.54 9.56
CA GLY D 109 4.21 3.82 9.72
C GLY D 109 4.75 3.42 11.09
N ALA D 110 3.99 3.73 12.15
CA ALA D 110 4.42 3.34 13.49
C ALA D 110 4.46 1.82 13.64
N LEU D 111 3.42 1.15 13.13
CA LEU D 111 3.40 -0.31 13.15
C LEU D 111 4.62 -0.89 12.44
N ARG D 112 4.95 -0.35 11.25
CA ARG D 112 6.07 -0.91 10.50
C ARG D 112 7.36 -0.85 11.29
N LEU D 113 7.58 0.26 11.99
CA LEU D 113 8.78 0.38 12.83
C LEU D 113 8.73 -0.58 14.01
N LEU D 114 7.59 -0.67 14.68
CA LEU D 114 7.50 -1.60 15.81
C LEU D 114 7.63 -3.04 15.34
N GLU D 115 7.00 -3.37 14.20
CA GLU D 115 7.09 -4.74 13.73
C GLU D 115 8.51 -5.06 13.26
N ALA D 116 9.23 -4.07 12.75
CA ALA D 116 10.63 -4.29 12.37
C ALA D 116 11.48 -4.63 13.58
N ILE D 117 11.29 -3.92 14.70
CA ILE D 117 11.99 -4.24 15.94
C ILE D 117 11.72 -5.68 16.35
N ARG D 118 10.47 -6.13 16.25
CA ARG D 118 10.13 -7.48 16.66
C ARG D 118 10.72 -8.52 15.69
N ILE D 119 10.55 -8.31 14.38
CA ILE D 119 11.05 -9.26 13.39
C ILE D 119 12.58 -9.40 13.48
N LEU D 120 13.26 -8.30 13.74
CA LEU D 120 14.72 -8.30 13.80
C LEU D 120 15.25 -8.71 15.17
N GLY D 121 14.37 -9.09 16.10
CA GLY D 121 14.80 -9.54 17.41
C GLY D 121 15.44 -8.49 18.27
N MET D 122 14.93 -7.25 18.24
CA MET D 122 15.55 -6.13 18.92
C MET D 122 14.76 -5.68 20.16
N GLU D 123 13.87 -6.53 20.68
CA GLU D 123 12.95 -6.11 21.72
C GLU D 123 13.68 -5.71 23.00
N LYS D 124 14.82 -6.32 23.27
CA LYS D 124 15.59 -6.04 24.47
C LYS D 124 16.72 -5.04 24.23
N GLN D 125 16.87 -4.55 23.00
CA GLN D 125 17.93 -3.61 22.65
C GLN D 125 17.42 -2.21 22.34
N THR D 126 16.20 -2.07 21.83
CA THR D 126 15.73 -0.84 21.21
C THR D 126 14.54 -0.26 21.97
N ARG D 127 14.62 1.02 22.31
CA ARG D 127 13.49 1.73 22.88
C ARG D 127 12.85 2.61 21.81
N TYR D 128 11.52 2.72 21.86
CA TYR D 128 10.73 3.31 20.79
C TYR D 128 9.87 4.44 21.35
N TYR D 129 9.95 5.60 20.74
CA TYR D 129 9.12 6.75 21.09
C TYR D 129 8.14 7.02 19.95
N GLN D 130 6.87 7.13 20.27
CA GLN D 130 5.84 7.49 19.29
C GLN D 130 5.43 8.94 19.49
N ALA D 131 5.47 9.72 18.41
CA ALA D 131 5.05 11.13 18.47
C ALA D 131 3.53 11.19 18.46
N SER D 132 2.93 10.88 19.60
CA SER D 132 1.52 11.15 19.82
C SER D 132 1.30 12.63 20.10
N THR D 133 0.04 13.01 20.31
CA THR D 133 -0.33 14.40 20.12
C THR D 133 -1.62 14.71 20.86
N SER D 134 -1.78 15.97 21.23
CA SER D 134 -3.03 16.45 21.82
C SER D 134 -4.20 16.41 20.85
N GLU D 135 -3.95 16.27 19.55
CA GLU D 135 -5.04 16.10 18.60
C GLU D 135 -5.87 14.87 18.91
N LEU D 136 -5.34 13.91 19.69
CA LEU D 136 -6.12 12.75 20.08
C LEU D 136 -7.33 13.13 20.91
N TYR D 137 -7.22 14.23 21.66
CA TYR D 137 -8.33 14.65 22.52
C TYR D 137 -9.43 15.33 21.72
N GLY D 138 -9.09 15.90 20.57
CA GLY D 138 -10.05 16.45 19.62
C GLY D 138 -11.18 17.23 20.26
N LEU D 139 -12.40 16.69 20.20
CA LEU D 139 -13.55 17.25 20.89
C LEU D 139 -13.38 16.89 22.36
N VAL D 140 -12.75 17.79 23.11
CA VAL D 140 -12.17 17.43 24.41
C VAL D 140 -13.27 16.99 25.36
N GLN D 141 -13.04 15.85 26.03
CA GLN D 141 -13.99 15.25 26.96
C GLN D 141 -13.75 15.66 28.40
N GLU D 142 -12.57 16.18 28.71
CA GLU D 142 -12.24 16.81 29.98
C GLU D 142 -11.43 18.07 29.68
N ILE D 143 -11.54 19.05 30.57
CA ILE D 143 -10.71 20.26 30.51
C ILE D 143 -10.10 20.46 31.90
N PRO D 144 -8.77 20.44 32.05
CA PRO D 144 -7.76 20.20 31.02
C PRO D 144 -7.68 18.73 30.64
N GLN D 145 -6.86 18.39 29.66
CA GLN D 145 -6.70 17.01 29.21
C GLN D 145 -5.47 16.38 29.84
N LYS D 146 -5.63 15.19 30.40
CA LYS D 146 -4.55 14.44 31.02
C LYS D 146 -4.43 13.09 30.34
N GLU D 147 -3.54 12.25 30.89
CA GLU D 147 -3.26 10.96 30.26
C GLU D 147 -4.51 10.09 30.17
N THR D 148 -5.44 10.29 31.10
CA THR D 148 -6.63 9.46 31.21
C THR D 148 -7.86 10.10 30.57
N THR D 149 -7.74 11.29 30.01
CA THR D 149 -8.86 11.89 29.30
C THR D 149 -9.19 11.05 28.07
N PRO D 150 -10.42 10.56 27.90
CA PRO D 150 -10.71 9.72 26.73
C PRO D 150 -10.52 10.49 25.43
N PHE D 151 -10.09 9.76 24.41
CA PHE D 151 -9.76 10.40 23.14
C PHE D 151 -11.01 10.63 22.30
N TYR D 152 -10.92 11.60 21.40
CA TYR D 152 -12.04 11.89 20.51
C TYR D 152 -11.52 12.57 19.24
N PRO D 153 -10.99 11.79 18.30
CA PRO D 153 -10.38 12.37 17.10
C PRO D 153 -11.38 13.16 16.26
N ARG D 154 -10.89 14.22 15.63
CA ARG D 154 -11.71 15.12 14.84
C ARG D 154 -11.16 15.34 13.44
N SER D 155 -10.14 14.60 13.05
CA SER D 155 -9.61 14.69 11.70
C SER D 155 -9.06 13.33 11.31
N PRO D 156 -8.85 13.07 10.02
CA PRO D 156 -8.17 11.82 9.61
C PRO D 156 -6.76 11.72 10.15
N TYR D 157 -6.12 12.85 10.43
CA TYR D 157 -4.80 12.83 11.05
C TYR D 157 -4.89 12.28 12.48
N ALA D 158 -5.85 12.75 13.27
CA ALA D 158 -5.95 12.30 14.65
C ALA D 158 -6.42 10.84 14.71
N ALA D 159 -7.37 10.46 13.86
CA ALA D 159 -7.74 9.05 13.75
C ALA D 159 -6.51 8.20 13.48
N ALA D 160 -5.65 8.64 12.55
CA ALA D 160 -4.43 7.91 12.24
C ALA D 160 -3.48 7.87 13.43
N LYS D 161 -3.31 9.01 14.11
CA LYS D 161 -2.43 9.08 15.29
C LYS D 161 -2.98 8.23 16.42
N LEU D 162 -4.30 8.16 16.55
CA LEU D 162 -4.91 7.31 17.57
C LEU D 162 -4.56 5.84 17.34
N TYR D 163 -4.55 5.40 16.07
CA TYR D 163 -4.12 4.04 15.80
C TYR D 163 -2.69 3.84 16.27
N ALA D 164 -1.80 4.76 15.89
CA ALA D 164 -0.39 4.64 16.21
C ALA D 164 -0.14 4.72 17.71
N TYR D 165 -0.97 5.49 18.42
CA TYR D 165 -0.90 5.47 19.88
C TYR D 165 -1.20 4.08 20.41
N TRP D 166 -2.27 3.45 19.91
CA TRP D 166 -2.67 2.18 20.51
C TRP D 166 -1.79 1.01 20.06
N ILE D 167 -1.31 1.03 18.81
CA ILE D 167 -0.40 -0.03 18.39
C ILE D 167 0.91 0.08 19.17
N THR D 168 1.27 1.29 19.59
CA THR D 168 2.44 1.45 20.45
C THR D 168 2.18 0.88 21.84
N VAL D 169 1.02 1.19 22.42
CA VAL D 169 0.64 0.57 23.69
C VAL D 169 0.55 -0.93 23.54
N ASN D 170 -0.01 -1.41 22.43
CA ASN D 170 -0.20 -2.86 22.27
C ASN D 170 1.13 -3.60 22.21
N TYR D 171 2.10 -3.09 21.46
CA TYR D 171 3.40 -3.76 21.39
C TYR D 171 4.12 -3.73 22.72
N ARG D 172 3.91 -2.67 23.51
CA ARG D 172 4.43 -2.64 24.88
C ARG D 172 3.78 -3.74 25.73
N GLU D 173 2.45 -3.87 25.67
CA GLU D 173 1.76 -4.84 26.53
C GLU D 173 1.87 -6.28 26.02
N ALA D 174 1.76 -6.49 24.70
CA ALA D 174 1.78 -7.86 24.18
C ALA D 174 3.18 -8.45 24.18
N TYR D 175 4.20 -7.62 23.87
CA TYR D 175 5.55 -8.11 23.63
C TYR D 175 6.59 -7.60 24.62
N GLY D 176 6.23 -6.66 25.49
CA GLY D 176 7.19 -6.13 26.45
C GLY D 176 8.23 -5.21 25.86
N ILE D 177 8.00 -4.71 24.64
CA ILE D 177 8.94 -3.77 24.04
C ILE D 177 8.84 -2.44 24.78
N TYR D 178 10.01 -1.83 25.06
CA TYR D 178 10.01 -0.48 25.60
C TYR D 178 9.49 0.48 24.53
N ALA D 179 8.19 0.76 24.55
CA ALA D 179 7.55 1.63 23.59
C ALA D 179 6.61 2.55 24.36
N CYS D 180 6.73 3.86 24.15
CA CYS D 180 5.89 4.79 24.88
C CYS D 180 5.41 5.90 23.95
N ASN D 181 4.36 6.60 24.42
CA ASN D 181 3.70 7.67 23.68
C ASN D 181 3.96 9.00 24.37
N GLY D 182 4.71 9.88 23.72
CA GLY D 182 4.72 11.28 24.11
C GLY D 182 3.46 11.97 23.62
N ILE D 183 2.54 12.30 24.53
CA ILE D 183 1.31 13.03 24.16
C ILE D 183 1.63 14.51 24.28
N LEU D 184 2.25 15.04 23.23
CA LEU D 184 2.75 16.41 23.23
C LEU D 184 1.68 17.37 22.71
N PHE D 185 1.49 18.47 23.42
CA PHE D 185 0.63 19.52 22.93
C PHE D 185 1.41 20.39 21.94
N ASN D 186 0.70 21.28 21.24
CA ASN D 186 1.30 22.10 20.19
C ASN D 186 2.59 22.75 20.68
N HIS D 187 3.65 22.57 19.90
CA HIS D 187 4.93 23.23 20.17
C HIS D 187 5.46 23.79 18.88
N GLU D 188 5.96 25.02 18.95
CA GLU D 188 6.35 25.80 17.80
C GLU D 188 7.82 26.19 17.92
N SER D 189 8.30 26.96 16.95
CA SER D 189 9.69 27.37 16.83
C SER D 189 9.86 28.16 15.53
N PRO D 190 11.01 28.80 15.30
CA PRO D 190 11.28 29.38 13.97
C PRO D 190 11.42 28.36 12.86
N LEU D 191 11.58 27.07 13.17
CA LEU D 191 11.64 26.02 12.16
C LEU D 191 10.27 25.43 11.85
N ARG D 192 9.22 25.96 12.46
CA ARG D 192 7.86 25.49 12.21
C ARG D 192 7.53 25.63 10.73
N GLY D 193 6.83 24.63 10.20
CA GLY D 193 6.39 24.70 8.82
C GLY D 193 5.52 25.92 8.57
N GLU D 194 5.64 26.46 7.35
CA GLU D 194 5.11 27.79 7.06
C GLU D 194 3.59 27.85 7.03
N THR D 195 2.90 26.72 6.90
CA THR D 195 1.44 26.76 6.82
C THR D 195 0.74 26.37 8.11
N PHE D 196 1.47 25.98 9.16
CA PHE D 196 0.85 25.95 10.47
C PHE D 196 0.58 27.38 10.94
N VAL D 197 -0.40 27.53 11.84
CA VAL D 197 -0.97 28.86 12.05
C VAL D 197 0.06 29.82 12.64
N THR D 198 0.87 29.36 13.60
CA THR D 198 1.77 30.28 14.29
C THR D 198 2.83 30.81 13.34
N ARG D 199 3.39 29.94 12.50
CA ARG D 199 4.42 30.35 11.55
C ARG D 199 3.83 31.14 10.39
N LYS D 200 2.62 30.78 9.96
CA LYS D 200 1.94 31.59 8.95
C LYS D 200 1.74 33.02 9.44
N ILE D 201 1.38 33.19 10.72
CA ILE D 201 1.16 34.53 11.24
C ILE D 201 2.47 35.32 11.29
N THR D 202 3.49 34.76 11.94
CA THR D 202 4.75 35.49 12.13
C THR D 202 5.43 35.79 10.79
N ARG D 203 5.33 34.85 9.85
CA ARG D 203 5.90 35.07 8.53
CA ARG D 203 5.88 35.07 8.52
C ARG D 203 5.14 36.18 7.78
N ALA D 204 3.82 36.16 7.85
CA ALA D 204 3.03 37.18 7.16
C ALA D 204 3.21 38.56 7.79
N LEU D 205 3.30 38.62 9.12
CA LEU D 205 3.47 39.90 9.79
C LEU D 205 4.82 40.53 9.48
N ALA D 206 5.88 39.72 9.43
CA ALA D 206 7.20 40.25 9.07
C ALA D 206 7.18 40.83 7.66
N ARG D 207 6.59 40.11 6.71
CA ARG D 207 6.57 40.60 5.33
C ARG D 207 5.60 41.77 5.16
N ILE D 208 4.56 41.82 5.98
CA ILE D 208 3.71 43.01 6.00
C ILE D 208 4.49 44.22 6.53
N LYS D 209 5.27 44.03 7.61
CA LYS D 209 6.01 45.13 8.19
C LYS D 209 7.07 45.66 7.24
N ILE D 210 7.77 44.75 6.55
CA ILE D 210 8.75 45.17 5.55
C ILE D 210 8.05 45.88 4.40
N GLY D 211 6.80 45.52 4.14
CA GLY D 211 6.05 46.06 3.03
C GLY D 211 5.92 45.12 1.86
N ASN D 212 6.49 43.90 1.95
CA ASN D 212 6.44 42.96 0.85
C ASN D 212 5.10 42.27 0.71
N GLN D 213 4.24 42.29 1.75
CA GLN D 213 2.96 41.61 1.75
C GLN D 213 1.87 42.54 2.26
N ASN D 214 0.65 42.35 1.75
CA ASN D 214 -0.45 43.27 2.01
C ASN D 214 -1.35 42.81 3.16
N ARG D 215 -1.79 41.56 3.15
CA ARG D 215 -2.81 41.13 4.08
C ARG D 215 -2.55 39.69 4.55
N LEU D 216 -2.99 39.42 5.77
CA LEU D 216 -2.91 38.09 6.36
C LEU D 216 -4.32 37.50 6.43
N TYR D 217 -4.53 36.38 5.77
CA TYR D 217 -5.82 35.72 5.72
C TYR D 217 -5.78 34.49 6.61
N LEU D 218 -6.72 34.40 7.55
CA LEU D 218 -6.77 33.32 8.52
C LEU D 218 -8.15 32.69 8.53
N GLY D 219 -8.28 31.59 9.26
CA GLY D 219 -9.54 30.90 9.41
C GLY D 219 -10.23 31.17 10.74
N ASN D 220 -10.31 30.15 11.59
CA ASN D 220 -11.00 30.25 12.87
C ASN D 220 -10.12 31.01 13.86
N LEU D 221 -10.48 32.26 14.14
CA LEU D 221 -9.67 33.06 15.04
C LEU D 221 -9.87 32.68 16.50
N ASP D 222 -10.95 31.97 16.82
CA ASP D 222 -11.30 31.62 18.19
C ASP D 222 -10.63 30.34 18.68
N SER D 223 -9.85 29.65 17.85
CA SER D 223 -9.27 28.39 18.26
C SER D 223 -8.22 28.62 19.34
N LEU D 224 -8.29 27.81 20.41
CA LEU D 224 -7.42 27.95 21.59
C LEU D 224 -6.42 26.80 21.62
N ARG D 225 -5.15 27.13 21.88
CA ARG D 225 -4.10 26.12 21.87
C ARG D 225 -3.14 26.33 23.02
N ASP D 226 -2.67 25.23 23.58
CA ASP D 226 -1.59 25.19 24.56
C ASP D 226 -0.28 25.14 23.77
N TRP D 227 0.48 26.23 23.78
CA TRP D 227 1.62 26.41 22.88
C TRP D 227 2.92 26.46 23.67
N GLY D 228 3.86 25.59 23.29
CA GLY D 228 5.18 25.58 23.89
C GLY D 228 6.25 25.74 22.81
N HIS D 229 7.51 25.63 23.20
CA HIS D 229 8.63 25.73 22.27
C HIS D 229 9.20 24.34 22.04
N ALA D 230 9.41 24.00 20.77
CA ALA D 230 9.85 22.66 20.40
C ALA D 230 11.18 22.29 21.06
N ARG D 231 12.04 23.27 21.34
CA ARG D 231 13.32 22.94 21.95
C ARG D 231 13.13 22.36 23.34
N ASP D 232 12.14 22.83 24.09
CA ASP D 232 11.85 22.24 25.38
C ASP D 232 11.26 20.85 25.23
N TYR D 233 10.41 20.64 24.22
CA TYR D 233 9.66 19.39 24.12
C TYR D 233 10.51 18.23 23.65
N VAL D 234 11.49 18.47 22.76
CA VAL D 234 12.29 17.35 22.27
C VAL D 234 13.18 16.82 23.38
N GLU D 235 13.50 17.65 24.37
CA GLU D 235 14.22 17.15 25.53
C GLU D 235 13.41 16.10 26.27
N MET D 236 12.08 16.27 26.32
CA MET D 236 11.22 15.29 26.97
C MET D 236 11.04 14.04 26.14
N GLN D 237 11.13 14.15 24.81
CA GLN D 237 11.10 12.97 23.98
C GLN D 237 12.29 12.08 24.27
N TRP D 238 13.47 12.69 24.36
CA TRP D 238 14.66 11.93 24.73
C TRP D 238 14.53 11.35 26.13
N LEU D 239 14.03 12.15 27.08
CA LEU D 239 14.01 11.72 28.48
C LEU D 239 13.07 10.55 28.69
N MET D 240 11.94 10.53 27.98
CA MET D 240 10.99 9.44 28.12
C MET D 240 11.59 8.09 27.75
N LEU D 241 12.64 8.07 26.95
CA LEU D 241 13.34 6.84 26.62
C LEU D 241 14.46 6.50 27.60
N GLN D 242 14.65 7.30 28.65
CA GLN D 242 15.69 7.03 29.63
C GLN D 242 15.15 6.47 30.94
N GLN D 243 13.84 6.24 31.04
CA GLN D 243 13.25 5.83 32.31
C GLN D 243 13.40 4.34 32.55
N ASP D 244 13.02 3.90 33.75
CA ASP D 244 13.09 2.50 34.10
C ASP D 244 12.02 1.69 33.39
N GLN D 245 10.82 2.24 33.25
CA GLN D 245 9.71 1.56 32.61
C GLN D 245 9.11 2.46 31.55
N PRO D 246 8.60 1.88 30.47
CA PRO D 246 7.94 2.70 29.43
C PRO D 246 6.57 3.19 29.88
N GLU D 247 6.29 4.45 29.60
CA GLU D 247 5.08 5.10 30.10
C GLU D 247 4.69 6.23 29.15
N ASP D 248 3.40 6.52 29.07
CA ASP D 248 2.89 7.62 28.27
C ASP D 248 2.76 8.88 29.12
N PHE D 249 3.19 10.03 28.56
CA PHE D 249 3.22 11.31 29.28
C PHE D 249 2.62 12.42 28.43
N VAL D 250 1.71 13.19 29.03
CA VAL D 250 1.32 14.48 28.46
C VAL D 250 2.44 15.48 28.69
N ILE D 251 2.79 16.23 27.65
CA ILE D 251 3.72 17.35 27.73
C ILE D 251 3.00 18.59 27.21
N ALA D 252 2.96 19.64 28.03
CA ALA D 252 2.16 20.83 27.77
C ALA D 252 2.55 21.93 28.75
N THR D 253 2.23 23.17 28.38
CA THR D 253 2.58 24.30 29.25
C THR D 253 1.53 24.51 30.36
N GLY D 254 0.27 24.21 30.10
CA GLY D 254 -0.79 24.41 31.06
C GLY D 254 -1.54 25.71 30.89
N LYS D 255 -1.20 26.49 29.86
CA LYS D 255 -1.89 27.71 29.53
C LYS D 255 -2.24 27.66 28.05
N GLN D 256 -3.39 28.19 27.69
CA GLN D 256 -3.79 28.24 26.29
C GLN D 256 -4.06 29.68 25.87
N TYR D 257 -3.85 29.94 24.59
CA TYR D 257 -4.04 31.23 23.97
C TYR D 257 -4.85 31.01 22.70
N SER D 258 -5.58 32.03 22.28
CA SER D 258 -6.33 31.92 21.05
C SER D 258 -5.50 32.37 19.86
N VAL D 259 -5.96 31.97 18.66
CA VAL D 259 -5.31 32.43 17.44
C VAL D 259 -5.32 33.95 17.38
N ARG D 260 -6.45 34.56 17.75
CA ARG D 260 -6.54 36.02 17.82
C ARG D 260 -5.46 36.60 18.73
N GLU D 261 -5.27 35.99 19.91
CA GLU D 261 -4.24 36.48 20.82
C GLU D 261 -2.86 36.36 20.19
N PHE D 262 -2.62 35.28 19.45
CA PHE D 262 -1.30 35.07 18.84
C PHE D 262 -1.01 36.17 17.82
N VAL D 263 -1.98 36.51 16.97
CA VAL D 263 -1.81 37.61 16.05
C VAL D 263 -1.51 38.89 16.81
N THR D 264 -2.32 39.18 17.82
CA THR D 264 -2.17 40.41 18.61
C THR D 264 -0.78 40.47 19.24
N LEU D 265 -0.34 39.37 19.84
CA LEU D 265 0.98 39.37 20.46
C LEU D 265 2.08 39.56 19.41
N ALA D 266 2.02 38.78 18.33
CA ALA D 266 3.04 38.85 17.30
C ALA D 266 3.05 40.20 16.60
N ALA D 267 1.88 40.80 16.40
CA ALA D 267 1.82 42.11 15.78
C ALA D 267 2.50 43.17 16.66
N LYS D 268 2.38 43.02 17.98
CA LYS D 268 3.03 43.96 18.89
C LYS D 268 4.55 43.94 18.69
N ASP D 269 5.12 42.77 18.39
CA ASP D 269 6.57 42.66 18.24
C ASP D 269 7.08 43.34 16.97
N ILE D 270 6.21 43.58 15.99
CA ILE D 270 6.58 44.36 14.82
C ILE D 270 6.03 45.78 14.89
N GLY D 271 5.59 46.21 16.07
CA GLY D 271 5.18 47.59 16.26
C GLY D 271 3.78 47.92 15.81
N ILE D 272 2.91 46.91 15.67
CA ILE D 272 1.53 47.12 15.28
C ILE D 272 0.65 46.71 16.44
N GLU D 273 -0.18 47.65 16.92
CA GLU D 273 -1.20 47.36 17.92
C GLU D 273 -2.48 46.94 17.20
N MET D 274 -2.86 45.68 17.34
CA MET D 274 -4.03 45.19 16.63
C MET D 274 -5.31 45.67 17.30
N ARG D 275 -6.26 46.10 16.47
CA ARG D 275 -7.62 46.39 16.88
C ARG D 275 -8.53 45.51 16.04
N TRP D 276 -9.44 44.81 16.70
CA TRP D 276 -10.33 43.86 16.03
C TRP D 276 -11.73 44.46 15.95
N GLU D 277 -12.31 44.41 14.75
CA GLU D 277 -13.66 44.90 14.51
C GLU D 277 -14.42 43.86 13.69
N GLY D 278 -15.60 43.48 14.14
CA GLY D 278 -16.43 42.55 13.42
C GLY D 278 -16.53 41.21 14.14
N SER D 279 -17.42 40.38 13.61
CA SER D 279 -17.71 39.08 14.20
C SER D 279 -17.70 38.01 13.12
N GLY D 280 -17.29 36.81 13.50
CA GLY D 280 -17.39 35.66 12.59
C GLY D 280 -16.52 35.82 11.36
N GLU D 281 -17.12 35.55 10.20
CA GLU D 281 -16.39 35.68 8.94
C GLU D 281 -16.18 37.12 8.53
N ALA D 282 -16.97 38.04 9.08
CA ALA D 282 -16.80 39.45 8.81
C ALA D 282 -15.72 40.08 9.67
N GLU D 283 -15.21 39.34 10.66
CA GLU D 283 -14.24 39.90 11.58
C GLU D 283 -12.96 40.27 10.83
N LYS D 284 -12.41 41.43 11.16
CA LYS D 284 -11.19 41.91 10.55
C LYS D 284 -10.32 42.55 11.62
N GLY D 285 -9.01 42.46 11.43
CA GLY D 285 -8.04 43.04 12.34
C GLY D 285 -7.34 44.22 11.68
N TYR D 286 -7.29 45.33 12.39
CA TYR D 286 -6.77 46.58 11.86
C TYR D 286 -5.60 47.08 12.70
N ASP D 287 -4.71 47.82 12.06
CA ASP D 287 -3.72 48.59 12.78
C ASP D 287 -4.42 49.73 13.50
N ALA D 288 -4.34 49.73 14.83
CA ALA D 288 -5.06 50.72 15.62
C ALA D 288 -4.61 52.14 15.29
N LYS D 289 -3.31 52.33 15.03
CA LYS D 289 -2.79 53.67 14.79
C LYS D 289 -3.09 54.14 13.37
N THR D 290 -2.75 53.33 12.37
CA THR D 290 -2.87 53.73 10.97
C THR D 290 -4.25 53.45 10.37
N GLY D 291 -5.03 52.55 10.96
CA GLY D 291 -6.32 52.19 10.40
C GLY D 291 -6.26 51.15 9.30
N ALA D 292 -5.08 50.66 8.95
CA ALA D 292 -4.94 49.74 7.84
C ALA D 292 -5.43 48.35 8.22
N CYS D 293 -6.01 47.65 7.25
CA CYS D 293 -6.48 46.29 7.47
C CYS D 293 -5.31 45.32 7.37
N ILE D 294 -5.08 44.56 8.45
CA ILE D 294 -3.97 43.62 8.51
C ILE D 294 -4.44 42.18 8.37
N VAL D 295 -5.57 41.84 8.99
CA VAL D 295 -6.03 40.46 9.10
C VAL D 295 -7.48 40.37 8.64
N GLU D 296 -7.78 39.39 7.79
CA GLU D 296 -9.13 39.07 7.39
C GLU D 296 -9.35 37.57 7.51
N VAL D 297 -10.63 37.17 7.50
CA VAL D 297 -11.02 35.77 7.65
C VAL D 297 -11.43 35.22 6.30
N ASP D 298 -10.80 34.12 5.88
CA ASP D 298 -11.19 33.38 4.69
C ASP D 298 -11.70 32.00 5.10
N PRO D 299 -12.97 31.69 4.87
CA PRO D 299 -13.49 30.38 5.31
C PRO D 299 -12.76 29.20 4.67
N ARG D 300 -12.01 29.43 3.60
CA ARG D 300 -11.22 28.36 2.98
C ARG D 300 -10.22 27.74 3.95
N TYR D 301 -9.91 28.40 5.06
CA TYR D 301 -8.98 27.88 6.05
C TYR D 301 -9.67 27.19 7.21
N PHE D 302 -11.00 27.21 7.25
CA PHE D 302 -11.72 26.39 8.21
C PHE D 302 -11.45 24.91 7.96
N ARG D 303 -11.44 24.12 9.03
CA ARG D 303 -11.36 22.68 8.81
C ARG D 303 -12.76 22.08 8.83
N PRO D 304 -12.99 20.99 8.08
CA PRO D 304 -14.34 20.37 8.09
C PRO D 304 -14.85 20.04 9.48
N ALA D 305 -13.99 19.57 10.36
CA ALA D 305 -14.32 19.38 11.76
C ALA D 305 -13.20 20.01 12.56
N GLU D 306 -13.56 20.96 13.42
CA GLU D 306 -12.59 21.77 14.12
C GLU D 306 -12.28 21.17 15.50
N VAL D 307 -11.04 21.37 15.93
CA VAL D 307 -10.66 21.20 17.33
C VAL D 307 -10.59 22.59 17.95
N GLU D 308 -11.56 22.92 18.82
CA GLU D 308 -11.75 24.29 19.24
C GLU D 308 -10.82 24.72 20.37
N THR D 309 -10.46 23.79 21.26
CA THR D 309 -9.69 24.15 22.45
C THR D 309 -8.88 22.96 22.94
N LEU D 310 -7.61 23.19 23.21
CA LEU D 310 -6.72 22.20 23.81
C LEU D 310 -5.96 22.84 24.97
N LEU D 311 -5.86 22.10 26.08
CA LEU D 311 -5.20 22.59 27.27
C LEU D 311 -4.72 21.39 28.06
N GLY D 312 -3.41 21.30 28.27
CA GLY D 312 -2.80 20.10 28.81
C GLY D 312 -2.49 20.19 30.29
N ASP D 313 -2.79 19.10 31.00
CA ASP D 313 -2.40 18.92 32.40
C ASP D 313 -1.20 17.97 32.38
N ALA D 314 0.00 18.54 32.50
CA ALA D 314 1.23 17.75 32.50
C ALA D 314 1.73 17.49 33.92
N THR D 315 0.80 17.29 34.86
CA THR D 315 1.18 17.04 36.24
C THR D 315 2.07 15.80 36.36
N LYS D 316 1.70 14.74 35.65
CA LYS D 316 2.41 13.47 35.78
C LYS D 316 3.84 13.60 35.27
N ALA D 317 4.04 14.28 34.14
CA ALA D 317 5.40 14.52 33.64
C ALA D 317 6.20 15.38 34.59
N HIS D 318 5.56 16.38 35.21
CA HIS D 318 6.27 17.20 36.20
C HIS D 318 6.72 16.34 37.37
N GLN D 319 5.84 15.49 37.88
CA GLN D 319 6.19 14.71 39.06
C GLN D 319 7.23 13.64 38.74
N LYS D 320 7.10 12.94 37.62
CA LYS D 320 7.98 11.82 37.33
C LYS D 320 9.21 12.19 36.52
N LEU D 321 9.12 13.23 35.69
CA LEU D 321 10.23 13.61 34.82
C LEU D 321 10.84 14.95 35.17
N GLY D 322 10.23 15.71 36.06
CA GLY D 322 10.71 17.06 36.33
C GLY D 322 10.37 18.04 35.22
N TRP D 323 9.27 17.82 34.52
CA TRP D 323 8.92 18.65 33.37
C TRP D 323 8.56 20.07 33.81
N LYS D 324 9.24 21.04 33.24
CA LYS D 324 8.93 22.45 33.42
C LYS D 324 9.36 23.18 32.16
N PRO D 325 8.43 23.79 31.44
CA PRO D 325 8.80 24.57 30.24
C PRO D 325 9.76 25.69 30.60
N LYS D 326 10.89 25.72 29.89
CA LYS D 326 11.89 26.76 30.12
C LYS D 326 11.63 28.01 29.29
N ILE D 327 11.12 27.86 28.08
CA ILE D 327 10.87 28.99 27.19
C ILE D 327 9.38 29.31 27.25
N SER D 328 9.07 30.60 27.44
CA SER D 328 7.70 31.08 27.62
C SER D 328 7.05 31.41 26.29
N PHE D 329 5.72 31.53 26.34
CA PHE D 329 4.97 31.89 25.14
C PHE D 329 5.50 33.17 24.52
N GLU D 330 5.68 34.22 25.32
CA GLU D 330 6.14 35.49 24.78
C GLU D 330 7.53 35.37 24.16
N THR D 331 8.42 34.61 24.82
CA THR D 331 9.75 34.37 24.23
C THR D 331 9.64 33.66 22.88
N LEU D 332 8.75 32.66 22.79
CA LEU D 332 8.60 31.91 21.54
C LEU D 332 8.16 32.84 20.41
N VAL D 333 7.15 33.67 20.68
CA VAL D 333 6.60 34.53 19.64
C VAL D 333 7.61 35.58 19.22
N SER D 334 8.34 36.17 20.19
CA SER D 334 9.38 37.11 19.84
C SER D 334 10.43 36.47 18.95
N GLU D 335 10.83 35.25 19.29
CA GLU D 335 11.88 34.59 18.53
C GLU D 335 11.41 34.28 17.12
N MET D 336 10.14 33.87 16.97
CA MET D 336 9.63 33.56 15.64
C MET D 336 9.52 34.82 14.79
N ILE D 337 9.11 35.92 15.39
CA ILE D 337 9.00 37.16 14.63
C ILE D 337 10.38 37.64 14.18
N ALA D 338 11.37 37.56 15.08
CA ALA D 338 12.72 38.00 14.74
C ALA D 338 13.27 37.21 13.57
N GLU D 339 13.12 35.88 13.61
CA GLU D 339 13.65 35.06 12.53
C GLU D 339 12.94 35.33 11.20
N ASP D 340 11.63 35.52 11.25
CA ASP D 340 10.91 35.77 10.01
C ASP D 340 11.25 37.14 9.44
N LEU D 341 11.51 38.12 10.32
CA LEU D 341 12.04 39.42 9.87
C LEU D 341 13.42 39.25 9.24
N ALA D 342 14.31 38.50 9.91
CA ALA D 342 15.65 38.29 9.39
C ALA D 342 15.61 37.57 8.04
N ALA D 343 14.71 36.59 7.90
CA ALA D 343 14.59 35.87 6.64
C ALA D 343 14.09 36.79 5.53
N ALA D 344 13.07 37.60 5.82
CA ALA D 344 12.56 38.53 4.81
C ALA D 344 13.61 39.57 4.45
N ALA D 345 14.49 39.92 5.39
CA ALA D 345 15.55 40.88 5.09
C ALA D 345 16.59 40.27 4.17
N ARG D 346 16.89 38.97 4.35
CA ARG D 346 17.83 38.31 3.44
C ARG D 346 17.31 38.28 2.01
N GLU D 347 15.99 38.26 1.83
CA GLU D 347 15.43 38.22 0.49
C GLU D 347 15.51 39.60 -0.18
N ASN D 348 15.33 40.68 0.60
CA ASN D 348 15.53 42.02 0.06
C ASN D 348 16.98 42.28 -0.28
N LEU D 349 17.91 41.81 0.57
CA LEU D 349 19.33 41.99 0.30
C LEU D 349 19.72 41.38 -1.04
N LEU D 350 19.17 40.21 -1.35
CA LEU D 350 19.42 39.59 -2.65
C LEU D 350 18.91 40.49 -3.77
N ARG D 351 17.66 40.94 -3.67
CA ARG D 351 17.08 41.77 -4.71
C ARG D 351 17.70 43.17 -4.72
N GLU D 352 18.19 43.66 -3.58
CA GLU D 352 18.88 44.95 -3.57
C GLU D 352 20.20 44.88 -4.34
N HIS D 353 20.83 43.71 -4.38
CA HIS D 353 22.10 43.53 -5.06
C HIS D 353 21.94 42.92 -6.46
N GLY D 354 20.75 43.01 -7.04
CA GLY D 354 20.56 42.58 -8.41
C GLY D 354 20.33 41.11 -8.62
N HIS D 355 20.07 40.35 -7.56
CA HIS D 355 19.70 38.94 -7.66
C HIS D 355 18.20 38.78 -7.52
N GLN D 356 17.60 37.98 -8.40
CA GLN D 356 16.17 37.72 -8.33
C GLN D 356 15.88 36.70 -7.25
N PHE D 357 14.83 36.96 -6.47
CA PHE D 357 14.25 35.95 -5.58
C PHE D 357 12.74 36.09 -5.60
N PHE D 358 12.04 35.00 -5.90
CA PHE D 358 10.59 34.96 -5.89
C PHE D 358 10.14 34.14 -4.69
N ALA D 359 9.39 34.78 -3.80
CA ALA D 359 9.05 34.13 -2.54
C ALA D 359 7.94 33.11 -2.73
N PRO D 360 7.91 32.07 -1.91
CA PRO D 360 6.81 31.11 -1.97
C PRO D 360 5.61 31.61 -1.19
N LYS D 361 4.44 31.13 -1.59
CA LYS D 361 3.21 31.38 -0.87
C LYS D 361 2.36 30.13 -0.86
N GLU D 362 1.62 29.95 0.23
CA GLU D 362 0.74 28.80 0.40
C GLU D 362 -0.47 28.87 -0.55
#